data_2KV8
#
_entry.id   2KV8
#
_entity_poly.entity_id   1
_entity_poly.type   'polypeptide(L)'
_entity_poly.pdbx_seq_one_letter_code
;PRVRSVEVARGRAGYGFTLSGQAPCVLSCVMRGSPADFVGLRAGDQILAVNEINVKKASHEDVVKLIGKCSGVLHMVIAE
GVG
;
_entity_poly.pdbx_strand_id   A
#
# COMPACT_ATOMS: atom_id res chain seq x y z
N PRO A 1 7.39 9.97 -13.93
CA PRO A 1 6.61 10.50 -12.78
C PRO A 1 5.10 10.39 -13.02
N ARG A 2 4.53 9.27 -12.61
CA ARG A 2 3.09 9.01 -12.78
C ARG A 2 2.57 8.05 -11.71
N VAL A 3 1.31 7.63 -11.84
CA VAL A 3 0.70 6.71 -10.89
C VAL A 3 0.71 5.27 -11.43
N ARG A 4 1.06 4.32 -10.56
CA ARG A 4 1.11 2.91 -10.94
C ARG A 4 0.45 2.02 -9.87
N SER A 5 0.34 0.73 -10.17
CA SER A 5 -0.28 -0.22 -9.25
C SER A 5 0.72 -1.32 -8.83
N VAL A 6 0.55 -1.82 -7.61
CA VAL A 6 1.42 -2.88 -7.07
C VAL A 6 0.60 -4.04 -6.51
N GLU A 7 1.01 -5.27 -6.86
CA GLU A 7 0.32 -6.47 -6.41
C GLU A 7 1.13 -7.18 -5.32
N VAL A 8 0.70 -7.04 -4.06
CA VAL A 8 1.39 -7.66 -2.94
C VAL A 8 0.74 -9.00 -2.56
N ALA A 9 1.56 -10.03 -2.46
CA ALA A 9 1.09 -11.37 -2.11
C ALA A 9 1.12 -11.60 -0.60
N ARG A 10 0.01 -11.28 0.06
CA ARG A 10 -0.10 -11.46 1.51
C ARG A 10 0.21 -12.89 1.91
N GLY A 11 1.19 -13.05 2.80
CA GLY A 11 1.58 -14.38 3.26
C GLY A 11 0.57 -14.97 4.23
N ARG A 12 0.92 -14.95 5.51
CA ARG A 12 0.05 -15.47 6.55
C ARG A 12 -0.24 -14.42 7.62
N ALA A 13 0.80 -13.73 8.08
CA ALA A 13 0.64 -12.70 9.09
C ALA A 13 0.73 -11.29 8.47
N GLY A 14 0.28 -11.15 7.22
CA GLY A 14 0.31 -9.86 6.56
C GLY A 14 1.36 -9.79 5.46
N TYR A 15 2.23 -8.77 5.54
CA TYR A 15 3.28 -8.59 4.54
C TYR A 15 4.63 -8.32 5.21
N GLY A 16 4.71 -7.18 5.90
CA GLY A 16 5.95 -6.82 6.58
C GLY A 16 6.19 -5.31 6.61
N PHE A 17 5.76 -4.62 5.56
CA PHE A 17 5.93 -3.17 5.45
C PHE A 17 5.10 -2.44 6.51
N THR A 18 5.20 -1.11 6.50
CA THR A 18 4.48 -0.28 7.46
C THR A 18 3.58 0.73 6.75
N LEU A 19 2.41 1.00 7.33
CA LEU A 19 1.46 1.95 6.77
C LEU A 19 1.05 3.00 7.79
N SER A 20 1.17 4.26 7.39
CA SER A 20 0.80 5.39 8.26
C SER A 20 0.33 6.58 7.43
N GLY A 21 -0.98 6.82 7.45
CA GLY A 21 -1.54 7.93 6.70
C GLY A 21 -2.93 8.28 7.16
N GLN A 22 -3.02 8.96 8.31
CA GLN A 22 -4.31 9.36 8.87
C GLN A 22 -5.21 9.98 7.80
N ALA A 23 -4.60 10.85 6.98
CA ALA A 23 -5.32 11.50 5.88
C ALA A 23 -4.75 11.05 4.54
N PRO A 24 -3.46 11.37 4.25
CA PRO A 24 -2.81 10.97 3.01
C PRO A 24 -2.12 9.62 3.13
N CYS A 25 -2.86 8.56 2.78
CA CYS A 25 -2.32 7.19 2.86
C CYS A 25 -0.97 7.10 2.15
N VAL A 26 0.05 6.69 2.89
CA VAL A 26 1.40 6.57 2.34
C VAL A 26 2.17 5.42 2.98
N LEU A 27 3.02 4.78 2.18
CA LEU A 27 3.84 3.66 2.68
C LEU A 27 5.06 4.19 3.43
N SER A 28 4.90 4.33 4.75
CA SER A 28 5.98 4.83 5.60
C SER A 28 7.31 4.15 5.31
N CYS A 29 7.29 2.82 5.19
CA CYS A 29 8.50 2.06 4.89
C CYS A 29 8.17 0.59 4.59
N VAL A 30 9.08 -0.08 3.89
CA VAL A 30 8.92 -1.49 3.54
C VAL A 30 10.07 -2.33 4.10
N MET A 31 9.81 -3.60 4.35
CA MET A 31 10.82 -4.51 4.86
C MET A 31 11.35 -5.42 3.76
N ARG A 32 12.52 -5.06 3.25
CA ARG A 32 13.17 -5.82 2.18
C ARG A 32 13.13 -7.32 2.46
N GLY A 33 12.50 -8.07 1.57
CA GLY A 33 12.40 -9.50 1.74
C GLY A 33 10.95 -9.97 1.80
N SER A 34 10.03 -9.04 2.05
CA SER A 34 8.61 -9.37 2.12
C SER A 34 7.99 -9.33 0.71
N PRO A 35 6.76 -9.86 0.55
CA PRO A 35 6.07 -9.88 -0.75
C PRO A 35 5.90 -8.48 -1.34
N ALA A 36 5.94 -7.46 -0.49
CA ALA A 36 5.79 -6.07 -0.93
C ALA A 36 7.01 -5.64 -1.75
N ASP A 37 8.20 -5.89 -1.22
CA ASP A 37 9.45 -5.53 -1.89
C ASP A 37 9.66 -6.36 -3.15
N PHE A 38 9.09 -7.58 -3.18
CA PHE A 38 9.22 -8.48 -4.32
C PHE A 38 8.70 -7.82 -5.60
N VAL A 39 7.76 -6.88 -5.47
CA VAL A 39 7.19 -6.19 -6.62
C VAL A 39 8.00 -4.94 -6.97
N GLY A 40 8.46 -4.23 -5.95
CA GLY A 40 9.25 -3.03 -6.16
C GLY A 40 8.72 -1.84 -5.38
N LEU A 41 8.38 -2.06 -4.12
CA LEU A 41 7.88 -1.00 -3.26
C LEU A 41 9.03 -0.22 -2.64
N ARG A 42 8.86 1.10 -2.54
CA ARG A 42 9.88 1.96 -1.97
C ARG A 42 9.24 3.07 -1.14
N ALA A 43 9.58 3.08 0.15
CA ALA A 43 9.06 4.07 1.09
C ALA A 43 8.99 5.47 0.46
N GLY A 44 7.82 6.08 0.53
CA GLY A 44 7.62 7.39 -0.05
C GLY A 44 6.48 7.43 -1.04
N ASP A 45 6.19 6.27 -1.65
CA ASP A 45 5.10 6.17 -2.62
C ASP A 45 3.75 6.49 -1.96
N GLN A 46 3.13 7.58 -2.38
CA GLN A 46 1.85 7.99 -1.83
C GLN A 46 0.74 7.09 -2.33
N ILE A 47 -0.05 6.57 -1.40
CA ILE A 47 -1.15 5.68 -1.73
C ILE A 47 -2.38 6.47 -2.18
N LEU A 48 -2.82 6.21 -3.41
CA LEU A 48 -3.98 6.91 -3.96
C LEU A 48 -5.23 6.01 -3.91
N ALA A 49 -5.08 4.76 -4.32
CA ALA A 49 -6.20 3.81 -4.33
C ALA A 49 -5.82 2.52 -3.60
N VAL A 50 -6.75 1.99 -2.82
CA VAL A 50 -6.54 0.75 -2.06
C VAL A 50 -7.72 -0.19 -2.27
N ASN A 51 -7.49 -1.30 -2.96
CA ASN A 51 -8.54 -2.27 -3.24
C ASN A 51 -9.43 -1.75 -4.36
N GLU A 52 -8.84 -0.96 -5.26
CA GLU A 52 -9.53 -0.37 -6.41
C GLU A 52 -10.29 0.92 -6.04
N ILE A 53 -10.28 1.29 -4.76
CA ILE A 53 -10.97 2.49 -4.31
C ILE A 53 -9.99 3.56 -3.81
N ASN A 54 -10.18 4.79 -4.28
CA ASN A 54 -9.32 5.91 -3.90
C ASN A 54 -9.41 6.21 -2.41
N VAL A 55 -8.37 6.83 -1.88
CA VAL A 55 -8.29 7.19 -0.47
C VAL A 55 -7.46 8.45 -0.24
N LYS A 56 -7.84 9.54 -0.93
CA LYS A 56 -7.13 10.81 -0.79
C LYS A 56 -7.14 11.29 0.67
N LYS A 57 -8.29 11.17 1.31
CA LYS A 57 -8.45 11.57 2.71
C LYS A 57 -9.35 10.59 3.47
N ALA A 58 -9.21 9.29 3.16
CA ALA A 58 -10.02 8.27 3.80
C ALA A 58 -9.58 8.02 5.24
N SER A 59 -10.23 7.06 5.90
CA SER A 59 -9.91 6.73 7.30
C SER A 59 -8.90 5.60 7.36
N HIS A 60 -7.95 5.76 8.27
CA HIS A 60 -6.88 4.78 8.48
C HIS A 60 -7.44 3.37 8.71
N GLU A 61 -8.49 3.28 9.53
CA GLU A 61 -9.10 1.99 9.82
C GLU A 61 -9.76 1.39 8.58
N ASP A 62 -10.38 2.24 7.77
CA ASP A 62 -11.03 1.81 6.54
C ASP A 62 -10.00 1.33 5.53
N VAL A 63 -8.87 2.03 5.46
CA VAL A 63 -7.80 1.66 4.53
C VAL A 63 -7.18 0.33 4.94
N VAL A 64 -6.96 0.16 6.24
CA VAL A 64 -6.38 -1.08 6.76
C VAL A 64 -7.36 -2.22 6.54
N LYS A 65 -8.65 -1.92 6.73
CA LYS A 65 -9.69 -2.92 6.55
C LYS A 65 -9.66 -3.51 5.14
N LEU A 66 -9.40 -2.66 4.16
CA LEU A 66 -9.33 -3.10 2.76
C LEU A 66 -8.12 -3.99 2.54
N ILE A 67 -6.98 -3.61 3.12
CA ILE A 67 -5.75 -4.38 2.98
C ILE A 67 -5.87 -5.71 3.70
N GLY A 68 -6.55 -5.72 4.84
CA GLY A 68 -6.75 -6.94 5.60
C GLY A 68 -7.91 -7.78 5.05
N LYS A 69 -8.41 -7.39 3.87
CA LYS A 69 -9.52 -8.09 3.22
C LYS A 69 -9.06 -8.75 1.91
N CYS A 70 -7.81 -8.49 1.51
CA CYS A 70 -7.25 -9.05 0.28
C CYS A 70 -7.51 -10.55 0.18
N SER A 71 -7.21 -11.27 1.25
CA SER A 71 -7.40 -12.72 1.29
C SER A 71 -6.46 -13.43 0.31
N GLY A 72 -5.27 -12.86 0.12
CA GLY A 72 -4.31 -13.45 -0.79
C GLY A 72 -3.49 -12.43 -1.54
N VAL A 73 -4.10 -11.29 -1.86
CA VAL A 73 -3.39 -10.24 -2.59
C VAL A 73 -4.23 -8.96 -2.67
N LEU A 74 -3.56 -7.82 -2.49
CA LEU A 74 -4.22 -6.53 -2.54
C LEU A 74 -3.71 -5.69 -3.72
N HIS A 75 -4.60 -4.88 -4.29
CA HIS A 75 -4.24 -4.02 -5.42
C HIS A 75 -4.20 -2.56 -4.98
N MET A 76 -2.98 -2.07 -4.72
CA MET A 76 -2.79 -0.68 -4.28
C MET A 76 -2.24 0.17 -5.41
N VAL A 77 -2.82 1.36 -5.59
CA VAL A 77 -2.38 2.28 -6.63
C VAL A 77 -1.65 3.48 -6.02
N ILE A 78 -0.32 3.44 -6.04
CA ILE A 78 0.51 4.50 -5.50
C ILE A 78 1.24 5.28 -6.60
N ALA A 79 1.77 6.45 -6.26
CA ALA A 79 2.48 7.28 -7.20
C ALA A 79 3.85 7.70 -6.66
N GLU A 80 4.89 7.52 -7.46
CA GLU A 80 6.25 7.86 -7.07
C GLU A 80 6.52 9.36 -7.27
N GLY A 81 6.87 10.05 -6.20
CA GLY A 81 7.15 11.47 -6.28
C GLY A 81 8.59 11.78 -6.64
N VAL A 82 9.53 11.10 -5.98
CA VAL A 82 10.95 11.32 -6.24
C VAL A 82 11.54 10.16 -7.04
N GLY A 83 12.04 10.47 -8.24
CA GLY A 83 12.62 9.44 -9.09
C GLY A 83 11.59 8.78 -9.97
N PRO A 1 3.80 6.41 -17.32
CA PRO A 1 3.08 7.27 -16.33
C PRO A 1 3.71 7.20 -14.93
N ARG A 2 3.10 7.89 -13.97
CA ARG A 2 3.60 7.92 -12.60
C ARG A 2 2.83 6.94 -11.71
N VAL A 3 1.50 7.03 -11.75
CA VAL A 3 0.65 6.15 -10.94
C VAL A 3 0.66 4.72 -11.48
N ARG A 4 1.04 3.78 -10.63
CA ARG A 4 1.11 2.37 -11.02
C ARG A 4 0.41 1.47 -10.00
N SER A 5 0.07 0.25 -10.42
CA SER A 5 -0.61 -0.71 -9.55
C SER A 5 0.37 -1.76 -9.04
N VAL A 6 0.34 -1.98 -7.72
CA VAL A 6 1.21 -2.97 -7.09
C VAL A 6 0.40 -4.10 -6.46
N GLU A 7 0.81 -5.35 -6.74
CA GLU A 7 0.12 -6.52 -6.22
C GLU A 7 0.87 -7.10 -5.01
N VAL A 8 0.27 -7.00 -3.84
CA VAL A 8 0.89 -7.50 -2.61
C VAL A 8 0.35 -8.89 -2.25
N ALA A 9 1.23 -9.89 -2.30
CA ALA A 9 0.87 -11.27 -1.98
C ALA A 9 1.05 -11.53 -0.49
N ARG A 10 -0.03 -11.34 0.26
CA ARG A 10 -0.02 -11.55 1.71
C ARG A 10 0.54 -12.93 2.06
N GLY A 11 1.53 -12.96 2.94
CA GLY A 11 2.15 -14.21 3.36
C GLY A 11 1.45 -14.88 4.53
N ARG A 12 0.18 -14.53 4.76
CA ARG A 12 -0.61 -15.11 5.87
C ARG A 12 -0.14 -14.58 7.24
N ALA A 13 0.88 -13.71 7.24
CA ALA A 13 1.40 -13.13 8.48
C ALA A 13 1.84 -11.68 8.26
N GLY A 14 1.25 -11.02 7.25
CA GLY A 14 1.57 -9.63 6.96
C GLY A 14 1.86 -9.40 5.50
N TYR A 15 2.52 -8.27 5.20
CA TYR A 15 2.85 -7.91 3.82
C TYR A 15 4.31 -7.49 3.68
N GLY A 16 4.79 -6.68 4.63
CA GLY A 16 6.17 -6.23 4.59
C GLY A 16 6.29 -4.71 4.61
N PHE A 17 5.18 -4.00 4.38
CA PHE A 17 5.18 -2.53 4.38
C PHE A 17 4.47 -1.97 5.62
N THR A 18 4.52 -0.65 5.77
CA THR A 18 3.90 0.03 6.90
C THR A 18 3.02 1.19 6.42
N LEU A 19 1.88 1.39 7.10
CA LEU A 19 0.96 2.46 6.73
C LEU A 19 0.67 3.38 7.91
N SER A 20 0.92 4.68 7.73
CA SER A 20 0.68 5.67 8.77
C SER A 20 0.32 7.03 8.18
N GLY A 21 -0.32 7.88 8.98
CA GLY A 21 -0.71 9.21 8.50
C GLY A 21 -2.12 9.61 8.94
N GLN A 22 -3.00 8.62 9.11
CA GLN A 22 -4.39 8.85 9.53
C GLN A 22 -5.19 9.65 8.49
N ALA A 23 -4.72 9.64 7.25
CA ALA A 23 -5.39 10.35 6.15
C ALA A 23 -4.61 10.17 4.85
N PRO A 24 -3.36 10.68 4.78
CA PRO A 24 -2.52 10.54 3.58
C PRO A 24 -1.88 9.16 3.50
N CYS A 25 -2.63 8.21 2.93
CA CYS A 25 -2.14 6.83 2.79
C CYS A 25 -0.78 6.82 2.11
N VAL A 26 0.25 6.45 2.87
CA VAL A 26 1.61 6.41 2.36
C VAL A 26 2.41 5.26 2.97
N LEU A 27 3.33 4.70 2.19
CA LEU A 27 4.17 3.61 2.66
C LEU A 27 5.25 4.14 3.61
N SER A 28 4.92 4.15 4.91
CA SER A 28 5.83 4.64 5.94
C SER A 28 7.21 3.97 5.83
N CYS A 29 7.22 2.66 5.62
CA CYS A 29 8.46 1.91 5.49
C CYS A 29 8.18 0.47 5.03
N VAL A 30 9.20 -0.17 4.45
CA VAL A 30 9.07 -1.54 3.97
C VAL A 30 10.29 -2.37 4.37
N MET A 31 10.10 -3.69 4.49
CA MET A 31 11.17 -4.60 4.87
C MET A 31 11.64 -5.39 3.66
N ARG A 32 12.82 -5.00 3.16
CA ARG A 32 13.43 -5.64 2.00
C ARG A 32 13.39 -7.16 2.12
N GLY A 33 12.80 -7.81 1.13
CA GLY A 33 12.68 -9.26 1.14
C GLY A 33 11.26 -9.74 1.36
N SER A 34 10.28 -8.84 1.17
CA SER A 34 8.87 -9.18 1.33
C SER A 34 8.15 -9.00 0.00
N PRO A 35 6.92 -9.55 -0.14
CA PRO A 35 6.12 -9.43 -1.37
C PRO A 35 5.96 -7.98 -1.83
N ALA A 36 6.02 -7.04 -0.88
CA ALA A 36 5.91 -5.62 -1.19
C ALA A 36 7.12 -5.11 -1.95
N ASP A 37 8.31 -5.41 -1.42
CA ASP A 37 9.56 -5.00 -2.04
C ASP A 37 9.78 -5.69 -3.38
N PHE A 38 9.36 -6.95 -3.46
CA PHE A 38 9.50 -7.73 -4.70
C PHE A 38 8.87 -7.05 -5.90
N VAL A 39 7.78 -6.31 -5.66
CA VAL A 39 7.09 -5.60 -6.74
C VAL A 39 7.66 -4.19 -6.93
N GLY A 40 8.07 -3.58 -5.82
CA GLY A 40 8.63 -2.23 -5.88
C GLY A 40 8.02 -1.29 -4.87
N LEU A 41 7.84 -1.76 -3.63
CA LEU A 41 7.29 -0.96 -2.55
C LEU A 41 8.36 -0.60 -1.54
N ARG A 42 8.58 0.71 -1.34
CA ARG A 42 9.57 1.18 -0.40
C ARG A 42 8.96 2.30 0.48
N ALA A 43 9.81 3.19 0.96
CA ALA A 43 9.35 4.30 1.81
C ALA A 43 9.19 5.57 0.98
N GLY A 44 8.04 6.22 1.12
CA GLY A 44 7.79 7.45 0.38
C GLY A 44 6.68 7.31 -0.65
N ASP A 45 6.48 6.08 -1.17
CA ASP A 45 5.44 5.83 -2.16
C ASP A 45 4.06 6.22 -1.63
N GLN A 46 3.40 7.15 -2.34
CA GLN A 46 2.08 7.62 -1.94
C GLN A 46 1.00 6.64 -2.40
N ILE A 47 0.18 6.19 -1.45
CA ILE A 47 -0.90 5.24 -1.75
C ILE A 47 -2.15 6.00 -2.20
N LEU A 48 -2.68 5.61 -3.36
CA LEU A 48 -3.88 6.24 -3.91
C LEU A 48 -5.10 5.32 -3.83
N ALA A 49 -5.11 4.27 -4.65
CA ALA A 49 -6.20 3.30 -4.67
C ALA A 49 -5.86 2.08 -3.82
N VAL A 50 -6.75 1.75 -2.89
CA VAL A 50 -6.56 0.60 -2.01
C VAL A 50 -7.68 -0.40 -2.20
N ASN A 51 -7.39 -1.49 -2.91
CA ASN A 51 -8.39 -2.52 -3.20
C ASN A 51 -9.34 -2.04 -4.30
N GLU A 52 -8.79 -1.22 -5.20
CA GLU A 52 -9.51 -0.66 -6.34
C GLU A 52 -10.28 0.63 -5.98
N ILE A 53 -10.27 1.03 -4.70
CA ILE A 53 -10.96 2.25 -4.28
C ILE A 53 -9.98 3.34 -3.88
N ASN A 54 -10.21 4.56 -4.40
CA ASN A 54 -9.36 5.70 -4.12
C ASN A 54 -9.54 6.21 -2.69
N VAL A 55 -8.45 6.68 -2.11
CA VAL A 55 -8.46 7.20 -0.74
C VAL A 55 -7.48 8.37 -0.58
N LYS A 56 -7.70 9.44 -1.33
CA LYS A 56 -6.84 10.62 -1.28
C LYS A 56 -6.68 11.13 0.15
N LYS A 57 -7.81 11.24 0.86
CA LYS A 57 -7.80 11.69 2.25
C LYS A 57 -8.79 10.89 3.10
N ALA A 58 -8.89 9.58 2.83
CA ALA A 58 -9.80 8.70 3.55
C ALA A 58 -9.26 8.39 4.95
N SER A 59 -9.97 7.51 5.67
CA SER A 59 -9.57 7.12 7.01
C SER A 59 -8.67 5.91 6.98
N HIS A 60 -7.74 5.89 7.91
CA HIS A 60 -6.78 4.81 8.04
C HIS A 60 -7.48 3.48 8.33
N GLU A 61 -8.43 3.50 9.24
CA GLU A 61 -9.17 2.30 9.60
C GLU A 61 -9.87 1.71 8.38
N ASP A 62 -10.48 2.57 7.58
CA ASP A 62 -11.18 2.15 6.37
C ASP A 62 -10.20 1.54 5.38
N VAL A 63 -9.06 2.20 5.21
CA VAL A 63 -8.02 1.74 4.29
C VAL A 63 -7.44 0.41 4.75
N VAL A 64 -7.23 0.26 6.05
CA VAL A 64 -6.71 -0.98 6.61
C VAL A 64 -7.72 -2.09 6.42
N LYS A 65 -9.00 -1.76 6.58
CA LYS A 65 -10.07 -2.72 6.42
C LYS A 65 -10.05 -3.35 5.03
N LEU A 66 -9.78 -2.53 4.02
CA LEU A 66 -9.71 -3.01 2.64
C LEU A 66 -8.51 -3.94 2.46
N ILE A 67 -7.37 -3.55 3.05
CA ILE A 67 -6.15 -4.35 2.95
C ILE A 67 -6.30 -5.66 3.71
N GLY A 68 -6.95 -5.61 4.87
CA GLY A 68 -7.16 -6.81 5.66
C GLY A 68 -8.33 -7.65 5.15
N LYS A 69 -8.83 -7.30 3.95
CA LYS A 69 -9.95 -8.03 3.35
C LYS A 69 -9.50 -8.78 2.08
N CYS A 70 -8.26 -8.53 1.64
CA CYS A 70 -7.71 -9.16 0.45
C CYS A 70 -7.93 -10.68 0.46
N SER A 71 -7.58 -11.31 1.57
CA SER A 71 -7.73 -12.76 1.74
C SER A 71 -6.80 -13.52 0.79
N GLY A 72 -5.63 -12.93 0.52
CA GLY A 72 -4.68 -13.57 -0.37
C GLY A 72 -3.81 -12.57 -1.11
N VAL A 73 -4.41 -11.44 -1.51
CA VAL A 73 -3.66 -10.41 -2.25
C VAL A 73 -4.48 -9.13 -2.41
N LEU A 74 -3.81 -8.00 -2.21
CA LEU A 74 -4.45 -6.69 -2.34
C LEU A 74 -3.90 -5.92 -3.53
N HIS A 75 -4.72 -4.99 -4.04
CA HIS A 75 -4.33 -4.17 -5.18
C HIS A 75 -4.14 -2.72 -4.74
N MET A 76 -2.88 -2.35 -4.51
CA MET A 76 -2.54 -1.00 -4.08
C MET A 76 -1.93 -0.18 -5.22
N VAL A 77 -2.55 0.95 -5.53
CA VAL A 77 -2.07 1.82 -6.59
C VAL A 77 -1.29 3.01 -6.01
N ILE A 78 0.04 2.91 -6.04
CA ILE A 78 0.90 3.97 -5.52
C ILE A 78 1.49 4.81 -6.64
N ALA A 79 2.17 5.91 -6.25
CA ALA A 79 2.78 6.81 -7.23
C ALA A 79 4.11 7.35 -6.71
N GLU A 80 5.04 7.61 -7.63
CA GLU A 80 6.36 8.14 -7.27
C GLU A 80 6.39 9.66 -7.46
N GLY A 81 6.96 10.37 -6.47
CA GLY A 81 7.05 11.81 -6.54
C GLY A 81 8.29 12.33 -5.85
N VAL A 82 9.26 12.81 -6.65
CA VAL A 82 10.50 13.34 -6.10
C VAL A 82 10.26 14.69 -5.43
N GLY A 83 10.03 14.66 -4.13
CA GLY A 83 9.78 15.88 -3.38
C GLY A 83 8.31 16.27 -3.41
N PRO A 1 7.09 7.57 -15.52
CA PRO A 1 5.90 6.94 -14.89
C PRO A 1 5.67 7.46 -13.47
N ARG A 2 4.57 8.20 -13.28
CA ARG A 2 4.25 8.75 -11.96
C ARG A 2 3.25 7.86 -11.23
N VAL A 3 2.02 7.78 -11.73
CA VAL A 3 0.99 6.95 -11.12
C VAL A 3 1.09 5.51 -11.64
N ARG A 4 1.34 4.57 -10.72
CA ARG A 4 1.47 3.16 -11.08
C ARG A 4 0.73 2.26 -10.08
N SER A 5 0.47 1.01 -10.49
CA SER A 5 -0.23 0.05 -9.64
C SER A 5 0.73 -0.99 -9.08
N VAL A 6 0.51 -1.38 -7.82
CA VAL A 6 1.36 -2.38 -7.17
C VAL A 6 0.52 -3.51 -6.57
N GLU A 7 1.01 -4.74 -6.71
CA GLU A 7 0.31 -5.92 -6.19
C GLU A 7 1.05 -6.48 -4.97
N VAL A 8 0.37 -6.50 -3.83
CA VAL A 8 0.97 -7.00 -2.59
C VAL A 8 0.54 -8.44 -2.31
N ALA A 9 1.49 -9.38 -2.39
CA ALA A 9 1.21 -10.80 -2.14
C ALA A 9 1.27 -11.13 -0.65
N ARG A 10 0.14 -10.99 0.03
CA ARG A 10 0.06 -11.29 1.46
C ARG A 10 0.70 -12.64 1.79
N GLY A 11 1.66 -12.62 2.71
CA GLY A 11 2.35 -13.84 3.10
C GLY A 11 1.47 -14.77 3.92
N ARG A 12 1.46 -14.59 5.24
CA ARG A 12 0.65 -15.41 6.14
C ARG A 12 0.06 -14.58 7.28
N ALA A 13 0.92 -13.90 8.02
CA ALA A 13 0.48 -13.06 9.12
C ALA A 13 0.89 -11.60 8.90
N GLY A 14 0.96 -11.19 7.64
CA GLY A 14 1.33 -9.83 7.30
C GLY A 14 2.03 -9.75 5.96
N TYR A 15 1.89 -8.60 5.29
CA TYR A 15 2.51 -8.39 3.98
C TYR A 15 4.01 -8.09 4.13
N GLY A 16 4.37 -7.41 5.21
CA GLY A 16 5.77 -7.08 5.45
C GLY A 16 6.09 -5.64 5.06
N PHE A 17 5.44 -4.69 5.73
CA PHE A 17 5.66 -3.28 5.46
C PHE A 17 5.00 -2.40 6.54
N THR A 18 5.22 -1.09 6.43
CA THR A 18 4.64 -0.14 7.38
C THR A 18 3.70 0.83 6.67
N LEU A 19 2.43 0.79 7.04
CA LEU A 19 1.43 1.67 6.44
C LEU A 19 1.02 2.77 7.40
N SER A 20 1.00 4.01 6.90
CA SER A 20 0.62 5.17 7.70
C SER A 20 -0.08 6.22 6.85
N GLY A 21 -0.41 7.35 7.46
CA GLY A 21 -1.08 8.41 6.75
C GLY A 21 -2.52 8.58 7.18
N GLN A 22 -2.73 9.27 8.30
CA GLN A 22 -4.07 9.52 8.83
C GLN A 22 -5.03 9.92 7.71
N ALA A 23 -4.65 10.95 6.97
CA ALA A 23 -5.44 11.43 5.85
C ALA A 23 -4.89 10.87 4.53
N PRO A 24 -3.63 11.21 4.17
CA PRO A 24 -2.99 10.72 2.96
C PRO A 24 -2.28 9.39 3.19
N CYS A 25 -2.98 8.27 2.95
CA CYS A 25 -2.41 6.94 3.14
C CYS A 25 -1.11 6.80 2.33
N VAL A 26 -0.01 6.53 3.02
CA VAL A 26 1.29 6.38 2.38
C VAL A 26 2.13 5.27 3.01
N LEU A 27 2.99 4.66 2.21
CA LEU A 27 3.86 3.59 2.68
C LEU A 27 5.08 4.18 3.40
N SER A 28 4.97 4.35 4.72
CA SER A 28 6.06 4.91 5.52
C SER A 28 7.37 4.18 5.26
N CYS A 29 7.31 2.85 5.20
CA CYS A 29 8.50 2.04 4.95
C CYS A 29 8.13 0.59 4.61
N VAL A 30 9.06 -0.10 3.94
CA VAL A 30 8.85 -1.49 3.56
C VAL A 30 9.90 -2.39 4.21
N MET A 31 9.56 -3.67 4.40
CA MET A 31 10.48 -4.62 5.01
C MET A 31 11.19 -5.43 3.94
N ARG A 32 12.43 -5.05 3.67
CA ARG A 32 13.25 -5.73 2.66
C ARG A 32 13.26 -7.23 2.89
N GLY A 33 12.88 -7.98 1.86
CA GLY A 33 12.84 -9.43 1.96
C GLY A 33 11.43 -9.96 2.20
N SER A 34 10.43 -9.16 1.81
CA SER A 34 9.03 -9.54 1.97
C SER A 34 8.32 -9.46 0.62
N PRO A 35 7.11 -10.07 0.51
CA PRO A 35 6.33 -10.06 -0.73
C PRO A 35 6.12 -8.64 -1.29
N ALA A 36 6.12 -7.65 -0.41
CA ALA A 36 5.93 -6.26 -0.81
C ALA A 36 7.11 -5.79 -1.67
N ASP A 37 8.33 -6.02 -1.18
CA ASP A 37 9.54 -5.63 -1.89
C ASP A 37 9.76 -6.49 -3.14
N PHE A 38 9.32 -7.75 -3.08
CA PHE A 38 9.46 -8.68 -4.20
C PHE A 38 8.72 -8.17 -5.45
N VAL A 39 7.71 -7.32 -5.23
CA VAL A 39 6.91 -6.78 -6.33
C VAL A 39 7.52 -5.48 -6.85
N GLY A 40 8.12 -4.70 -5.95
CA GLY A 40 8.74 -3.45 -6.33
C GLY A 40 8.23 -2.27 -5.53
N LEU A 41 8.08 -2.46 -4.22
CA LEU A 41 7.61 -1.41 -3.33
C LEU A 41 8.71 -0.38 -3.08
N ARG A 42 8.38 0.66 -2.29
CA ARG A 42 9.35 1.71 -1.98
C ARG A 42 8.80 2.65 -0.91
N ALA A 43 9.61 2.89 0.13
CA ALA A 43 9.22 3.78 1.22
C ALA A 43 9.07 5.21 0.71
N GLY A 44 7.83 5.71 0.69
CA GLY A 44 7.58 7.05 0.22
C GLY A 44 6.45 7.12 -0.81
N ASP A 45 6.20 5.98 -1.49
CA ASP A 45 5.14 5.92 -2.49
C ASP A 45 3.79 6.26 -1.88
N GLN A 46 3.20 7.36 -2.34
CA GLN A 46 1.91 7.82 -1.82
C GLN A 46 0.77 6.94 -2.35
N ILE A 47 0.05 6.31 -1.43
CA ILE A 47 -1.07 5.45 -1.81
C ILE A 47 -2.29 6.28 -2.16
N LEU A 48 -2.81 6.07 -3.37
CA LEU A 48 -3.99 6.80 -3.83
C LEU A 48 -5.22 5.90 -3.82
N ALA A 49 -5.08 4.69 -4.34
CA ALA A 49 -6.18 3.72 -4.38
C ALA A 49 -5.83 2.46 -3.61
N VAL A 50 -6.81 1.91 -2.89
CA VAL A 50 -6.60 0.68 -2.10
C VAL A 50 -7.77 -0.26 -2.33
N ASN A 51 -7.52 -1.37 -3.04
CA ASN A 51 -8.57 -2.34 -3.35
C ASN A 51 -9.44 -1.81 -4.48
N GLU A 52 -8.81 -1.05 -5.39
CA GLU A 52 -9.46 -0.44 -6.56
C GLU A 52 -10.27 0.81 -6.19
N ILE A 53 -10.32 1.16 -4.89
CA ILE A 53 -11.06 2.35 -4.45
C ILE A 53 -10.10 3.42 -3.92
N ASN A 54 -10.19 4.61 -4.53
CA ASN A 54 -9.34 5.74 -4.14
C ASN A 54 -9.62 6.19 -2.71
N VAL A 55 -8.56 6.29 -1.91
CA VAL A 55 -8.68 6.70 -0.51
C VAL A 55 -7.59 7.71 -0.15
N LYS A 56 -7.50 8.80 -0.92
CA LYS A 56 -6.50 9.85 -0.70
C LYS A 56 -6.73 10.59 0.63
N LYS A 57 -7.99 10.68 1.06
CA LYS A 57 -8.31 11.37 2.31
C LYS A 57 -9.26 10.53 3.18
N ALA A 58 -9.15 9.19 3.05
CA ALA A 58 -9.99 8.28 3.82
C ALA A 58 -9.44 8.06 5.22
N SER A 59 -10.13 7.23 6.00
CA SER A 59 -9.72 6.94 7.37
C SER A 59 -8.72 5.80 7.39
N HIS A 60 -7.79 5.91 8.33
CA HIS A 60 -6.73 4.92 8.51
C HIS A 60 -7.31 3.54 8.79
N GLU A 61 -8.29 3.48 9.67
CA GLU A 61 -8.93 2.20 10.01
C GLU A 61 -9.68 1.64 8.82
N ASP A 62 -10.32 2.53 8.05
CA ASP A 62 -11.06 2.12 6.87
C ASP A 62 -10.12 1.55 5.80
N VAL A 63 -8.98 2.22 5.61
CA VAL A 63 -7.99 1.78 4.62
C VAL A 63 -7.40 0.43 5.01
N VAL A 64 -7.10 0.25 6.29
CA VAL A 64 -6.56 -1.01 6.78
C VAL A 64 -7.60 -2.11 6.62
N LYS A 65 -8.87 -1.76 6.89
CA LYS A 65 -9.96 -2.71 6.78
C LYS A 65 -10.05 -3.30 5.37
N LEU A 66 -9.89 -2.43 4.36
CA LEU A 66 -9.96 -2.86 2.97
C LEU A 66 -8.81 -3.80 2.64
N ILE A 67 -7.62 -3.49 3.16
CA ILE A 67 -6.45 -4.32 2.94
C ILE A 67 -6.62 -5.68 3.61
N GLY A 68 -7.12 -5.67 4.85
CA GLY A 68 -7.34 -6.90 5.59
C GLY A 68 -8.34 -7.82 4.90
N LYS A 69 -9.21 -7.24 4.05
CA LYS A 69 -10.22 -8.00 3.33
C LYS A 69 -9.60 -8.89 2.26
N CYS A 70 -8.53 -8.41 1.63
CA CYS A 70 -7.85 -9.15 0.59
C CYS A 70 -6.63 -9.87 1.17
N SER A 71 -6.82 -11.14 1.44
CA SER A 71 -5.78 -12.00 2.01
C SER A 71 -4.94 -12.65 0.90
N GLY A 72 -5.57 -12.96 -0.22
CA GLY A 72 -4.85 -13.56 -1.34
C GLY A 72 -3.80 -12.64 -1.92
N VAL A 73 -4.17 -11.36 -2.09
CA VAL A 73 -3.27 -10.36 -2.64
C VAL A 73 -3.93 -8.98 -2.70
N LEU A 74 -3.16 -7.95 -2.35
CA LEU A 74 -3.64 -6.58 -2.36
C LEU A 74 -3.33 -5.88 -3.68
N HIS A 75 -4.22 -4.99 -4.10
CA HIS A 75 -4.05 -4.22 -5.34
C HIS A 75 -4.30 -2.75 -5.07
N MET A 76 -3.22 -1.98 -4.98
CA MET A 76 -3.33 -0.54 -4.70
C MET A 76 -2.56 0.30 -5.73
N VAL A 77 -3.00 1.54 -5.90
CA VAL A 77 -2.37 2.46 -6.86
C VAL A 77 -1.61 3.56 -6.11
N ILE A 78 -0.28 3.54 -6.22
CA ILE A 78 0.55 4.54 -5.57
C ILE A 78 1.13 5.54 -6.58
N ALA A 79 1.78 6.59 -6.07
CA ALA A 79 2.37 7.62 -6.91
C ALA A 79 3.66 8.17 -6.30
N GLU A 80 4.73 8.20 -7.09
CA GLU A 80 6.02 8.71 -6.63
C GLU A 80 6.15 10.21 -6.90
N GLY A 81 7.19 10.81 -6.32
CA GLY A 81 7.41 12.24 -6.50
C GLY A 81 8.86 12.65 -6.29
N VAL A 82 9.16 13.14 -5.08
CA VAL A 82 10.51 13.57 -4.74
C VAL A 82 11.48 12.38 -4.71
N GLY A 83 12.37 12.33 -5.70
CA GLY A 83 13.34 11.25 -5.78
C GLY A 83 14.32 11.43 -6.92
N PRO A 1 5.55 7.63 -17.20
CA PRO A 1 6.29 6.99 -16.09
C PRO A 1 6.14 7.76 -14.78
N ARG A 2 5.14 7.39 -13.98
CA ARG A 2 4.87 8.04 -12.70
C ARG A 2 3.93 7.20 -11.83
N VAL A 3 2.79 6.81 -12.43
CA VAL A 3 1.79 6.01 -11.73
C VAL A 3 1.94 4.52 -12.06
N ARG A 4 1.82 3.67 -11.05
CA ARG A 4 1.93 2.23 -11.23
C ARG A 4 1.15 1.46 -10.16
N SER A 5 0.94 0.17 -10.38
CA SER A 5 0.21 -0.68 -9.45
C SER A 5 1.10 -1.78 -8.89
N VAL A 6 0.95 -2.09 -7.60
CA VAL A 6 1.74 -3.12 -6.95
C VAL A 6 0.87 -4.28 -6.49
N GLU A 7 1.36 -5.51 -6.69
CA GLU A 7 0.63 -6.72 -6.30
C GLU A 7 1.31 -7.42 -5.13
N VAL A 8 0.73 -7.31 -3.93
CA VAL A 8 1.28 -7.93 -2.73
C VAL A 8 0.56 -9.23 -2.40
N ALA A 9 1.33 -10.27 -2.11
CA ALA A 9 0.78 -11.58 -1.76
C ALA A 9 0.80 -11.80 -0.26
N ARG A 10 -0.33 -11.57 0.39
CA ARG A 10 -0.47 -11.73 1.83
C ARG A 10 -0.01 -13.12 2.27
N GLY A 11 0.91 -13.15 3.23
CA GLY A 11 1.43 -14.41 3.73
C GLY A 11 0.58 -15.04 4.83
N ARG A 12 -0.67 -14.56 4.98
CA ARG A 12 -1.59 -15.06 6.00
C ARG A 12 -1.20 -14.58 7.41
N ALA A 13 -0.13 -13.80 7.50
CA ALA A 13 0.33 -13.26 8.78
C ALA A 13 0.94 -11.86 8.61
N GLY A 14 0.51 -11.16 7.56
CA GLY A 14 1.02 -9.82 7.31
C GLY A 14 1.34 -9.58 5.83
N TYR A 15 1.73 -8.35 5.50
CA TYR A 15 2.06 -8.00 4.12
C TYR A 15 3.54 -7.64 3.96
N GLY A 16 3.93 -6.51 4.52
CA GLY A 16 5.32 -6.07 4.42
C GLY A 16 5.46 -4.56 4.33
N PHE A 17 4.40 -3.87 3.90
CA PHE A 17 4.43 -2.42 3.77
C PHE A 17 3.84 -1.76 5.02
N THR A 18 4.48 -0.69 5.48
CA THR A 18 4.03 0.03 6.67
C THR A 18 3.22 1.27 6.28
N LEU A 19 2.08 1.44 6.95
CA LEU A 19 1.18 2.56 6.68
C LEU A 19 1.04 3.47 7.91
N SER A 20 1.15 4.78 7.71
CA SER A 20 1.03 5.75 8.80
C SER A 20 0.47 7.08 8.27
N GLY A 21 0.05 7.93 9.21
CA GLY A 21 -0.50 9.24 8.84
C GLY A 21 -1.96 9.39 9.22
N GLN A 22 -2.71 8.30 9.13
CA GLN A 22 -4.14 8.27 9.45
C GLN A 22 -4.99 8.80 8.30
N ALA A 23 -4.60 9.98 7.79
CA ALA A 23 -5.32 10.61 6.69
C ALA A 23 -4.65 10.33 5.35
N PRO A 24 -3.41 10.83 5.14
CA PRO A 24 -2.67 10.62 3.89
C PRO A 24 -2.01 9.26 3.82
N CYS A 25 -2.70 8.30 3.20
CA CYS A 25 -2.18 6.94 3.06
C CYS A 25 -0.86 6.96 2.29
N VAL A 26 0.23 6.64 2.99
CA VAL A 26 1.56 6.64 2.38
C VAL A 26 2.45 5.57 2.99
N LEU A 27 3.28 4.95 2.15
CA LEU A 27 4.19 3.91 2.61
C LEU A 27 5.41 4.52 3.29
N SER A 28 5.32 4.69 4.61
CA SER A 28 6.41 5.27 5.39
C SER A 28 7.71 4.50 5.18
N CYS A 29 7.61 3.17 5.06
CA CYS A 29 8.78 2.32 4.85
C CYS A 29 8.36 0.91 4.44
N VAL A 30 9.27 0.22 3.75
CA VAL A 30 9.01 -1.15 3.30
C VAL A 30 9.92 -2.13 4.04
N MET A 31 9.49 -3.39 4.12
CA MET A 31 10.26 -4.42 4.80
C MET A 31 10.94 -5.33 3.78
N ARG A 32 12.24 -5.10 3.60
CA ARG A 32 13.04 -5.87 2.67
C ARG A 32 12.88 -7.37 2.93
N GLY A 33 12.48 -8.10 1.89
CA GLY A 33 12.27 -9.54 2.03
C GLY A 33 10.80 -9.92 2.02
N SER A 34 9.92 -8.93 1.83
CA SER A 34 8.48 -9.17 1.80
C SER A 34 7.96 -9.03 0.37
N PRO A 35 6.71 -9.46 0.11
CA PRO A 35 6.10 -9.37 -1.23
C PRO A 35 6.17 -7.96 -1.81
N ALA A 36 6.18 -6.95 -0.94
CA ALA A 36 6.26 -5.56 -1.38
C ALA A 36 7.58 -5.28 -2.09
N ASP A 37 8.68 -5.69 -1.46
CA ASP A 37 10.01 -5.49 -2.04
C ASP A 37 10.19 -6.34 -3.30
N PHE A 38 9.58 -7.52 -3.31
CA PHE A 38 9.68 -8.43 -4.44
C PHE A 38 9.09 -7.80 -5.72
N VAL A 39 8.16 -6.86 -5.55
CA VAL A 39 7.54 -6.19 -6.69
C VAL A 39 8.31 -4.93 -7.07
N GLY A 40 8.95 -4.29 -6.09
CA GLY A 40 9.73 -3.09 -6.35
C GLY A 40 9.12 -1.86 -5.71
N LEU A 41 8.75 -1.98 -4.44
CA LEU A 41 8.16 -0.87 -3.70
C LEU A 41 9.24 0.10 -3.21
N ARG A 42 8.84 1.34 -2.98
CA ARG A 42 9.75 2.38 -2.51
C ARG A 42 9.03 3.35 -1.58
N ALA A 43 9.49 3.41 -0.33
CA ALA A 43 8.91 4.29 0.68
C ALA A 43 8.85 5.73 0.20
N GLY A 44 7.88 6.47 0.73
CA GLY A 44 7.69 7.86 0.35
C GLY A 44 6.53 8.01 -0.63
N ASP A 45 6.30 6.95 -1.41
CA ASP A 45 5.23 6.92 -2.39
C ASP A 45 3.86 7.12 -1.74
N GLN A 46 3.14 8.14 -2.17
CA GLN A 46 1.81 8.43 -1.63
C GLN A 46 0.79 7.48 -2.23
N ILE A 47 -0.02 6.86 -1.39
CA ILE A 47 -1.05 5.94 -1.85
C ILE A 47 -2.31 6.67 -2.23
N LEU A 48 -2.81 6.40 -3.44
CA LEU A 48 -4.01 7.04 -3.94
C LEU A 48 -5.20 6.07 -3.95
N ALA A 49 -4.96 4.84 -4.39
CA ALA A 49 -6.00 3.82 -4.44
C ALA A 49 -5.55 2.51 -3.79
N VAL A 50 -6.43 1.91 -3.00
CA VAL A 50 -6.13 0.64 -2.31
C VAL A 50 -7.31 -0.31 -2.42
N ASN A 51 -7.12 -1.41 -3.15
CA ASN A 51 -8.18 -2.39 -3.35
C ASN A 51 -9.18 -1.87 -4.38
N GLU A 52 -8.66 -1.07 -5.32
CA GLU A 52 -9.44 -0.47 -6.40
C GLU A 52 -10.23 0.76 -5.94
N ILE A 53 -10.20 1.07 -4.64
CA ILE A 53 -10.91 2.23 -4.12
C ILE A 53 -9.93 3.31 -3.63
N ASN A 54 -10.10 4.52 -4.17
CA ASN A 54 -9.25 5.65 -3.81
C ASN A 54 -9.45 6.05 -2.36
N VAL A 55 -8.34 6.22 -1.64
CA VAL A 55 -8.37 6.61 -0.24
C VAL A 55 -7.46 7.80 0.04
N LYS A 56 -7.66 8.87 -0.73
CA LYS A 56 -6.85 10.09 -0.58
C LYS A 56 -6.90 10.61 0.85
N LYS A 57 -8.11 10.85 1.34
CA LYS A 57 -8.29 11.35 2.70
C LYS A 57 -9.28 10.46 3.48
N ALA A 58 -9.28 9.16 3.17
CA ALA A 58 -10.15 8.20 3.84
C ALA A 58 -9.64 7.87 5.24
N SER A 59 -10.33 6.96 5.91
CA SER A 59 -9.95 6.54 7.26
C SER A 59 -8.91 5.44 7.20
N HIS A 60 -7.87 5.60 8.01
CA HIS A 60 -6.78 4.65 8.09
C HIS A 60 -7.27 3.25 8.43
N GLU A 61 -8.17 3.17 9.41
CA GLU A 61 -8.73 1.88 9.84
C GLU A 61 -9.57 1.26 8.73
N ASP A 62 -10.25 2.11 7.95
CA ASP A 62 -11.08 1.63 6.85
C ASP A 62 -10.19 1.11 5.72
N VAL A 63 -9.12 1.85 5.44
CA VAL A 63 -8.18 1.48 4.39
C VAL A 63 -7.49 0.16 4.72
N VAL A 64 -7.04 0.01 5.97
CA VAL A 64 -6.40 -1.21 6.41
C VAL A 64 -7.39 -2.36 6.37
N LYS A 65 -8.63 -2.07 6.78
CA LYS A 65 -9.69 -3.07 6.79
C LYS A 65 -9.90 -3.65 5.40
N LEU A 66 -9.89 -2.79 4.39
CA LEU A 66 -10.06 -3.22 3.00
C LEU A 66 -8.95 -4.16 2.58
N ILE A 67 -7.71 -3.81 2.93
CA ILE A 67 -6.55 -4.64 2.60
C ILE A 67 -6.59 -5.96 3.34
N GLY A 68 -6.98 -5.91 4.62
CA GLY A 68 -7.07 -7.12 5.42
C GLY A 68 -8.32 -7.94 5.13
N LYS A 69 -9.16 -7.47 4.21
CA LYS A 69 -10.38 -8.17 3.83
C LYS A 69 -10.12 -9.26 2.79
N CYS A 70 -9.16 -9.00 1.89
CA CYS A 70 -8.80 -9.95 0.84
C CYS A 70 -8.21 -11.22 1.45
N SER A 71 -7.14 -11.06 2.21
CA SER A 71 -6.45 -12.18 2.86
C SER A 71 -5.80 -13.09 1.83
N GLY A 72 -5.31 -12.50 0.74
CA GLY A 72 -4.68 -13.27 -0.31
C GLY A 72 -3.78 -12.41 -1.18
N VAL A 73 -4.27 -11.24 -1.57
CA VAL A 73 -3.50 -10.34 -2.42
C VAL A 73 -4.16 -8.96 -2.53
N LEU A 74 -3.34 -7.91 -2.46
CA LEU A 74 -3.83 -6.55 -2.56
C LEU A 74 -3.32 -5.86 -3.82
N HIS A 75 -4.19 -5.05 -4.43
CA HIS A 75 -3.84 -4.32 -5.65
C HIS A 75 -4.10 -2.82 -5.44
N MET A 76 -3.04 -2.08 -5.13
CA MET A 76 -3.15 -0.64 -4.88
C MET A 76 -2.35 0.16 -5.92
N VAL A 77 -2.77 1.40 -6.14
CA VAL A 77 -2.10 2.28 -7.09
C VAL A 77 -1.41 3.44 -6.37
N ILE A 78 -0.08 3.39 -6.37
CA ILE A 78 0.73 4.41 -5.72
C ILE A 78 1.32 5.40 -6.73
N ALA A 79 1.78 6.55 -6.23
CA ALA A 79 2.37 7.58 -7.07
C ALA A 79 3.74 8.02 -6.52
N GLU A 80 4.79 7.77 -7.29
CA GLU A 80 6.14 8.13 -6.88
C GLU A 80 6.35 9.64 -6.93
N GLY A 81 6.63 10.23 -5.76
CA GLY A 81 6.86 11.66 -5.68
C GLY A 81 8.32 12.04 -5.48
N VAL A 82 9.06 11.16 -4.81
CA VAL A 82 10.48 11.40 -4.55
C VAL A 82 11.35 10.78 -5.65
N GLY A 83 12.32 11.55 -6.12
CA GLY A 83 13.21 11.08 -7.16
C GLY A 83 14.27 10.12 -6.65
N PRO A 1 5.48 9.31 -16.82
CA PRO A 1 5.24 7.99 -16.17
C PRO A 1 5.55 8.02 -14.68
N ARG A 2 4.65 7.46 -13.87
CA ARG A 2 4.83 7.41 -12.42
C ARG A 2 3.69 6.65 -11.74
N VAL A 3 2.46 6.91 -12.18
CA VAL A 3 1.28 6.25 -11.62
C VAL A 3 1.22 4.79 -12.06
N ARG A 4 1.22 3.88 -11.08
CA ARG A 4 1.17 2.45 -11.35
C ARG A 4 0.48 1.68 -10.22
N SER A 5 0.26 0.38 -10.42
CA SER A 5 -0.38 -0.47 -9.42
C SER A 5 0.55 -1.59 -8.95
N VAL A 6 0.57 -1.83 -7.64
CA VAL A 6 1.41 -2.88 -7.07
C VAL A 6 0.56 -4.00 -6.46
N GLU A 7 1.00 -5.25 -6.66
CA GLU A 7 0.28 -6.41 -6.14
C GLU A 7 1.13 -7.15 -5.10
N VAL A 8 0.72 -7.07 -3.83
CA VAL A 8 1.44 -7.73 -2.75
C VAL A 8 0.83 -9.10 -2.44
N ALA A 9 1.68 -10.13 -2.38
CA ALA A 9 1.23 -11.49 -2.08
C ALA A 9 1.31 -11.78 -0.59
N ARG A 10 0.19 -11.55 0.11
CA ARG A 10 0.10 -11.78 1.55
C ARG A 10 0.85 -13.04 1.98
N GLY A 11 1.81 -12.88 2.88
CA GLY A 11 2.61 -14.00 3.35
C GLY A 11 1.81 -14.98 4.20
N ARG A 12 1.79 -14.75 5.52
CA ARG A 12 1.06 -15.62 6.44
C ARG A 12 0.26 -14.81 7.45
N ALA A 13 0.90 -13.81 8.06
CA ALA A 13 0.24 -12.97 9.05
C ALA A 13 0.39 -11.49 8.70
N GLY A 14 0.28 -11.15 7.41
CA GLY A 14 0.41 -9.76 6.99
C GLY A 14 1.28 -9.59 5.75
N TYR A 15 1.54 -8.34 5.38
CA TYR A 15 2.36 -8.04 4.21
C TYR A 15 3.81 -7.76 4.60
N GLY A 16 4.05 -6.61 5.22
CA GLY A 16 5.39 -6.23 5.64
C GLY A 16 5.57 -4.74 5.78
N PHE A 17 4.95 -3.98 4.86
CA PHE A 17 5.04 -2.52 4.88
C PHE A 17 4.22 -1.94 6.02
N THR A 18 4.22 -0.61 6.14
CA THR A 18 3.48 0.08 7.20
C THR A 18 2.72 1.28 6.65
N LEU A 19 1.60 1.61 7.30
CA LEU A 19 0.76 2.74 6.90
C LEU A 19 0.55 3.71 8.06
N SER A 20 0.76 5.00 7.80
CA SER A 20 0.59 6.03 8.83
C SER A 20 0.11 7.35 8.23
N GLY A 21 -0.50 8.18 9.07
CA GLY A 21 -1.00 9.48 8.62
C GLY A 21 -2.47 9.70 8.93
N GLN A 22 -3.23 8.60 9.05
CA GLN A 22 -4.66 8.63 9.35
C GLN A 22 -5.46 9.35 8.25
N ALA A 23 -4.84 9.57 7.10
CA ALA A 23 -5.49 10.24 5.96
C ALA A 23 -4.66 10.06 4.70
N PRO A 24 -3.44 10.65 4.64
CA PRO A 24 -2.55 10.53 3.49
C PRO A 24 -1.92 9.13 3.41
N CYS A 25 -2.67 8.18 2.85
CA CYS A 25 -2.19 6.81 2.72
C CYS A 25 -0.81 6.76 2.08
N VAL A 26 0.20 6.45 2.87
CA VAL A 26 1.58 6.38 2.37
C VAL A 26 2.36 5.25 3.02
N LEU A 27 3.19 4.59 2.22
CA LEU A 27 4.01 3.48 2.71
C LEU A 27 5.23 4.02 3.46
N SER A 28 5.08 4.19 4.78
CA SER A 28 6.15 4.71 5.62
C SER A 28 7.47 3.97 5.37
N CYS A 29 7.39 2.65 5.24
CA CYS A 29 8.57 1.81 4.99
C CYS A 29 8.16 0.37 4.68
N VAL A 30 9.04 -0.35 3.99
CA VAL A 30 8.79 -1.74 3.62
C VAL A 30 9.86 -2.65 4.21
N MET A 31 9.51 -3.93 4.40
CA MET A 31 10.44 -4.90 4.95
C MET A 31 11.09 -5.71 3.84
N ARG A 32 12.32 -5.36 3.54
CA ARG A 32 13.11 -6.02 2.51
C ARG A 32 13.06 -7.54 2.68
N GLY A 33 12.59 -8.23 1.65
CA GLY A 33 12.48 -9.68 1.71
C GLY A 33 11.03 -10.15 1.72
N SER A 34 10.11 -9.25 2.06
CA SER A 34 8.69 -9.57 2.10
C SER A 34 8.07 -9.48 0.69
N PRO A 35 6.84 -10.01 0.52
CA PRO A 35 6.14 -9.99 -0.78
C PRO A 35 6.04 -8.59 -1.39
N ALA A 36 6.06 -7.56 -0.54
CA ALA A 36 5.97 -6.18 -1.00
C ALA A 36 7.20 -5.81 -1.82
N ASP A 37 8.38 -6.22 -1.35
CA ASP A 37 9.64 -5.94 -2.03
C ASP A 37 9.76 -6.74 -3.34
N PHE A 38 9.09 -7.90 -3.40
CA PHE A 38 9.12 -8.74 -4.59
C PHE A 38 8.70 -7.97 -5.85
N VAL A 39 7.89 -6.92 -5.67
CA VAL A 39 7.42 -6.11 -6.80
C VAL A 39 8.40 -4.97 -7.10
N GLY A 40 9.04 -4.46 -6.06
CA GLY A 40 9.98 -3.37 -6.23
C GLY A 40 9.44 -2.05 -5.72
N LEU A 41 8.77 -2.09 -4.57
CA LEU A 41 8.21 -0.88 -3.98
C LEU A 41 9.31 -0.03 -3.36
N ARG A 42 8.93 1.09 -2.76
CA ARG A 42 9.89 2.00 -2.14
C ARG A 42 9.21 2.98 -1.18
N ALA A 43 9.64 2.96 0.07
CA ALA A 43 9.08 3.86 1.09
C ALA A 43 8.99 5.29 0.58
N GLY A 44 7.80 5.86 0.64
CA GLY A 44 7.59 7.21 0.18
C GLY A 44 6.48 7.31 -0.87
N ASP A 45 6.23 6.20 -1.57
CA ASP A 45 5.19 6.16 -2.59
C ASP A 45 3.83 6.53 -2.01
N GLN A 46 3.22 7.57 -2.59
CA GLN A 46 1.92 8.05 -2.12
C GLN A 46 0.79 7.14 -2.61
N ILE A 47 0.08 6.53 -1.65
CA ILE A 47 -1.03 5.63 -1.98
C ILE A 47 -2.30 6.42 -2.28
N LEU A 48 -2.84 6.24 -3.47
CA LEU A 48 -4.06 6.94 -3.87
C LEU A 48 -5.26 5.98 -3.94
N ALA A 49 -5.02 4.78 -4.45
CA ALA A 49 -6.07 3.76 -4.55
C ALA A 49 -5.69 2.49 -3.78
N VAL A 50 -6.64 1.98 -2.99
CA VAL A 50 -6.41 0.77 -2.20
C VAL A 50 -7.60 -0.17 -2.31
N ASN A 51 -7.40 -1.30 -2.98
CA ASN A 51 -8.47 -2.28 -3.19
C ASN A 51 -9.42 -1.78 -4.28
N GLU A 52 -8.83 -1.06 -5.25
CA GLU A 52 -9.56 -0.49 -6.39
C GLU A 52 -10.36 0.76 -6.02
N ILE A 53 -10.37 1.14 -4.73
CA ILE A 53 -11.10 2.32 -4.29
C ILE A 53 -10.15 3.39 -3.74
N ASN A 54 -10.25 4.60 -4.29
CA ASN A 54 -9.41 5.72 -3.89
C ASN A 54 -9.68 6.12 -2.45
N VAL A 55 -8.60 6.36 -1.70
CA VAL A 55 -8.69 6.75 -0.30
C VAL A 55 -7.75 7.92 0.00
N LYS A 56 -7.97 9.03 -0.71
CA LYS A 56 -7.15 10.24 -0.56
C LYS A 56 -6.99 10.64 0.90
N LYS A 57 -8.07 11.12 1.51
CA LYS A 57 -8.05 11.55 2.92
C LYS A 57 -9.05 10.73 3.73
N ALA A 58 -9.13 9.43 3.45
CA ALA A 58 -10.05 8.54 4.14
C ALA A 58 -9.58 8.22 5.56
N SER A 59 -10.30 7.32 6.24
CA SER A 59 -9.95 6.92 7.60
C SER A 59 -8.99 5.75 7.59
N HIS A 60 -7.98 5.85 8.44
CA HIS A 60 -6.95 4.82 8.55
C HIS A 60 -7.54 3.44 8.80
N GLU A 61 -8.51 3.37 9.70
CA GLU A 61 -9.15 2.08 10.02
C GLU A 61 -9.82 1.50 8.78
N ASP A 62 -10.49 2.36 8.02
CA ASP A 62 -11.18 1.93 6.81
C ASP A 62 -10.18 1.46 5.76
N VAL A 63 -9.07 2.20 5.63
CA VAL A 63 -8.03 1.84 4.66
C VAL A 63 -7.38 0.52 5.05
N VAL A 64 -7.17 0.31 6.35
CA VAL A 64 -6.58 -0.93 6.84
C VAL A 64 -7.53 -2.09 6.57
N LYS A 65 -8.83 -1.82 6.74
CA LYS A 65 -9.86 -2.82 6.51
C LYS A 65 -9.78 -3.36 5.09
N LEU A 66 -9.56 -2.47 4.13
CA LEU A 66 -9.45 -2.85 2.73
C LEU A 66 -8.24 -3.75 2.51
N ILE A 67 -7.12 -3.38 3.12
CA ILE A 67 -5.90 -4.16 3.01
C ILE A 67 -6.05 -5.51 3.70
N GLY A 68 -6.76 -5.53 4.82
CA GLY A 68 -7.01 -6.76 5.54
C GLY A 68 -8.13 -7.60 4.91
N LYS A 69 -8.59 -7.18 3.73
CA LYS A 69 -9.63 -7.89 3.01
C LYS A 69 -9.09 -8.49 1.71
N CYS A 70 -7.79 -8.32 1.47
CA CYS A 70 -7.13 -8.83 0.28
C CYS A 70 -7.44 -10.31 0.06
N SER A 71 -7.36 -11.08 1.15
CA SER A 71 -7.62 -12.52 1.12
C SER A 71 -6.56 -13.25 0.30
N GLY A 72 -5.34 -12.72 0.31
CA GLY A 72 -4.25 -13.34 -0.42
C GLY A 72 -3.42 -12.35 -1.22
N VAL A 73 -4.05 -11.27 -1.68
CA VAL A 73 -3.34 -10.26 -2.46
C VAL A 73 -4.11 -8.95 -2.56
N LEU A 74 -3.39 -7.84 -2.41
CA LEU A 74 -3.98 -6.51 -2.48
C LEU A 74 -3.48 -5.74 -3.69
N HIS A 75 -4.32 -4.84 -4.20
CA HIS A 75 -3.97 -4.03 -5.36
C HIS A 75 -4.02 -2.54 -5.00
N MET A 76 -2.84 -1.92 -4.85
CA MET A 76 -2.75 -0.52 -4.49
C MET A 76 -2.12 0.30 -5.62
N VAL A 77 -2.69 1.46 -5.89
CA VAL A 77 -2.19 2.35 -6.93
C VAL A 77 -1.50 3.57 -6.32
N ILE A 78 -0.17 3.58 -6.38
CA ILE A 78 0.62 4.67 -5.83
C ILE A 78 1.21 5.55 -6.94
N ALA A 79 1.79 6.69 -6.54
CA ALA A 79 2.39 7.61 -7.50
C ALA A 79 3.80 8.02 -7.07
N GLU A 80 4.62 8.41 -8.05
CA GLU A 80 5.99 8.83 -7.80
C GLU A 80 6.12 10.35 -7.92
N GLY A 81 7.07 10.92 -7.17
CA GLY A 81 7.28 12.36 -7.20
C GLY A 81 6.26 13.12 -6.38
N VAL A 82 6.57 14.37 -6.05
CA VAL A 82 5.67 15.20 -5.25
C VAL A 82 4.41 15.52 -6.04
N GLY A 83 3.30 14.91 -5.62
CA GLY A 83 2.03 15.14 -6.30
C GLY A 83 1.31 13.84 -6.61
N PRO A 1 0.84 9.89 -16.35
CA PRO A 1 0.22 10.62 -15.21
C PRO A 1 0.78 10.19 -13.84
N ARG A 2 2.10 9.99 -13.79
CA ARG A 2 2.79 9.57 -12.56
C ARG A 2 1.96 8.56 -11.75
N VAL A 3 1.31 7.63 -12.46
CA VAL A 3 0.49 6.62 -11.82
C VAL A 3 1.11 5.23 -11.97
N ARG A 4 1.18 4.49 -10.85
CA ARG A 4 1.75 3.15 -10.86
C ARG A 4 0.83 2.15 -10.16
N SER A 5 0.82 0.91 -10.66
CA SER A 5 -0.01 -0.15 -10.07
C SER A 5 0.85 -1.20 -9.39
N VAL A 6 0.47 -1.57 -8.16
CA VAL A 6 1.21 -2.56 -7.39
C VAL A 6 0.35 -3.78 -7.08
N GLU A 7 0.98 -4.96 -7.13
CA GLU A 7 0.28 -6.23 -6.86
C GLU A 7 1.05 -7.06 -5.83
N VAL A 8 0.61 -7.02 -4.58
CA VAL A 8 1.25 -7.77 -3.50
C VAL A 8 0.57 -9.10 -3.26
N ALA A 9 1.38 -10.11 -2.92
CA ALA A 9 0.89 -11.45 -2.65
C ALA A 9 1.12 -11.83 -1.19
N ARG A 10 0.03 -11.85 -0.41
CA ARG A 10 0.10 -12.20 1.00
C ARG A 10 0.86 -13.50 1.22
N GLY A 11 1.95 -13.42 1.98
CA GLY A 11 2.76 -14.61 2.26
C GLY A 11 2.01 -15.63 3.10
N ARG A 12 1.64 -15.24 4.31
CA ARG A 12 0.91 -16.12 5.21
C ARG A 12 0.01 -15.31 6.14
N ALA A 13 0.60 -14.68 7.15
CA ALA A 13 -0.15 -13.87 8.10
C ALA A 13 0.30 -12.40 8.07
N GLY A 14 0.83 -11.96 6.91
CA GLY A 14 1.29 -10.59 6.79
C GLY A 14 1.80 -10.27 5.40
N TYR A 15 2.12 -8.99 5.16
CA TYR A 15 2.64 -8.55 3.87
C TYR A 15 4.11 -8.14 3.97
N GLY A 16 4.34 -6.95 4.51
CA GLY A 16 5.71 -6.46 4.66
C GLY A 16 5.82 -4.96 4.47
N PHE A 17 4.90 -4.21 5.07
CA PHE A 17 4.89 -2.75 4.97
C PHE A 17 4.11 -2.12 6.12
N THR A 18 4.08 -0.79 6.18
CA THR A 18 3.37 -0.09 7.25
C THR A 18 2.65 1.16 6.70
N LEU A 19 1.53 1.52 7.34
CA LEU A 19 0.75 2.69 6.93
C LEU A 19 0.62 3.71 8.06
N SER A 20 0.89 4.98 7.73
CA SER A 20 0.80 6.07 8.71
C SER A 20 0.34 7.38 8.04
N GLY A 21 -0.12 8.33 8.87
CA GLY A 21 -0.57 9.61 8.35
C GLY A 21 -2.01 9.94 8.73
N GLN A 22 -2.83 8.89 8.87
CA GLN A 22 -4.25 9.02 9.23
C GLN A 22 -5.10 9.37 8.02
N ALA A 23 -4.64 10.32 7.21
CA ALA A 23 -5.35 10.76 6.02
C ALA A 23 -4.63 10.33 4.74
N PRO A 24 -3.44 10.91 4.45
CA PRO A 24 -2.68 10.58 3.24
C PRO A 24 -2.02 9.20 3.34
N CYS A 25 -2.68 8.19 2.80
CA CYS A 25 -2.16 6.83 2.82
C CYS A 25 -0.83 6.76 2.06
N VAL A 26 0.23 6.40 2.76
CA VAL A 26 1.56 6.30 2.16
C VAL A 26 2.40 5.26 2.88
N LEU A 27 3.26 4.56 2.13
CA LEU A 27 4.12 3.54 2.71
C LEU A 27 5.28 4.19 3.46
N SER A 28 5.08 4.43 4.75
CA SER A 28 6.10 5.05 5.60
C SER A 28 7.41 4.27 5.54
N CYS A 29 7.32 2.94 5.45
CA CYS A 29 8.50 2.09 5.38
C CYS A 29 8.13 0.68 4.92
N VAL A 30 9.12 -0.03 4.38
CA VAL A 30 8.90 -1.39 3.89
C VAL A 30 9.84 -2.38 4.59
N MET A 31 9.43 -3.64 4.66
CA MET A 31 10.23 -4.68 5.29
C MET A 31 11.03 -5.45 4.24
N ARG A 32 12.31 -5.11 4.15
CA ARG A 32 13.21 -5.73 3.20
C ARG A 32 13.16 -7.26 3.30
N GLY A 33 12.83 -7.91 2.19
CA GLY A 33 12.73 -9.36 2.17
C GLY A 33 11.31 -9.85 2.32
N SER A 34 10.35 -9.04 1.87
CA SER A 34 8.94 -9.39 1.95
C SER A 34 8.26 -9.20 0.59
N PRO A 35 7.06 -9.77 0.39
CA PRO A 35 6.31 -9.66 -0.87
C PRO A 35 6.14 -8.21 -1.33
N ALA A 36 6.18 -7.27 -0.38
CA ALA A 36 6.04 -5.85 -0.69
C ALA A 36 7.23 -5.36 -1.52
N ASP A 37 8.43 -5.66 -1.05
CA ASP A 37 9.65 -5.27 -1.74
C ASP A 37 9.81 -6.02 -3.07
N PHE A 38 9.21 -7.21 -3.15
CA PHE A 38 9.27 -8.02 -4.37
C PHE A 38 8.73 -7.26 -5.59
N VAL A 39 7.78 -6.36 -5.35
CA VAL A 39 7.18 -5.56 -6.42
C VAL A 39 7.96 -4.26 -6.65
N GLY A 40 8.64 -3.79 -5.61
CA GLY A 40 9.42 -2.57 -5.73
C GLY A 40 9.05 -1.52 -4.68
N LEU A 41 8.16 -1.88 -3.74
CA LEU A 41 7.75 -0.95 -2.69
C LEU A 41 8.95 -0.62 -1.81
N ARG A 42 9.42 0.62 -1.88
CA ARG A 42 10.57 1.06 -1.10
C ARG A 42 10.22 2.26 -0.22
N ALA A 43 8.94 2.39 0.14
CA ALA A 43 8.48 3.49 0.99
C ALA A 43 8.45 4.82 0.22
N GLY A 44 7.67 5.77 0.73
CA GLY A 44 7.57 7.07 0.10
C GLY A 44 6.44 7.14 -0.92
N ASP A 45 6.27 6.06 -1.68
CA ASP A 45 5.23 5.99 -2.69
C ASP A 45 3.86 6.34 -2.08
N GLN A 46 3.24 7.38 -2.63
CA GLN A 46 1.94 7.84 -2.13
C GLN A 46 0.83 6.90 -2.61
N ILE A 47 0.05 6.40 -1.65
CA ILE A 47 -1.07 5.50 -1.98
C ILE A 47 -2.30 6.30 -2.40
N LEU A 48 -2.77 6.05 -3.62
CA LEU A 48 -3.94 6.74 -4.14
C LEU A 48 -5.18 5.84 -4.16
N ALA A 49 -4.96 4.54 -4.38
CA ALA A 49 -6.05 3.56 -4.41
C ALA A 49 -5.68 2.30 -3.66
N VAL A 50 -6.63 1.78 -2.88
CA VAL A 50 -6.42 0.56 -2.10
C VAL A 50 -7.60 -0.39 -2.30
N ASN A 51 -7.36 -1.48 -3.03
CA ASN A 51 -8.41 -2.45 -3.33
C ASN A 51 -9.32 -1.89 -4.44
N GLU A 52 -8.71 -1.14 -5.35
CA GLU A 52 -9.41 -0.51 -6.48
C GLU A 52 -10.24 0.72 -6.06
N ILE A 53 -10.24 1.04 -4.76
CA ILE A 53 -10.98 2.19 -4.26
C ILE A 53 -10.04 3.27 -3.74
N ASN A 54 -10.12 4.45 -4.34
CA ASN A 54 -9.28 5.58 -3.97
C ASN A 54 -9.54 6.01 -2.53
N VAL A 55 -8.50 5.96 -1.70
CA VAL A 55 -8.62 6.34 -0.29
C VAL A 55 -7.46 7.23 0.16
N LYS A 56 -6.96 8.07 -0.76
CA LYS A 56 -5.86 8.98 -0.45
C LYS A 56 -6.22 9.97 0.66
N LYS A 57 -7.51 10.29 0.78
CA LYS A 57 -7.97 11.22 1.81
C LYS A 57 -9.05 10.58 2.70
N ALA A 58 -9.01 9.25 2.81
CA ALA A 58 -9.98 8.51 3.62
C ALA A 58 -9.47 8.30 5.04
N SER A 59 -10.28 7.62 5.85
CA SER A 59 -9.91 7.33 7.24
C SER A 59 -8.97 6.15 7.32
N HIS A 60 -7.94 6.32 8.13
CA HIS A 60 -6.92 5.29 8.31
C HIS A 60 -7.53 3.96 8.74
N GLU A 61 -8.47 4.00 9.68
CA GLU A 61 -9.14 2.79 10.15
C GLU A 61 -9.96 2.15 9.04
N ASP A 62 -10.56 2.99 8.19
CA ASP A 62 -11.36 2.51 7.08
C ASP A 62 -10.46 1.90 6.00
N VAL A 63 -9.31 2.54 5.78
CA VAL A 63 -8.35 2.06 4.79
C VAL A 63 -7.73 0.74 5.22
N VAL A 64 -7.38 0.62 6.50
CA VAL A 64 -6.81 -0.60 7.04
C VAL A 64 -7.83 -1.72 6.98
N LYS A 65 -9.09 -1.37 7.27
CA LYS A 65 -10.18 -2.33 7.24
C LYS A 65 -10.29 -2.99 5.88
N LEU A 66 -10.10 -2.19 4.83
CA LEU A 66 -10.17 -2.70 3.45
C LEU A 66 -9.00 -3.63 3.17
N ILE A 67 -7.81 -3.25 3.62
CA ILE A 67 -6.61 -4.06 3.43
C ILE A 67 -6.67 -5.34 4.25
N GLY A 68 -7.20 -5.23 5.47
CA GLY A 68 -7.33 -6.38 6.35
C GLY A 68 -8.20 -7.48 5.74
N LYS A 69 -9.09 -7.07 4.83
CA LYS A 69 -9.99 -8.01 4.14
C LYS A 69 -9.28 -8.73 2.99
N CYS A 70 -7.98 -8.49 2.83
CA CYS A 70 -7.21 -9.12 1.77
C CYS A 70 -6.31 -10.20 2.34
N SER A 71 -6.72 -11.43 2.14
CA SER A 71 -5.98 -12.59 2.63
C SER A 71 -5.48 -13.45 1.47
N GLY A 72 -5.15 -12.80 0.36
CA GLY A 72 -4.66 -13.50 -0.80
C GLY A 72 -3.82 -12.61 -1.69
N VAL A 73 -4.40 -11.46 -2.08
CA VAL A 73 -3.69 -10.50 -2.94
C VAL A 73 -4.47 -9.20 -3.09
N LEU A 74 -3.76 -8.09 -2.89
CA LEU A 74 -4.37 -6.76 -2.99
C LEU A 74 -3.78 -5.97 -4.16
N HIS A 75 -4.59 -5.06 -4.70
CA HIS A 75 -4.17 -4.22 -5.82
C HIS A 75 -4.17 -2.76 -5.39
N MET A 76 -2.98 -2.19 -5.23
CA MET A 76 -2.82 -0.80 -4.80
C MET A 76 -2.30 0.07 -5.95
N VAL A 77 -2.75 1.31 -6.00
CA VAL A 77 -2.33 2.25 -7.03
C VAL A 77 -1.59 3.42 -6.41
N ILE A 78 -0.26 3.36 -6.46
CA ILE A 78 0.59 4.42 -5.90
C ILE A 78 1.14 5.33 -6.99
N ALA A 79 1.78 6.42 -6.58
CA ALA A 79 2.37 7.38 -7.51
C ALA A 79 3.80 7.73 -7.13
N GLU A 80 4.63 7.99 -8.13
CA GLU A 80 6.03 8.34 -7.90
C GLU A 80 6.15 9.63 -7.09
N GLY A 81 6.80 9.54 -5.94
CA GLY A 81 6.97 10.68 -5.08
C GLY A 81 7.65 10.33 -3.76
N VAL A 82 8.80 10.95 -3.50
CA VAL A 82 9.55 10.70 -2.27
C VAL A 82 10.51 11.84 -1.96
N GLY A 83 10.55 12.24 -0.69
CA GLY A 83 11.42 13.32 -0.27
C GLY A 83 10.86 14.10 0.91
N PRO A 1 1.26 12.66 -12.05
CA PRO A 1 1.80 12.47 -13.43
C PRO A 1 2.58 11.15 -13.57
N ARG A 2 2.05 10.07 -12.99
CA ARG A 2 2.68 8.75 -13.06
C ARG A 2 1.84 7.70 -12.33
N VAL A 3 0.99 7.00 -13.09
CA VAL A 3 0.12 5.97 -12.51
C VAL A 3 0.85 4.62 -12.41
N ARG A 4 1.23 4.27 -11.18
CA ARG A 4 1.93 3.00 -10.93
C ARG A 4 1.08 2.06 -10.10
N SER A 5 1.09 0.77 -10.44
CA SER A 5 0.31 -0.24 -9.72
C SER A 5 1.23 -1.25 -9.04
N VAL A 6 0.98 -1.52 -7.75
CA VAL A 6 1.78 -2.48 -7.00
C VAL A 6 0.90 -3.61 -6.45
N GLU A 7 1.33 -4.85 -6.66
CA GLU A 7 0.59 -6.03 -6.20
C GLU A 7 1.39 -6.81 -5.17
N VAL A 8 0.88 -6.86 -3.93
CA VAL A 8 1.55 -7.59 -2.85
C VAL A 8 0.80 -8.87 -2.48
N ALA A 9 1.56 -9.94 -2.25
CA ALA A 9 0.98 -11.23 -1.89
C ALA A 9 0.90 -11.39 -0.37
N ARG A 10 -0.26 -11.05 0.18
CA ARG A 10 -0.49 -11.17 1.62
C ARG A 10 -0.14 -12.58 2.11
N GLY A 11 0.72 -12.64 3.12
CA GLY A 11 1.13 -13.92 3.67
C GLY A 11 0.02 -14.63 4.41
N ARG A 12 0.17 -14.76 5.73
CA ARG A 12 -0.84 -15.42 6.56
C ARG A 12 -1.54 -14.43 7.48
N ALA A 13 -0.78 -13.49 8.04
CA ALA A 13 -1.33 -12.47 8.92
C ALA A 13 -0.73 -11.10 8.64
N GLY A 14 -0.45 -10.81 7.36
CA GLY A 14 0.12 -9.52 6.99
C GLY A 14 0.81 -9.56 5.63
N TYR A 15 1.54 -8.48 5.31
CA TYR A 15 2.25 -8.39 4.03
C TYR A 15 3.75 -8.25 4.25
N GLY A 16 4.15 -7.09 4.77
CA GLY A 16 5.56 -6.82 5.02
C GLY A 16 5.93 -5.39 4.70
N PHE A 17 5.19 -4.44 5.26
CA PHE A 17 5.45 -3.02 5.04
C PHE A 17 4.75 -2.16 6.10
N THR A 18 5.28 -0.96 6.33
CA THR A 18 4.71 -0.05 7.31
C THR A 18 3.76 0.95 6.66
N LEU A 19 2.56 1.06 7.21
CA LEU A 19 1.55 1.98 6.68
C LEU A 19 1.20 3.05 7.71
N SER A 20 1.34 4.31 7.30
CA SER A 20 1.02 5.44 8.18
C SER A 20 0.52 6.61 7.35
N GLY A 21 -0.74 6.98 7.55
CA GLY A 21 -1.32 8.07 6.81
C GLY A 21 -2.64 8.52 7.39
N GLN A 22 -2.57 9.37 8.41
CA GLN A 22 -3.79 9.90 9.06
C GLN A 22 -4.78 10.37 8.00
N ALA A 23 -4.26 11.07 6.99
CA ALA A 23 -5.08 11.58 5.90
C ALA A 23 -4.59 11.03 4.56
N PRO A 24 -3.36 11.42 4.12
CA PRO A 24 -2.79 10.93 2.87
C PRO A 24 -2.07 9.59 3.04
N CYS A 25 -2.78 8.50 2.77
CA CYS A 25 -2.22 7.15 2.88
C CYS A 25 -0.90 7.06 2.12
N VAL A 26 0.19 6.79 2.85
CA VAL A 26 1.51 6.68 2.24
C VAL A 26 2.32 5.56 2.88
N LEU A 27 3.20 4.93 2.10
CA LEU A 27 4.05 3.86 2.59
C LEU A 27 5.25 4.42 3.35
N SER A 28 5.09 4.57 4.67
CA SER A 28 6.15 5.09 5.53
C SER A 28 7.47 4.36 5.32
N CYS A 29 7.40 3.03 5.26
CA CYS A 29 8.58 2.19 5.07
C CYS A 29 8.20 0.78 4.67
N VAL A 30 9.14 0.06 4.05
CA VAL A 30 8.91 -1.31 3.61
C VAL A 30 9.84 -2.27 4.35
N MET A 31 9.44 -3.54 4.46
CA MET A 31 10.24 -4.54 5.13
C MET A 31 11.00 -5.38 4.11
N ARG A 32 12.28 -5.05 3.96
CA ARG A 32 13.16 -5.75 3.02
C ARG A 32 13.10 -7.27 3.24
N GLY A 33 12.81 -7.99 2.17
CA GLY A 33 12.72 -9.44 2.25
C GLY A 33 11.29 -9.94 2.38
N SER A 34 10.33 -9.12 1.91
CA SER A 34 8.92 -9.47 1.96
C SER A 34 8.28 -9.29 0.58
N PRO A 35 7.03 -9.79 0.40
CA PRO A 35 6.31 -9.68 -0.88
C PRO A 35 6.28 -8.25 -1.43
N ALA A 36 6.31 -7.26 -0.52
CA ALA A 36 6.29 -5.86 -0.91
C ALA A 36 7.55 -5.49 -1.69
N ASP A 37 8.71 -5.85 -1.12
CA ASP A 37 10.00 -5.56 -1.74
C ASP A 37 10.21 -6.39 -3.01
N PHE A 38 9.66 -7.61 -3.00
CA PHE A 38 9.79 -8.51 -4.16
C PHE A 38 9.12 -7.92 -5.40
N VAL A 39 8.16 -7.02 -5.20
CA VAL A 39 7.44 -6.40 -6.31
C VAL A 39 8.15 -5.12 -6.78
N GLY A 40 8.84 -4.45 -5.85
CA GLY A 40 9.55 -3.22 -6.19
C GLY A 40 9.00 -2.01 -5.47
N LEU A 41 8.64 -2.18 -4.21
CA LEU A 41 8.11 -1.09 -3.39
C LEU A 41 9.20 -0.11 -3.02
N ARG A 42 8.82 0.96 -2.30
CA ARG A 42 9.77 1.99 -1.88
C ARG A 42 9.10 3.00 -0.95
N ALA A 43 9.74 3.27 0.19
CA ALA A 43 9.22 4.22 1.17
C ALA A 43 9.12 5.62 0.56
N GLY A 44 7.91 6.17 0.54
CA GLY A 44 7.70 7.50 -0.01
C GLY A 44 6.59 7.54 -1.05
N ASP A 45 6.34 6.40 -1.72
CA ASP A 45 5.29 6.32 -2.73
C ASP A 45 3.93 6.68 -2.15
N GLN A 46 3.28 7.67 -2.75
CA GLN A 46 1.97 8.12 -2.30
C GLN A 46 0.87 7.17 -2.76
N ILE A 47 0.09 6.65 -1.81
CA ILE A 47 -0.99 5.74 -2.13
C ILE A 47 -2.32 6.48 -2.27
N LEU A 48 -2.95 6.34 -3.43
CA LEU A 48 -4.23 7.00 -3.69
C LEU A 48 -5.37 5.99 -3.72
N ALA A 49 -5.12 4.81 -4.29
CA ALA A 49 -6.12 3.76 -4.38
C ALA A 49 -5.65 2.50 -3.63
N VAL A 50 -6.59 1.88 -2.91
CA VAL A 50 -6.29 0.67 -2.15
C VAL A 50 -7.47 -0.29 -2.23
N ASN A 51 -7.25 -1.45 -2.86
CA ASN A 51 -8.31 -2.44 -3.04
C ASN A 51 -9.23 -1.99 -4.18
N GLU A 52 -8.64 -1.30 -5.17
CA GLU A 52 -9.35 -0.80 -6.34
C GLU A 52 -10.19 0.45 -6.02
N ILE A 53 -10.19 0.88 -4.75
CA ILE A 53 -10.96 2.05 -4.34
C ILE A 53 -10.05 3.14 -3.76
N ASN A 54 -10.26 4.37 -4.20
CA ASN A 54 -9.47 5.51 -3.74
C ASN A 54 -9.66 5.74 -2.24
N VAL A 55 -8.56 5.70 -1.49
CA VAL A 55 -8.62 5.89 -0.04
C VAL A 55 -7.42 6.72 0.45
N LYS A 56 -7.26 7.91 -0.13
CA LYS A 56 -6.17 8.81 0.26
C LYS A 56 -6.66 9.93 1.18
N LYS A 57 -7.88 9.78 1.73
CA LYS A 57 -8.46 10.77 2.63
C LYS A 57 -9.43 10.12 3.62
N ALA A 58 -9.19 8.84 3.95
CA ALA A 58 -10.04 8.10 4.87
C ALA A 58 -9.29 7.74 6.16
N SER A 59 -9.89 6.85 6.96
CA SER A 59 -9.28 6.41 8.22
C SER A 59 -8.38 5.21 7.98
N HIS A 60 -7.24 5.22 8.65
CA HIS A 60 -6.26 4.16 8.53
C HIS A 60 -6.87 2.79 8.80
N GLU A 61 -7.68 2.69 9.85
CA GLU A 61 -8.32 1.41 10.20
C GLU A 61 -9.21 0.94 9.06
N ASP A 62 -9.96 1.87 8.47
CA ASP A 62 -10.84 1.54 7.36
C ASP A 62 -10.02 1.09 6.15
N VAL A 63 -8.95 1.81 5.87
CA VAL A 63 -8.06 1.49 4.76
C VAL A 63 -7.42 0.12 4.93
N VAL A 64 -6.96 -0.17 6.14
CA VAL A 64 -6.35 -1.46 6.44
C VAL A 64 -7.39 -2.56 6.32
N LYS A 65 -8.61 -2.25 6.78
CA LYS A 65 -9.70 -3.21 6.72
C LYS A 65 -9.96 -3.66 5.28
N LEU A 66 -9.90 -2.72 4.36
CA LEU A 66 -10.12 -3.01 2.94
C LEU A 66 -9.03 -3.94 2.41
N ILE A 67 -7.79 -3.66 2.80
CA ILE A 67 -6.64 -4.48 2.38
C ILE A 67 -6.77 -5.91 2.92
N GLY A 68 -7.16 -6.01 4.19
CA GLY A 68 -7.34 -7.32 4.81
C GLY A 68 -8.53 -8.09 4.26
N LYS A 69 -9.49 -7.36 3.68
CA LYS A 69 -10.70 -7.97 3.10
C LYS A 69 -10.33 -9.01 2.04
N CYS A 70 -9.26 -8.75 1.29
CA CYS A 70 -8.80 -9.67 0.26
C CYS A 70 -8.25 -10.96 0.87
N SER A 71 -7.24 -10.79 1.73
CA SER A 71 -6.61 -11.93 2.40
C SER A 71 -5.90 -12.84 1.40
N GLY A 72 -5.32 -12.23 0.37
CA GLY A 72 -4.60 -12.97 -0.65
C GLY A 72 -3.64 -12.11 -1.43
N VAL A 73 -4.10 -10.92 -1.84
CA VAL A 73 -3.28 -9.99 -2.60
C VAL A 73 -3.91 -8.60 -2.63
N LEU A 74 -3.07 -7.57 -2.48
CA LEU A 74 -3.54 -6.19 -2.50
C LEU A 74 -3.03 -5.45 -3.74
N HIS A 75 -3.93 -4.72 -4.38
CA HIS A 75 -3.59 -3.93 -5.57
C HIS A 75 -3.86 -2.46 -5.32
N MET A 76 -2.80 -1.72 -4.98
CA MET A 76 -2.92 -0.29 -4.71
C MET A 76 -2.23 0.55 -5.79
N VAL A 77 -2.81 1.71 -6.09
CA VAL A 77 -2.24 2.61 -7.09
C VAL A 77 -1.40 3.68 -6.43
N ILE A 78 -0.09 3.64 -6.70
CA ILE A 78 0.85 4.60 -6.12
C ILE A 78 1.25 5.66 -7.15
N ALA A 79 1.49 6.88 -6.69
CA ALA A 79 1.88 7.99 -7.55
C ALA A 79 3.31 8.43 -7.26
N GLU A 80 4.03 8.83 -8.31
CA GLU A 80 5.40 9.29 -8.19
C GLU A 80 5.44 10.81 -7.99
N GLY A 81 5.98 11.25 -6.85
CA GLY A 81 6.06 12.67 -6.55
C GLY A 81 7.28 13.33 -7.18
N VAL A 82 8.12 13.94 -6.34
CA VAL A 82 9.32 14.61 -6.81
C VAL A 82 10.45 13.59 -6.98
N GLY A 83 10.44 12.89 -8.12
CA GLY A 83 11.46 11.89 -8.40
C GLY A 83 12.25 12.23 -9.64
N PRO A 1 3.38 14.06 -10.46
CA PRO A 1 2.85 12.79 -9.90
C PRO A 1 2.70 11.70 -10.98
N ARG A 2 3.07 10.47 -10.63
CA ARG A 2 2.98 9.34 -11.56
C ARG A 2 2.05 8.26 -11.02
N VAL A 3 1.58 7.39 -11.90
CA VAL A 3 0.67 6.31 -11.50
C VAL A 3 1.33 4.94 -11.69
N ARG A 4 1.60 4.26 -10.57
CA ARG A 4 2.23 2.94 -10.60
C ARG A 4 1.31 1.88 -9.99
N SER A 5 1.22 0.72 -10.65
CA SER A 5 0.39 -0.39 -10.18
C SER A 5 1.18 -1.31 -9.25
N VAL A 6 0.62 -1.60 -8.08
CA VAL A 6 1.28 -2.47 -7.10
C VAL A 6 0.36 -3.62 -6.68
N GLU A 7 0.93 -4.82 -6.63
CA GLU A 7 0.17 -6.01 -6.23
C GLU A 7 0.95 -6.84 -5.20
N VAL A 8 0.47 -6.84 -3.96
CA VAL A 8 1.11 -7.59 -2.88
C VAL A 8 0.35 -8.88 -2.57
N ALA A 9 1.11 -9.92 -2.23
CA ALA A 9 0.53 -11.23 -1.90
C ALA A 9 0.68 -11.53 -0.42
N ARG A 10 -0.41 -11.37 0.32
CA ARG A 10 -0.42 -11.62 1.76
C ARG A 10 0.15 -13.01 2.08
N GLY A 11 1.23 -13.03 2.88
CA GLY A 11 1.86 -14.27 3.25
C GLY A 11 1.16 -14.96 4.41
N ARG A 12 1.89 -15.21 5.49
CA ARG A 12 1.33 -15.87 6.67
C ARG A 12 1.31 -14.93 7.87
N ALA A 13 2.38 -14.15 8.02
CA ALA A 13 2.48 -13.20 9.14
C ALA A 13 2.28 -11.76 8.66
N GLY A 14 1.50 -11.59 7.58
CA GLY A 14 1.25 -10.26 7.05
C GLY A 14 1.80 -10.07 5.65
N TYR A 15 1.67 -8.86 5.11
CA TYR A 15 2.16 -8.54 3.77
C TYR A 15 3.67 -8.29 3.79
N GLY A 16 4.05 -7.16 4.37
CA GLY A 16 5.46 -6.81 4.45
C GLY A 16 5.72 -5.32 4.25
N PHE A 17 4.96 -4.49 4.97
CA PHE A 17 5.10 -3.04 4.88
C PHE A 17 4.48 -2.36 6.10
N THR A 18 4.69 -1.05 6.21
CA THR A 18 4.16 -0.27 7.32
C THR A 18 3.36 0.93 6.82
N LEU A 19 2.17 1.13 7.39
CA LEU A 19 1.30 2.23 7.01
C LEU A 19 1.11 3.21 8.16
N SER A 20 1.41 4.49 7.91
CA SER A 20 1.26 5.53 8.93
C SER A 20 0.64 6.81 8.36
N GLY A 21 0.03 6.69 7.19
CA GLY A 21 -0.60 7.83 6.57
C GLY A 21 -2.03 8.06 7.05
N GLN A 22 -2.15 8.77 8.18
CA GLN A 22 -3.47 9.05 8.76
C GLN A 22 -4.47 9.46 7.68
N ALA A 23 -4.24 10.62 7.07
CA ALA A 23 -5.10 11.11 5.99
C ALA A 23 -4.57 10.64 4.64
N PRO A 24 -3.31 11.00 4.29
CA PRO A 24 -2.70 10.59 3.03
C PRO A 24 -1.98 9.26 3.16
N CYS A 25 -2.67 8.18 2.82
CA CYS A 25 -2.10 6.82 2.91
C CYS A 25 -0.75 6.77 2.21
N VAL A 26 0.27 6.34 2.95
CA VAL A 26 1.62 6.25 2.41
C VAL A 26 2.45 5.20 3.14
N LEU A 27 3.27 4.47 2.40
CA LEU A 27 4.11 3.43 2.98
C LEU A 27 5.36 4.04 3.63
N SER A 28 5.25 4.38 4.92
CA SER A 28 6.35 4.97 5.66
C SER A 28 7.60 4.07 5.62
N CYS A 29 7.38 2.76 5.63
CA CYS A 29 8.49 1.81 5.60
C CYS A 29 8.06 0.48 4.97
N VAL A 30 9.00 -0.23 4.36
CA VAL A 30 8.74 -1.51 3.73
C VAL A 30 9.63 -2.60 4.32
N MET A 31 9.17 -3.85 4.24
CA MET A 31 9.92 -4.99 4.76
C MET A 31 10.67 -5.69 3.64
N ARG A 32 11.96 -5.38 3.55
CA ARG A 32 12.83 -5.97 2.54
C ARG A 32 12.80 -7.49 2.59
N GLY A 33 12.45 -8.11 1.46
CA GLY A 33 12.37 -9.56 1.41
C GLY A 33 10.94 -10.07 1.31
N SER A 34 9.98 -9.22 1.69
CA SER A 34 8.57 -9.58 1.64
C SER A 34 7.99 -9.26 0.25
N PRO A 35 6.80 -9.78 -0.07
CA PRO A 35 6.14 -9.54 -1.37
C PRO A 35 5.98 -8.05 -1.68
N ALA A 36 5.94 -7.23 -0.63
CA ALA A 36 5.80 -5.78 -0.78
C ALA A 36 6.99 -5.18 -1.51
N ASP A 37 8.20 -5.55 -1.06
CA ASP A 37 9.44 -5.06 -1.68
C ASP A 37 9.64 -5.67 -3.06
N PHE A 38 9.12 -6.88 -3.27
CA PHE A 38 9.25 -7.58 -4.54
C PHE A 38 8.69 -6.75 -5.70
N VAL A 39 7.64 -5.97 -5.42
CA VAL A 39 7.02 -5.12 -6.44
C VAL A 39 7.68 -3.75 -6.49
N GLY A 40 8.18 -3.29 -5.35
CA GLY A 40 8.82 -1.99 -5.29
C GLY A 40 7.89 -0.91 -4.78
N LEU A 41 7.25 -1.17 -3.63
CA LEU A 41 6.33 -0.21 -3.02
C LEU A 41 7.02 1.12 -2.73
N ARG A 42 8.34 1.08 -2.52
CA ARG A 42 9.13 2.27 -2.23
C ARG A 42 8.77 2.87 -0.86
N ALA A 43 9.76 2.93 0.03
CA ALA A 43 9.56 3.49 1.37
C ALA A 43 9.29 4.99 1.29
N GLY A 44 8.02 5.34 1.15
CA GLY A 44 7.64 6.75 1.05
C GLY A 44 6.65 7.02 -0.09
N ASP A 45 6.48 6.03 -0.97
CA ASP A 45 5.56 6.15 -2.10
C ASP A 45 4.15 6.45 -1.61
N GLN A 46 3.54 7.50 -2.14
CA GLN A 46 2.19 7.90 -1.76
C GLN A 46 1.14 6.94 -2.30
N ILE A 47 0.30 6.43 -1.40
CA ILE A 47 -0.78 5.51 -1.79
C ILE A 47 -2.06 6.28 -2.11
N LEU A 48 -2.68 5.96 -3.24
CA LEU A 48 -3.90 6.62 -3.67
C LEU A 48 -5.06 5.62 -3.80
N ALA A 49 -4.77 4.47 -4.40
CA ALA A 49 -5.78 3.43 -4.60
C ALA A 49 -5.51 2.23 -3.68
N VAL A 50 -6.57 1.70 -3.07
CA VAL A 50 -6.45 0.54 -2.18
C VAL A 50 -7.68 -0.36 -2.32
N ASN A 51 -7.46 -1.55 -2.89
CA ASN A 51 -8.55 -2.51 -3.11
C ASN A 51 -9.38 -2.07 -4.32
N GLU A 52 -8.68 -1.50 -5.31
CA GLU A 52 -9.30 -1.01 -6.55
C GLU A 52 -10.12 0.27 -6.32
N ILE A 53 -10.17 0.75 -5.07
CA ILE A 53 -10.91 1.96 -4.74
C ILE A 53 -10.00 3.02 -4.14
N ASN A 54 -10.01 4.21 -4.73
CA ASN A 54 -9.20 5.32 -4.26
C ASN A 54 -9.68 5.82 -2.91
N VAL A 55 -8.91 6.72 -2.31
CA VAL A 55 -9.27 7.29 -1.01
C VAL A 55 -9.00 8.79 -0.94
N LYS A 56 -7.77 9.19 -1.29
CA LYS A 56 -7.35 10.60 -1.27
C LYS A 56 -7.17 11.09 0.16
N LYS A 57 -8.24 11.02 0.94
CA LYS A 57 -8.21 11.45 2.34
C LYS A 57 -9.18 10.61 3.18
N ALA A 58 -9.24 9.29 2.91
CA ALA A 58 -10.13 8.39 3.64
C ALA A 58 -9.61 8.14 5.06
N SER A 59 -10.28 7.23 5.76
CA SER A 59 -9.91 6.90 7.14
C SER A 59 -8.90 5.76 7.17
N HIS A 60 -7.89 5.93 8.00
CA HIS A 60 -6.82 4.95 8.16
C HIS A 60 -7.38 3.56 8.47
N GLU A 61 -8.35 3.52 9.37
CA GLU A 61 -8.99 2.26 9.77
C GLU A 61 -9.76 1.65 8.60
N ASP A 62 -10.36 2.49 7.78
CA ASP A 62 -11.12 2.02 6.61
C ASP A 62 -10.17 1.48 5.55
N VAL A 63 -9.05 2.16 5.37
CA VAL A 63 -8.06 1.74 4.38
C VAL A 63 -7.41 0.41 4.79
N VAL A 64 -7.06 0.28 6.07
CA VAL A 64 -6.46 -0.93 6.58
C VAL A 64 -7.48 -2.07 6.52
N LYS A 65 -8.73 -1.75 6.83
CA LYS A 65 -9.80 -2.74 6.80
C LYS A 65 -9.93 -3.37 5.42
N LEU A 66 -9.79 -2.55 4.37
CA LEU A 66 -9.88 -3.03 3.00
C LEU A 66 -8.71 -3.95 2.65
N ILE A 67 -7.51 -3.56 3.11
CA ILE A 67 -6.30 -4.34 2.87
C ILE A 67 -6.33 -5.65 3.65
N GLY A 68 -6.84 -5.59 4.89
CA GLY A 68 -6.92 -6.78 5.71
C GLY A 68 -8.20 -7.58 5.49
N LYS A 69 -8.92 -7.28 4.42
CA LYS A 69 -10.17 -7.96 4.10
C LYS A 69 -9.96 -9.03 3.02
N CYS A 70 -8.98 -8.81 2.14
CA CYS A 70 -8.68 -9.76 1.08
C CYS A 70 -8.08 -11.04 1.64
N SER A 71 -6.92 -10.90 2.28
CA SER A 71 -6.21 -12.04 2.88
C SER A 71 -5.62 -12.95 1.80
N GLY A 72 -5.22 -12.35 0.70
CA GLY A 72 -4.64 -13.11 -0.40
C GLY A 72 -3.80 -12.25 -1.32
N VAL A 73 -4.36 -11.10 -1.74
CA VAL A 73 -3.66 -10.18 -2.62
C VAL A 73 -4.46 -8.90 -2.85
N LEU A 74 -3.78 -7.77 -2.72
CA LEU A 74 -4.42 -6.47 -2.92
C LEU A 74 -3.83 -5.74 -4.12
N HIS A 75 -4.65 -4.87 -4.71
CA HIS A 75 -4.23 -4.08 -5.87
C HIS A 75 -4.27 -2.59 -5.52
N MET A 76 -3.10 -2.00 -5.32
CA MET A 76 -3.01 -0.59 -4.97
C MET A 76 -2.31 0.22 -6.06
N VAL A 77 -2.58 1.51 -6.09
CA VAL A 77 -1.98 2.41 -7.07
C VAL A 77 -1.31 3.58 -6.36
N ILE A 78 0.02 3.48 -6.24
CA ILE A 78 0.80 4.52 -5.57
C ILE A 78 1.50 5.43 -6.58
N ALA A 79 1.85 6.64 -6.13
CA ALA A 79 2.51 7.62 -6.98
C ALA A 79 3.94 7.91 -6.51
N GLU A 80 4.92 7.59 -7.36
CA GLU A 80 6.32 7.82 -7.03
C GLU A 80 6.66 9.31 -7.08
N GLY A 81 7.12 9.85 -5.95
CA GLY A 81 7.47 11.26 -5.89
C GLY A 81 8.22 11.60 -4.62
N VAL A 82 9.18 10.76 -4.24
CA VAL A 82 9.97 10.97 -3.03
C VAL A 82 11.28 11.68 -3.37
N GLY A 83 11.34 12.97 -3.06
CA GLY A 83 12.54 13.75 -3.33
C GLY A 83 12.24 15.19 -3.76
N PRO A 1 7.97 5.46 -12.13
CA PRO A 1 7.29 6.65 -12.71
C PRO A 1 5.87 6.34 -13.19
N ARG A 2 4.99 7.36 -13.14
CA ARG A 2 3.60 7.22 -13.55
C ARG A 2 2.79 6.36 -12.57
N VAL A 3 1.63 6.86 -12.15
CA VAL A 3 0.77 6.14 -11.21
C VAL A 3 0.24 4.85 -11.83
N ARG A 4 0.55 3.72 -11.19
CA ARG A 4 0.13 2.41 -11.68
C ARG A 4 -0.38 1.52 -10.52
N SER A 5 -0.96 0.37 -10.88
CA SER A 5 -1.49 -0.57 -9.89
C SER A 5 -0.47 -1.64 -9.53
N VAL A 6 -0.40 -1.96 -8.24
CA VAL A 6 0.54 -2.97 -7.74
C VAL A 6 -0.22 -4.15 -7.10
N GLU A 7 0.34 -5.35 -7.23
CA GLU A 7 -0.26 -6.56 -6.68
C GLU A 7 0.57 -7.10 -5.51
N VAL A 8 0.10 -6.85 -4.29
CA VAL A 8 0.80 -7.31 -3.08
C VAL A 8 0.35 -8.71 -2.69
N ALA A 9 1.29 -9.65 -2.66
CA ALA A 9 1.00 -11.03 -2.31
C ALA A 9 1.13 -11.26 -0.81
N ARG A 10 0.01 -11.07 -0.09
CA ARG A 10 -0.02 -11.27 1.36
C ARG A 10 0.51 -12.65 1.74
N GLY A 11 1.55 -12.68 2.57
CA GLY A 11 2.13 -13.94 2.99
C GLY A 11 1.13 -14.83 3.70
N ARG A 12 0.71 -14.43 4.89
CA ARG A 12 -0.27 -15.19 5.68
C ARG A 12 -0.83 -14.33 6.81
N ALA A 13 0.05 -13.73 7.60
CA ALA A 13 -0.35 -12.88 8.71
C ALA A 13 0.23 -11.46 8.57
N GLY A 14 0.53 -11.05 7.34
CA GLY A 14 1.08 -9.72 7.12
C GLY A 14 1.98 -9.65 5.90
N TYR A 15 2.39 -8.44 5.52
CA TYR A 15 3.27 -8.24 4.37
C TYR A 15 4.67 -7.84 4.82
N GLY A 16 4.76 -6.69 5.47
CA GLY A 16 6.05 -6.19 5.94
C GLY A 16 6.11 -4.68 6.02
N PHE A 17 5.41 -4.01 5.09
CA PHE A 17 5.39 -2.55 5.05
C PHE A 17 4.56 -1.97 6.20
N THR A 18 4.50 -0.63 6.26
CA THR A 18 3.76 0.06 7.31
C THR A 18 3.01 1.27 6.75
N LEU A 19 1.80 1.50 7.27
CA LEU A 19 0.97 2.62 6.83
C LEU A 19 0.71 3.60 7.99
N SER A 20 1.07 4.86 7.78
CA SER A 20 0.87 5.90 8.81
C SER A 20 0.41 7.22 8.18
N GLY A 21 -0.04 8.14 9.04
CA GLY A 21 -0.51 9.44 8.56
C GLY A 21 -1.98 9.69 8.86
N GLN A 22 -2.78 8.61 8.81
CA GLN A 22 -4.22 8.67 9.07
C GLN A 22 -5.00 9.15 7.84
N ALA A 23 -4.52 10.22 7.22
CA ALA A 23 -5.16 10.79 6.04
C ALA A 23 -4.44 10.39 4.76
N PRO A 24 -3.17 10.85 4.57
CA PRO A 24 -2.39 10.52 3.38
C PRO A 24 -1.77 9.14 3.45
N CYS A 25 -2.45 8.15 2.85
CA CYS A 25 -1.95 6.77 2.84
C CYS A 25 -0.62 6.70 2.12
N VAL A 26 0.43 6.37 2.86
CA VAL A 26 1.78 6.28 2.29
C VAL A 26 2.62 5.22 3.02
N LEU A 27 3.46 4.52 2.25
CA LEU A 27 4.32 3.49 2.82
C LEU A 27 5.45 4.12 3.63
N SER A 28 5.20 4.33 4.93
CA SER A 28 6.19 4.93 5.83
C SER A 28 7.52 4.19 5.76
N CYS A 29 7.45 2.87 5.67
CA CYS A 29 8.65 2.03 5.60
C CYS A 29 8.32 0.63 5.10
N VAL A 30 9.33 -0.07 4.58
CA VAL A 30 9.17 -1.42 4.07
C VAL A 30 10.27 -2.34 4.60
N MET A 31 9.99 -3.64 4.66
CA MET A 31 10.95 -4.61 5.14
C MET A 31 11.46 -5.47 3.99
N ARG A 32 12.70 -5.20 3.59
CA ARG A 32 13.35 -5.92 2.50
C ARG A 32 13.09 -7.42 2.61
N GLY A 33 12.31 -7.96 1.67
CA GLY A 33 11.99 -9.37 1.67
C GLY A 33 10.50 -9.63 1.63
N SER A 34 9.70 -8.60 1.92
CA SER A 34 8.24 -8.73 1.90
C SER A 34 7.73 -8.62 0.46
N PRO A 35 6.47 -9.04 0.21
CA PRO A 35 5.87 -8.99 -1.13
C PRO A 35 5.87 -7.57 -1.72
N ALA A 36 5.91 -6.56 -0.84
CA ALA A 36 5.93 -5.16 -1.26
C ALA A 36 7.24 -4.81 -1.95
N ASP A 37 8.35 -5.19 -1.33
CA ASP A 37 9.68 -4.91 -1.88
C ASP A 37 9.91 -5.64 -3.19
N PHE A 38 9.29 -6.82 -3.33
CA PHE A 38 9.42 -7.63 -4.54
C PHE A 38 9.01 -6.83 -5.79
N VAL A 39 8.02 -5.96 -5.63
CA VAL A 39 7.53 -5.14 -6.75
C VAL A 39 8.30 -3.81 -6.84
N GLY A 40 8.78 -3.32 -5.69
CA GLY A 40 9.52 -2.07 -5.68
C GLY A 40 9.08 -1.13 -4.57
N LEU A 41 7.96 -1.45 -3.91
CA LEU A 41 7.44 -0.62 -2.82
C LEU A 41 8.50 -0.39 -1.75
N ARG A 42 8.90 0.87 -1.58
CA ARG A 42 9.91 1.25 -0.60
C ARG A 42 9.35 2.33 0.32
N ALA A 43 10.25 3.15 0.87
CA ALA A 43 9.85 4.24 1.76
C ALA A 43 9.72 5.54 0.97
N GLY A 44 8.48 5.94 0.71
CA GLY A 44 8.24 7.17 -0.04
C GLY A 44 7.07 7.07 -1.00
N ASP A 45 6.75 5.85 -1.46
CA ASP A 45 5.65 5.64 -2.39
C ASP A 45 4.32 6.04 -1.77
N GLN A 46 3.66 7.03 -2.36
CA GLN A 46 2.37 7.50 -1.87
C GLN A 46 1.23 6.63 -2.37
N ILE A 47 0.36 6.23 -1.47
CA ILE A 47 -0.79 5.38 -1.82
C ILE A 47 -2.00 6.24 -2.16
N LEU A 48 -2.66 5.91 -3.26
CA LEU A 48 -3.84 6.65 -3.71
C LEU A 48 -5.08 5.76 -3.72
N ALA A 49 -4.94 4.56 -4.28
CA ALA A 49 -6.03 3.60 -4.34
C ALA A 49 -5.70 2.35 -3.54
N VAL A 50 -6.68 1.86 -2.78
CA VAL A 50 -6.49 0.66 -1.96
C VAL A 50 -7.68 -0.28 -2.15
N ASN A 51 -7.43 -1.40 -2.83
CA ASN A 51 -8.47 -2.38 -3.13
C ASN A 51 -9.34 -1.88 -4.27
N GLU A 52 -8.70 -1.15 -5.20
CA GLU A 52 -9.36 -0.57 -6.37
C GLU A 52 -10.17 0.70 -6.04
N ILE A 53 -10.21 1.08 -4.75
CA ILE A 53 -10.95 2.27 -4.34
C ILE A 53 -10.00 3.36 -3.86
N ASN A 54 -10.06 4.52 -4.51
CA ASN A 54 -9.21 5.66 -4.16
C ASN A 54 -9.50 6.15 -2.75
N VAL A 55 -8.47 6.19 -1.92
CA VAL A 55 -8.61 6.64 -0.54
C VAL A 55 -7.49 7.61 -0.16
N LYS A 56 -7.33 8.66 -0.96
CA LYS A 56 -6.29 9.67 -0.71
C LYS A 56 -6.52 10.40 0.62
N LYS A 57 -7.78 10.65 0.95
CA LYS A 57 -8.13 11.34 2.19
C LYS A 57 -9.17 10.54 3.00
N ALA A 58 -9.18 9.22 2.83
CA ALA A 58 -10.11 8.35 3.53
C ALA A 58 -9.62 8.05 4.95
N SER A 59 -10.33 7.17 5.66
CA SER A 59 -9.98 6.80 7.01
C SER A 59 -8.92 5.71 7.00
N HIS A 60 -7.98 5.85 7.91
CA HIS A 60 -6.88 4.90 8.06
C HIS A 60 -7.38 3.50 8.39
N GLU A 61 -8.33 3.42 9.32
CA GLU A 61 -8.90 2.12 9.70
C GLU A 61 -9.61 1.48 8.52
N ASP A 62 -10.35 2.29 7.77
CA ASP A 62 -11.07 1.81 6.60
C ASP A 62 -10.10 1.27 5.55
N VAL A 63 -9.04 2.03 5.31
CA VAL A 63 -8.02 1.64 4.33
C VAL A 63 -7.32 0.35 4.76
N VAL A 64 -6.99 0.25 6.04
CA VAL A 64 -6.34 -0.95 6.57
C VAL A 64 -7.29 -2.13 6.46
N LYS A 65 -8.57 -1.89 6.73
CA LYS A 65 -9.58 -2.92 6.67
C LYS A 65 -9.61 -3.56 5.28
N LEU A 66 -9.48 -2.74 4.25
CA LEU A 66 -9.48 -3.22 2.87
C LEU A 66 -8.26 -4.10 2.61
N ILE A 67 -7.10 -3.65 3.08
CA ILE A 67 -5.86 -4.39 2.91
C ILE A 67 -5.92 -5.72 3.65
N GLY A 68 -6.54 -5.71 4.83
CA GLY A 68 -6.68 -6.93 5.61
C GLY A 68 -7.87 -7.78 5.18
N LYS A 69 -8.45 -7.45 4.02
CA LYS A 69 -9.59 -8.17 3.47
C LYS A 69 -9.22 -8.93 2.19
N CYS A 70 -8.06 -8.59 1.61
CA CYS A 70 -7.58 -9.23 0.38
C CYS A 70 -7.72 -10.76 0.44
N SER A 71 -7.24 -11.34 1.53
CA SER A 71 -7.29 -12.79 1.74
C SER A 71 -6.42 -13.52 0.70
N GLY A 72 -5.31 -12.89 0.32
CA GLY A 72 -4.41 -13.48 -0.65
C GLY A 72 -3.64 -12.46 -1.46
N VAL A 73 -4.29 -11.34 -1.79
CA VAL A 73 -3.65 -10.29 -2.58
C VAL A 73 -4.52 -9.05 -2.69
N LEU A 74 -3.91 -7.89 -2.54
CA LEU A 74 -4.61 -6.61 -2.64
C LEU A 74 -4.16 -5.83 -3.86
N HIS A 75 -5.12 -5.15 -4.50
CA HIS A 75 -4.84 -4.35 -5.69
C HIS A 75 -4.90 -2.87 -5.35
N MET A 76 -3.74 -2.27 -5.11
CA MET A 76 -3.65 -0.84 -4.75
C MET A 76 -2.83 -0.07 -5.78
N VAL A 77 -3.20 1.19 -5.99
CA VAL A 77 -2.51 2.06 -6.93
C VAL A 77 -1.59 3.05 -6.19
N ILE A 78 -0.28 2.87 -6.39
CA ILE A 78 0.71 3.73 -5.75
C ILE A 78 1.25 4.78 -6.73
N ALA A 79 2.01 5.73 -6.20
CA ALA A 79 2.60 6.79 -7.02
C ALA A 79 4.03 7.11 -6.58
N GLU A 80 4.98 6.91 -7.48
CA GLU A 80 6.39 7.17 -7.20
C GLU A 80 6.64 8.67 -7.07
N GLY A 81 7.10 9.09 -5.88
CA GLY A 81 7.38 10.49 -5.63
C GLY A 81 8.78 10.90 -6.02
N VAL A 82 9.16 12.15 -5.71
CA VAL A 82 10.48 12.65 -6.03
C VAL A 82 11.57 11.90 -5.26
N GLY A 83 11.26 11.48 -4.03
CA GLY A 83 12.22 10.75 -3.22
C GLY A 83 13.22 11.65 -2.52
N PRO A 1 5.66 12.55 -12.14
CA PRO A 1 4.54 12.11 -11.26
C PRO A 1 3.61 11.11 -11.97
N ARG A 2 4.14 9.93 -12.28
CA ARG A 2 3.36 8.89 -12.95
C ARG A 2 2.73 7.94 -11.93
N VAL A 3 1.59 7.36 -12.29
CA VAL A 3 0.88 6.42 -11.42
C VAL A 3 1.32 4.98 -11.69
N ARG A 4 1.69 4.26 -10.62
CA ARG A 4 2.14 2.87 -10.74
C ARG A 4 1.26 1.94 -9.89
N SER A 5 0.97 0.76 -10.44
CA SER A 5 0.16 -0.23 -9.74
C SER A 5 1.04 -1.27 -9.04
N VAL A 6 0.79 -1.48 -7.74
CA VAL A 6 1.55 -2.43 -6.95
C VAL A 6 0.65 -3.51 -6.36
N GLU A 7 1.14 -4.76 -6.32
CA GLU A 7 0.37 -5.88 -5.78
C GLU A 7 1.16 -6.62 -4.70
N VAL A 8 0.56 -6.70 -3.50
CA VAL A 8 1.20 -7.38 -2.38
C VAL A 8 0.55 -8.74 -2.11
N ALA A 9 1.34 -9.68 -1.60
CA ALA A 9 0.87 -11.03 -1.30
C ALA A 9 0.76 -11.25 0.21
N ARG A 10 -0.47 -11.17 0.71
CA ARG A 10 -0.74 -11.36 2.15
C ARG A 10 -0.23 -12.72 2.62
N GLY A 11 0.69 -12.70 3.58
CA GLY A 11 1.25 -13.93 4.11
C GLY A 11 0.34 -14.57 5.16
N ARG A 12 0.77 -14.55 6.42
CA ARG A 12 -0.01 -15.13 7.51
C ARG A 12 -0.63 -14.03 8.37
N ALA A 13 0.20 -13.33 9.13
CA ALA A 13 -0.28 -12.26 9.99
C ALA A 13 0.18 -10.89 9.48
N GLY A 14 0.05 -10.68 8.17
CA GLY A 14 0.45 -9.41 7.58
C GLY A 14 0.94 -9.56 6.14
N TYR A 15 1.80 -8.63 5.71
CA TYR A 15 2.34 -8.64 4.35
C TYR A 15 3.86 -8.47 4.37
N GLY A 16 4.31 -7.41 5.01
CA GLY A 16 5.74 -7.12 5.09
C GLY A 16 6.05 -5.63 5.08
N PHE A 17 5.11 -4.82 4.58
CA PHE A 17 5.29 -3.37 4.52
C PHE A 17 4.57 -2.69 5.69
N THR A 18 4.94 -1.44 5.95
CA THR A 18 4.34 -0.66 7.04
C THR A 18 3.44 0.45 6.50
N LEU A 19 2.18 0.42 6.89
CA LEU A 19 1.22 1.42 6.43
C LEU A 19 0.90 2.43 7.54
N SER A 20 1.08 3.71 7.23
CA SER A 20 0.81 4.79 8.17
C SER A 20 0.48 6.07 7.42
N GLY A 21 -0.78 6.48 7.51
CA GLY A 21 -1.22 7.68 6.84
C GLY A 21 -2.57 8.15 7.34
N GLN A 22 -2.56 8.80 8.50
CA GLN A 22 -3.79 9.31 9.11
C GLN A 22 -4.67 9.99 8.05
N ALA A 23 -4.04 10.81 7.21
CA ALA A 23 -4.74 11.49 6.13
C ALA A 23 -4.24 11.00 4.77
N PRO A 24 -2.96 11.28 4.42
CA PRO A 24 -2.37 10.85 3.16
C PRO A 24 -1.77 9.45 3.25
N CYS A 25 -2.56 8.43 2.88
CA CYS A 25 -2.10 7.05 2.91
C CYS A 25 -0.78 6.89 2.15
N VAL A 26 0.28 6.54 2.87
CA VAL A 26 1.60 6.37 2.25
C VAL A 26 2.40 5.25 2.91
N LEU A 27 3.20 4.55 2.11
CA LEU A 27 4.03 3.47 2.61
C LEU A 27 5.22 4.02 3.40
N SER A 28 5.02 4.19 4.71
CA SER A 28 6.05 4.73 5.61
C SER A 28 7.40 4.05 5.39
N CYS A 29 7.39 2.72 5.42
CA CYS A 29 8.62 1.94 5.23
C CYS A 29 8.32 0.54 4.69
N VAL A 30 9.33 -0.08 4.09
CA VAL A 30 9.19 -1.42 3.52
C VAL A 30 10.26 -2.35 4.11
N MET A 31 9.97 -3.66 4.12
CA MET A 31 10.91 -4.64 4.64
C MET A 31 11.51 -5.44 3.50
N ARG A 32 12.76 -5.14 3.19
CA ARG A 32 13.49 -5.80 2.12
C ARG A 32 13.46 -7.32 2.30
N GLY A 33 13.02 -8.02 1.25
CA GLY A 33 12.93 -9.47 1.31
C GLY A 33 11.52 -9.95 1.64
N SER A 34 10.52 -9.12 1.33
CA SER A 34 9.12 -9.46 1.59
C SER A 34 8.27 -9.14 0.36
N PRO A 35 6.98 -9.56 0.35
CA PRO A 35 6.06 -9.31 -0.79
C PRO A 35 6.09 -7.86 -1.27
N ALA A 36 6.34 -6.92 -0.37
CA ALA A 36 6.39 -5.50 -0.71
C ALA A 36 7.64 -5.19 -1.55
N ASP A 37 8.79 -5.67 -1.07
CA ASP A 37 10.06 -5.44 -1.76
C ASP A 37 10.14 -6.23 -3.07
N PHE A 38 9.46 -7.38 -3.12
CA PHE A 38 9.45 -8.24 -4.32
C PHE A 38 8.86 -7.50 -5.53
N VAL A 39 8.05 -6.47 -5.27
CA VAL A 39 7.43 -5.68 -6.34
C VAL A 39 8.33 -4.51 -6.74
N GLY A 40 9.08 -3.99 -5.77
CA GLY A 40 9.97 -2.87 -6.04
C GLY A 40 9.42 -1.55 -5.51
N LEU A 41 8.75 -1.61 -4.37
CA LEU A 41 8.17 -0.41 -3.75
C LEU A 41 9.28 0.51 -3.23
N ARG A 42 8.88 1.61 -2.60
CA ARG A 42 9.81 2.57 -2.04
C ARG A 42 9.13 3.42 -0.99
N ALA A 43 9.78 3.56 0.16
CA ALA A 43 9.24 4.34 1.27
C ALA A 43 9.03 5.79 0.84
N GLY A 44 7.79 6.12 0.51
CA GLY A 44 7.48 7.47 0.06
C GLY A 44 6.33 7.51 -0.95
N ASP A 45 6.13 6.39 -1.66
CA ASP A 45 5.06 6.30 -2.66
C ASP A 45 3.71 6.60 -2.03
N GLN A 46 3.05 7.66 -2.51
CA GLN A 46 1.75 8.06 -1.99
C GLN A 46 0.65 7.15 -2.51
N ILE A 47 -0.09 6.53 -1.59
CA ILE A 47 -1.18 5.63 -1.95
C ILE A 47 -2.43 6.41 -2.36
N LEU A 48 -2.89 6.18 -3.59
CA LEU A 48 -4.07 6.88 -4.11
C LEU A 48 -5.31 6.00 -4.02
N ALA A 49 -5.20 4.75 -4.45
CA ALA A 49 -6.31 3.80 -4.42
C ALA A 49 -5.88 2.45 -3.85
N VAL A 50 -6.74 1.86 -3.01
CA VAL A 50 -6.46 0.56 -2.39
C VAL A 50 -7.64 -0.38 -2.62
N ASN A 51 -7.44 -1.41 -3.45
CA ASN A 51 -8.50 -2.35 -3.78
C ASN A 51 -9.47 -1.71 -4.78
N GLU A 52 -8.92 -0.82 -5.62
CA GLU A 52 -9.67 -0.11 -6.66
C GLU A 52 -10.42 1.12 -6.10
N ILE A 53 -10.35 1.36 -4.79
CA ILE A 53 -11.03 2.51 -4.19
C ILE A 53 -10.03 3.56 -3.71
N ASN A 54 -10.24 4.80 -4.13
CA ASN A 54 -9.38 5.92 -3.78
C ASN A 54 -9.42 6.22 -2.28
N VAL A 55 -8.28 6.58 -1.73
CA VAL A 55 -8.15 6.89 -0.30
C VAL A 55 -7.13 8.02 -0.06
N LYS A 56 -7.43 9.20 -0.59
CA LYS A 56 -6.54 10.36 -0.43
C LYS A 56 -6.57 10.90 1.00
N LYS A 57 -7.75 10.88 1.62
CA LYS A 57 -7.92 11.35 2.99
C LYS A 57 -8.87 10.43 3.78
N ALA A 58 -8.84 9.13 3.45
CA ALA A 58 -9.68 8.15 4.11
C ALA A 58 -9.15 7.78 5.49
N SER A 59 -9.85 6.88 6.17
CA SER A 59 -9.45 6.44 7.51
C SER A 59 -8.59 5.19 7.43
N HIS A 60 -7.52 5.19 8.19
CA HIS A 60 -6.59 4.07 8.23
C HIS A 60 -7.29 2.75 8.53
N GLU A 61 -8.20 2.77 9.50
CA GLU A 61 -8.95 1.56 9.87
C GLU A 61 -9.79 1.06 8.70
N ASP A 62 -10.34 1.99 7.92
CA ASP A 62 -11.14 1.62 6.76
C ASP A 62 -10.24 1.07 5.67
N VAL A 63 -9.08 1.69 5.49
CA VAL A 63 -8.12 1.27 4.47
C VAL A 63 -7.56 -0.12 4.80
N VAL A 64 -7.23 -0.36 6.08
CA VAL A 64 -6.71 -1.63 6.51
C VAL A 64 -7.78 -2.70 6.35
N LYS A 65 -9.02 -2.33 6.64
CA LYS A 65 -10.15 -3.25 6.53
C LYS A 65 -10.26 -3.79 5.10
N LEU A 66 -10.07 -2.91 4.12
CA LEU A 66 -10.15 -3.30 2.71
C LEU A 66 -8.99 -4.22 2.34
N ILE A 67 -7.81 -3.91 2.86
CA ILE A 67 -6.61 -4.71 2.59
C ILE A 67 -6.72 -6.07 3.27
N GLY A 68 -7.20 -6.06 4.51
CA GLY A 68 -7.35 -7.30 5.27
C GLY A 68 -8.56 -8.12 4.85
N LYS A 69 -9.37 -7.57 3.94
CA LYS A 69 -10.57 -8.27 3.47
C LYS A 69 -10.23 -9.34 2.43
N CYS A 70 -9.25 -9.05 1.58
CA CYS A 70 -8.83 -9.99 0.54
C CYS A 70 -8.20 -11.24 1.16
N SER A 71 -7.11 -11.04 1.89
CA SER A 71 -6.39 -12.13 2.55
C SER A 71 -5.65 -13.00 1.53
N GLY A 72 -5.18 -12.36 0.46
CA GLY A 72 -4.45 -13.07 -0.58
C GLY A 72 -3.58 -12.13 -1.41
N VAL A 73 -4.16 -11.04 -1.88
CA VAL A 73 -3.44 -10.07 -2.68
C VAL A 73 -4.30 -8.84 -3.00
N LEU A 74 -3.72 -7.66 -2.80
CA LEU A 74 -4.42 -6.41 -3.06
C LEU A 74 -3.77 -5.63 -4.21
N HIS A 75 -4.57 -4.80 -4.86
CA HIS A 75 -4.08 -3.95 -5.96
C HIS A 75 -4.04 -2.49 -5.53
N MET A 76 -2.86 -2.03 -5.14
CA MET A 76 -2.68 -0.65 -4.69
C MET A 76 -2.15 0.23 -5.82
N VAL A 77 -2.82 1.35 -6.05
CA VAL A 77 -2.42 2.29 -7.09
C VAL A 77 -1.79 3.53 -6.47
N ILE A 78 -0.46 3.54 -6.38
CA ILE A 78 0.28 4.66 -5.80
C ILE A 78 0.86 5.57 -6.88
N ALA A 79 1.39 6.72 -6.46
CA ALA A 79 1.98 7.68 -7.38
C ALA A 79 3.43 7.99 -6.99
N GLU A 80 4.28 8.18 -8.00
CA GLU A 80 5.70 8.49 -7.77
C GLU A 80 5.96 9.99 -7.90
N GLY A 81 7.13 10.40 -7.45
CA GLY A 81 7.50 11.82 -7.52
C GLY A 81 8.98 12.02 -7.80
N VAL A 82 9.39 11.73 -9.03
CA VAL A 82 10.79 11.86 -9.44
C VAL A 82 11.26 13.32 -9.33
N GLY A 83 12.13 13.59 -8.36
CA GLY A 83 12.64 14.93 -8.16
C GLY A 83 12.86 15.27 -6.70
N PRO A 1 5.23 12.17 -13.03
CA PRO A 1 4.12 11.42 -12.38
C PRO A 1 4.41 9.93 -12.30
N ARG A 2 4.51 9.27 -13.46
CA ARG A 2 4.79 7.83 -13.56
C ARG A 2 3.59 7.00 -13.07
N VAL A 3 3.28 7.10 -11.77
CA VAL A 3 2.17 6.38 -11.14
C VAL A 3 2.07 4.92 -11.62
N ARG A 4 2.56 4.00 -10.78
CA ARG A 4 2.53 2.57 -11.09
C ARG A 4 1.64 1.81 -10.12
N SER A 5 1.32 0.56 -10.46
CA SER A 5 0.48 -0.28 -9.62
C SER A 5 1.30 -1.41 -8.98
N VAL A 6 0.99 -1.72 -7.73
CA VAL A 6 1.69 -2.78 -7.01
C VAL A 6 0.71 -3.77 -6.38
N GLU A 7 0.96 -5.07 -6.59
CA GLU A 7 0.11 -6.12 -6.05
C GLU A 7 0.88 -6.97 -5.04
N VAL A 8 0.58 -6.79 -3.76
CA VAL A 8 1.25 -7.54 -2.70
C VAL A 8 0.54 -8.87 -2.45
N ALA A 9 1.29 -9.84 -1.94
CA ALA A 9 0.76 -11.17 -1.65
C ALA A 9 0.76 -11.42 -0.15
N ARG A 10 -0.43 -11.37 0.45
CA ARG A 10 -0.59 -11.60 1.88
C ARG A 10 0.13 -12.88 2.31
N GLY A 11 1.21 -12.71 3.07
CA GLY A 11 1.99 -13.85 3.53
C GLY A 11 1.31 -14.63 4.63
N ARG A 12 1.85 -14.55 5.84
CA ARG A 12 1.28 -15.27 6.99
C ARG A 12 0.84 -14.30 8.09
N ALA A 13 1.64 -13.27 8.33
CA ALA A 13 1.32 -12.28 9.36
C ALA A 13 1.16 -10.88 8.76
N GLY A 14 0.58 -10.82 7.55
CA GLY A 14 0.39 -9.54 6.89
C GLY A 14 0.84 -9.55 5.45
N TYR A 15 1.66 -8.57 5.07
CA TYR A 15 2.17 -8.46 3.71
C TYR A 15 3.68 -8.21 3.70
N GLY A 16 4.09 -7.02 4.11
CA GLY A 16 5.50 -6.68 4.15
C GLY A 16 5.76 -5.19 3.98
N PHE A 17 4.94 -4.37 4.62
CA PHE A 17 5.07 -2.92 4.54
C PHE A 17 4.37 -2.24 5.73
N THR A 18 4.38 -0.90 5.75
CA THR A 18 3.76 -0.15 6.83
C THR A 18 2.93 1.02 6.27
N LEU A 19 1.96 1.48 7.07
CA LEU A 19 1.09 2.58 6.67
C LEU A 19 0.86 3.56 7.84
N SER A 20 1.01 4.85 7.57
CA SER A 20 0.81 5.87 8.60
C SER A 20 0.21 7.15 8.00
N GLY A 21 -0.29 8.03 8.87
CA GLY A 21 -0.89 9.28 8.42
C GLY A 21 -2.34 9.47 8.86
N GLN A 22 -3.01 8.34 9.14
CA GLN A 22 -4.43 8.33 9.58
C GLN A 22 -5.39 8.73 8.44
N ALA A 23 -4.86 8.96 7.25
CA ALA A 23 -5.68 9.34 6.09
C ALA A 23 -4.86 9.27 4.81
N PRO A 24 -3.78 10.08 4.69
CA PRO A 24 -2.91 10.08 3.51
C PRO A 24 -2.11 8.79 3.43
N CYS A 25 -2.74 7.73 2.92
CA CYS A 25 -2.12 6.42 2.81
C CYS A 25 -0.76 6.53 2.13
N VAL A 26 0.31 6.32 2.91
CA VAL A 26 1.66 6.40 2.39
C VAL A 26 2.53 5.27 2.95
N LEU A 27 3.39 4.72 2.11
CA LEU A 27 4.28 3.64 2.52
C LEU A 27 5.43 4.20 3.38
N SER A 28 5.22 4.23 4.70
CA SER A 28 6.23 4.74 5.62
C SER A 28 7.53 3.94 5.50
N CYS A 29 7.41 2.62 5.32
CA CYS A 29 8.57 1.75 5.18
C CYS A 29 8.18 0.37 4.69
N VAL A 30 9.12 -0.32 4.05
CA VAL A 30 8.90 -1.67 3.53
C VAL A 30 9.90 -2.66 4.15
N MET A 31 9.51 -3.93 4.20
CA MET A 31 10.38 -4.96 4.76
C MET A 31 11.05 -5.75 3.65
N ARG A 32 12.31 -5.42 3.38
CA ARG A 32 13.09 -6.07 2.34
C ARG A 32 13.04 -7.59 2.51
N GLY A 33 12.65 -8.28 1.44
CA GLY A 33 12.55 -9.73 1.48
C GLY A 33 11.13 -10.20 1.76
N SER A 34 10.15 -9.38 1.40
CA SER A 34 8.75 -9.71 1.61
C SER A 34 7.95 -9.48 0.33
N PRO A 35 6.73 -10.06 0.23
CA PRO A 35 5.86 -9.92 -0.94
C PRO A 35 5.74 -8.48 -1.43
N ALA A 36 5.81 -7.52 -0.51
CA ALA A 36 5.72 -6.10 -0.86
C ALA A 36 6.93 -5.67 -1.68
N ASP A 37 8.12 -5.99 -1.19
CA ASP A 37 9.37 -5.64 -1.86
C ASP A 37 9.56 -6.46 -3.14
N PHE A 38 9.04 -7.70 -3.14
CA PHE A 38 9.14 -8.59 -4.29
C PHE A 38 8.50 -7.97 -5.54
N VAL A 39 7.56 -7.05 -5.35
CA VAL A 39 6.87 -6.40 -6.45
C VAL A 39 7.62 -5.14 -6.91
N GLY A 40 8.27 -4.46 -5.96
CA GLY A 40 9.02 -3.25 -6.28
C GLY A 40 8.45 -2.02 -5.61
N LEU A 41 8.39 -2.05 -4.28
CA LEU A 41 7.87 -0.91 -3.52
C LEU A 41 9.01 -0.04 -3.01
N ARG A 42 8.66 1.08 -2.37
CA ARG A 42 9.66 2.01 -1.83
C ARG A 42 8.99 3.07 -0.95
N ALA A 43 9.58 3.30 0.21
CA ALA A 43 9.06 4.31 1.15
C ALA A 43 9.04 5.69 0.51
N GLY A 44 7.87 6.32 0.55
CA GLY A 44 7.71 7.64 -0.05
C GLY A 44 6.57 7.70 -1.05
N ASP A 45 6.31 6.57 -1.72
CA ASP A 45 5.24 6.50 -2.70
C ASP A 45 3.88 6.75 -2.05
N GLN A 46 3.18 7.78 -2.54
CA GLN A 46 1.87 8.15 -2.00
C GLN A 46 0.79 7.21 -2.52
N ILE A 47 0.13 6.48 -1.61
CA ILE A 47 -0.93 5.55 -1.98
C ILE A 47 -2.24 6.28 -2.24
N LEU A 48 -2.79 6.11 -3.43
CA LEU A 48 -4.04 6.77 -3.80
C LEU A 48 -5.21 5.78 -3.84
N ALA A 49 -4.97 4.58 -4.37
CA ALA A 49 -5.99 3.55 -4.47
C ALA A 49 -5.66 2.34 -3.59
N VAL A 50 -6.70 1.64 -3.14
CA VAL A 50 -6.54 0.46 -2.29
C VAL A 50 -7.69 -0.52 -2.54
N ASN A 51 -7.41 -1.59 -3.30
CA ASN A 51 -8.41 -2.58 -3.64
C ASN A 51 -9.34 -2.03 -4.72
N GLU A 52 -8.73 -1.30 -5.67
CA GLU A 52 -9.43 -0.66 -6.78
C GLU A 52 -10.22 0.59 -6.36
N ILE A 53 -10.19 0.92 -5.06
CA ILE A 53 -10.92 2.10 -4.57
C ILE A 53 -9.96 3.15 -3.98
N ASN A 54 -10.15 4.41 -4.39
CA ASN A 54 -9.32 5.52 -3.92
C ASN A 54 -9.51 5.80 -2.43
N VAL A 55 -8.48 6.38 -1.83
CA VAL A 55 -8.50 6.72 -0.40
C VAL A 55 -7.64 7.97 -0.12
N LYS A 56 -8.04 9.10 -0.70
CA LYS A 56 -7.30 10.36 -0.51
C LYS A 56 -7.16 10.72 0.97
N LYS A 57 -8.24 11.23 1.56
CA LYS A 57 -8.22 11.61 2.97
C LYS A 57 -9.19 10.74 3.79
N ALA A 58 -9.27 9.46 3.43
CA ALA A 58 -10.16 8.52 4.12
C ALA A 58 -9.60 8.12 5.48
N SER A 59 -10.25 7.16 6.14
CA SER A 59 -9.81 6.69 7.45
C SER A 59 -8.81 5.55 7.31
N HIS A 60 -7.75 5.65 8.09
CA HIS A 60 -6.69 4.65 8.08
C HIS A 60 -7.22 3.26 8.38
N GLU A 61 -8.09 3.16 9.38
CA GLU A 61 -8.67 1.87 9.76
C GLU A 61 -9.51 1.31 8.62
N ASP A 62 -10.26 2.19 7.95
CA ASP A 62 -11.10 1.78 6.83
C ASP A 62 -10.24 1.26 5.69
N VAL A 63 -9.17 2.00 5.38
CA VAL A 63 -8.26 1.61 4.31
C VAL A 63 -7.57 0.29 4.60
N VAL A 64 -7.13 0.11 5.85
CA VAL A 64 -6.48 -1.12 6.26
C VAL A 64 -7.48 -2.27 6.21
N LYS A 65 -8.71 -2.00 6.61
CA LYS A 65 -9.77 -3.00 6.60
C LYS A 65 -9.98 -3.54 5.19
N LEU A 66 -9.94 -2.66 4.20
CA LEU A 66 -10.13 -3.05 2.80
C LEU A 66 -8.97 -3.94 2.32
N ILE A 67 -7.76 -3.59 2.73
CA ILE A 67 -6.57 -4.35 2.36
C ILE A 67 -6.57 -5.72 3.04
N GLY A 68 -6.94 -5.73 4.31
CA GLY A 68 -7.00 -6.97 5.06
C GLY A 68 -8.17 -7.85 4.67
N LYS A 69 -9.24 -7.23 4.15
CA LYS A 69 -10.44 -7.94 3.73
C LYS A 69 -10.11 -9.07 2.74
N CYS A 70 -9.11 -8.84 1.88
CA CYS A 70 -8.71 -9.83 0.90
C CYS A 70 -8.03 -11.03 1.57
N SER A 71 -7.00 -10.73 2.36
CA SER A 71 -6.25 -11.77 3.07
C SER A 71 -5.55 -12.70 2.10
N GLY A 72 -5.09 -12.15 0.98
CA GLY A 72 -4.39 -12.92 -0.03
C GLY A 72 -3.58 -12.06 -0.97
N VAL A 73 -4.16 -10.95 -1.41
CA VAL A 73 -3.48 -10.03 -2.32
C VAL A 73 -4.15 -8.66 -2.33
N LEU A 74 -3.33 -7.61 -2.26
CA LEU A 74 -3.83 -6.24 -2.25
C LEU A 74 -3.38 -5.50 -3.51
N HIS A 75 -4.15 -4.49 -3.90
CA HIS A 75 -3.85 -3.68 -5.08
C HIS A 75 -3.93 -2.19 -4.76
N MET A 76 -2.79 -1.50 -4.87
CA MET A 76 -2.75 -0.06 -4.58
C MET A 76 -2.03 0.71 -5.67
N VAL A 77 -2.58 1.87 -6.02
CA VAL A 77 -1.98 2.74 -7.04
C VAL A 77 -1.27 3.91 -6.38
N ILE A 78 0.06 3.93 -6.51
CA ILE A 78 0.86 4.99 -5.90
C ILE A 78 1.42 5.95 -6.96
N ALA A 79 1.71 7.18 -6.53
CA ALA A 79 2.24 8.20 -7.42
C ALA A 79 3.64 8.64 -6.99
N GLU A 80 4.52 8.83 -7.98
CA GLU A 80 5.90 9.24 -7.72
C GLU A 80 6.09 10.71 -8.08
N GLY A 81 6.48 11.51 -7.09
CA GLY A 81 6.70 12.93 -7.32
C GLY A 81 8.10 13.37 -6.94
N VAL A 82 9.10 12.88 -7.67
CA VAL A 82 10.49 13.22 -7.42
C VAL A 82 11.10 14.02 -8.57
N GLY A 83 10.24 14.64 -9.39
CA GLY A 83 10.70 15.43 -10.51
C GLY A 83 9.58 15.76 -11.49
N PRO A 1 1.21 13.78 -11.07
CA PRO A 1 2.25 12.71 -11.03
C PRO A 1 1.83 11.50 -11.88
N ARG A 2 2.63 10.41 -11.80
CA ARG A 2 2.34 9.19 -12.55
C ARG A 2 1.53 8.20 -11.71
N VAL A 3 0.88 7.25 -12.38
CA VAL A 3 0.07 6.24 -11.69
C VAL A 3 0.73 4.86 -11.79
N ARG A 4 1.13 4.31 -10.65
CA ARG A 4 1.77 3.00 -10.60
C ARG A 4 0.91 2.00 -9.82
N SER A 5 0.89 0.75 -10.28
CA SER A 5 0.12 -0.31 -9.64
C SER A 5 1.03 -1.38 -9.03
N VAL A 6 0.81 -1.70 -7.75
CA VAL A 6 1.62 -2.70 -7.06
C VAL A 6 0.74 -3.88 -6.63
N GLU A 7 1.22 -5.10 -6.93
CA GLU A 7 0.49 -6.32 -6.58
C GLU A 7 1.08 -6.96 -5.33
N VAL A 8 0.41 -6.74 -4.19
CA VAL A 8 0.86 -7.30 -2.92
C VAL A 8 0.33 -8.71 -2.71
N ALA A 9 1.22 -9.70 -2.80
CA ALA A 9 0.86 -11.10 -2.63
C ALA A 9 1.09 -11.56 -1.20
N ARG A 10 0.04 -11.45 -0.37
CA ARG A 10 0.12 -11.85 1.05
C ARG A 10 0.99 -13.09 1.22
N GLY A 11 2.07 -12.95 1.99
CA GLY A 11 2.98 -14.06 2.22
C GLY A 11 2.44 -15.06 3.22
N ARG A 12 3.15 -15.22 4.33
CA ARG A 12 2.74 -16.17 5.37
C ARG A 12 2.36 -15.45 6.66
N ALA A 13 3.10 -14.39 6.99
CA ALA A 13 2.83 -13.61 8.19
C ALA A 13 2.28 -12.23 7.87
N GLY A 14 1.61 -12.10 6.72
CA GLY A 14 1.04 -10.82 6.32
C GLY A 14 1.52 -10.37 4.95
N TYR A 15 1.39 -9.06 4.69
CA TYR A 15 1.81 -8.48 3.41
C TYR A 15 3.27 -8.04 3.45
N GLY A 16 3.59 -7.20 4.45
CA GLY A 16 4.95 -6.71 4.59
C GLY A 16 5.12 -5.25 4.22
N PHE A 17 4.47 -4.37 4.98
CA PHE A 17 4.55 -2.92 4.72
C PHE A 17 3.99 -2.11 5.88
N THR A 18 4.15 -0.79 5.82
CA THR A 18 3.65 0.10 6.88
C THR A 18 2.68 1.15 6.31
N LEU A 19 1.85 1.73 7.18
CA LEU A 19 0.88 2.74 6.77
C LEU A 19 0.62 3.75 7.90
N SER A 20 0.70 5.04 7.58
CA SER A 20 0.47 6.09 8.58
C SER A 20 0.03 7.41 7.91
N GLY A 21 -0.61 8.27 8.69
CA GLY A 21 -1.07 9.56 8.18
C GLY A 21 -2.54 9.84 8.53
N GLN A 22 -3.34 8.79 8.71
CA GLN A 22 -4.76 8.91 9.04
C GLN A 22 -5.56 9.62 7.94
N ALA A 23 -4.97 9.77 6.75
CA ALA A 23 -5.64 10.43 5.63
C ALA A 23 -4.81 10.26 4.35
N PRO A 24 -3.59 10.87 4.30
CA PRO A 24 -2.70 10.74 3.15
C PRO A 24 -2.04 9.38 3.10
N CYS A 25 -2.74 8.39 2.55
CA CYS A 25 -2.21 7.03 2.44
C CYS A 25 -0.83 7.04 1.82
N VAL A 26 0.17 6.70 2.62
CA VAL A 26 1.55 6.68 2.15
C VAL A 26 2.34 5.55 2.79
N LEU A 27 3.22 4.93 2.00
CA LEU A 27 4.04 3.83 2.49
C LEU A 27 5.28 4.36 3.20
N SER A 28 5.17 4.54 4.52
CA SER A 28 6.28 5.05 5.32
C SER A 28 7.53 4.16 5.19
N CYS A 29 7.31 2.85 5.14
CA CYS A 29 8.40 1.88 5.00
C CYS A 29 7.88 0.51 4.62
N VAL A 30 8.77 -0.31 4.05
CA VAL A 30 8.42 -1.67 3.64
C VAL A 30 9.20 -2.70 4.45
N MET A 31 8.63 -3.91 4.57
CA MET A 31 9.27 -4.98 5.33
C MET A 31 10.17 -5.79 4.42
N ARG A 32 11.46 -5.49 4.50
CA ARG A 32 12.47 -6.15 3.69
C ARG A 32 12.40 -7.67 3.86
N GLY A 33 12.29 -8.38 2.74
CA GLY A 33 12.20 -9.83 2.77
C GLY A 33 10.76 -10.32 2.76
N SER A 34 9.87 -9.52 2.17
CA SER A 34 8.46 -9.87 2.09
C SER A 34 7.94 -9.67 0.65
N PRO A 35 6.72 -10.16 0.35
CA PRO A 35 6.12 -10.04 -0.99
C PRO A 35 6.20 -8.62 -1.55
N ALA A 36 6.08 -7.63 -0.65
CA ALA A 36 6.14 -6.23 -1.05
C ALA A 36 7.48 -5.90 -1.72
N ASP A 37 8.56 -6.31 -1.08
CA ASP A 37 9.91 -6.08 -1.60
C ASP A 37 10.13 -6.83 -2.92
N PHE A 38 9.52 -8.01 -3.03
CA PHE A 38 9.64 -8.83 -4.24
C PHE A 38 9.05 -8.13 -5.46
N VAL A 39 8.10 -7.21 -5.23
CA VAL A 39 7.46 -6.48 -6.31
C VAL A 39 8.23 -5.20 -6.63
N GLY A 40 8.92 -4.66 -5.63
CA GLY A 40 9.70 -3.45 -5.82
C GLY A 40 9.11 -2.25 -5.08
N LEU A 41 8.49 -2.52 -3.92
CA LEU A 41 7.89 -1.48 -3.11
C LEU A 41 8.97 -0.54 -2.58
N ARG A 42 8.75 0.76 -2.77
CA ARG A 42 9.69 1.77 -2.32
C ARG A 42 8.96 2.85 -1.52
N ALA A 43 9.31 2.95 -0.25
CA ALA A 43 8.72 3.91 0.67
C ALA A 43 8.88 5.35 0.16
N GLY A 44 7.99 6.21 0.63
CA GLY A 44 8.01 7.61 0.23
C GLY A 44 7.01 7.90 -0.88
N ASP A 45 6.47 6.84 -1.49
CA ASP A 45 5.50 6.98 -2.57
C ASP A 45 4.10 7.22 -1.99
N GLN A 46 3.36 8.13 -2.62
CA GLN A 46 2.02 8.46 -2.17
C GLN A 46 0.99 7.48 -2.73
N ILE A 47 0.18 6.90 -1.84
CA ILE A 47 -0.86 5.95 -2.24
C ILE A 47 -2.14 6.69 -2.62
N LEU A 48 -2.69 6.32 -3.77
CA LEU A 48 -3.92 6.94 -4.27
C LEU A 48 -5.12 6.00 -4.14
N ALA A 49 -4.89 4.71 -4.43
CA ALA A 49 -5.94 3.71 -4.35
C ALA A 49 -5.47 2.48 -3.58
N VAL A 50 -6.37 1.91 -2.77
CA VAL A 50 -6.06 0.72 -1.99
C VAL A 50 -7.18 -0.30 -2.12
N ASN A 51 -6.90 -1.41 -2.79
CA ASN A 51 -7.89 -2.45 -3.03
C ASN A 51 -8.86 -2.01 -4.14
N GLU A 52 -8.30 -1.24 -5.09
CA GLU A 52 -9.05 -0.71 -6.24
C GLU A 52 -9.90 0.51 -5.88
N ILE A 53 -9.89 0.93 -4.60
CA ILE A 53 -10.67 2.08 -4.16
C ILE A 53 -9.77 3.22 -3.68
N ASN A 54 -9.99 4.41 -4.27
CA ASN A 54 -9.22 5.60 -3.94
C ASN A 54 -9.49 6.07 -2.51
N VAL A 55 -8.42 6.44 -1.81
CA VAL A 55 -8.54 6.90 -0.42
C VAL A 55 -7.47 7.95 -0.08
N LYS A 56 -7.54 9.09 -0.75
CA LYS A 56 -6.58 10.18 -0.54
C LYS A 56 -6.76 10.86 0.82
N LYS A 57 -8.00 10.89 1.33
CA LYS A 57 -8.29 11.50 2.62
C LYS A 57 -9.27 10.65 3.44
N ALA A 58 -9.14 9.33 3.32
CA ALA A 58 -10.02 8.41 4.02
C ALA A 58 -9.48 8.10 5.42
N SER A 59 -10.28 7.36 6.20
CA SER A 59 -9.89 6.98 7.55
C SER A 59 -8.95 5.78 7.52
N HIS A 60 -7.89 5.87 8.30
CA HIS A 60 -6.89 4.83 8.38
C HIS A 60 -7.50 3.47 8.72
N GLU A 61 -8.40 3.46 9.70
CA GLU A 61 -9.05 2.22 10.11
C GLU A 61 -9.84 1.61 8.96
N ASP A 62 -10.57 2.45 8.24
CA ASP A 62 -11.36 1.98 7.10
C ASP A 62 -10.45 1.47 5.99
N VAL A 63 -9.35 2.18 5.75
CA VAL A 63 -8.39 1.79 4.72
C VAL A 63 -7.73 0.47 5.06
N VAL A 64 -7.36 0.31 6.34
CA VAL A 64 -6.73 -0.93 6.80
C VAL A 64 -7.73 -2.07 6.70
N LYS A 65 -8.99 -1.77 7.04
CA LYS A 65 -10.04 -2.76 7.00
C LYS A 65 -10.18 -3.36 5.61
N LEU A 66 -10.06 -2.50 4.59
CA LEU A 66 -10.16 -2.93 3.20
C LEU A 66 -8.98 -3.83 2.82
N ILE A 67 -7.79 -3.45 3.27
CA ILE A 67 -6.59 -4.22 2.98
C ILE A 67 -6.64 -5.57 3.69
N GLY A 68 -7.15 -5.57 4.92
CA GLY A 68 -7.25 -6.80 5.69
C GLY A 68 -8.53 -7.60 5.38
N LYS A 69 -9.29 -7.13 4.38
CA LYS A 69 -10.53 -7.81 3.99
C LYS A 69 -10.27 -8.85 2.91
N CYS A 70 -9.29 -8.60 2.04
CA CYS A 70 -8.96 -9.52 0.96
C CYS A 70 -8.43 -10.84 1.52
N SER A 71 -7.31 -10.76 2.24
CA SER A 71 -6.69 -11.94 2.85
C SER A 71 -6.10 -12.85 1.77
N GLY A 72 -5.58 -12.24 0.72
CA GLY A 72 -4.98 -12.99 -0.37
C GLY A 72 -4.04 -12.15 -1.21
N VAL A 73 -4.49 -10.95 -1.58
CA VAL A 73 -3.68 -10.04 -2.40
C VAL A 73 -4.26 -8.63 -2.38
N LEU A 74 -3.38 -7.64 -2.26
CA LEU A 74 -3.78 -6.24 -2.25
C LEU A 74 -3.27 -5.50 -3.47
N HIS A 75 -4.10 -4.59 -3.99
CA HIS A 75 -3.73 -3.79 -5.17
C HIS A 75 -3.61 -2.32 -4.77
N MET A 76 -2.37 -1.90 -4.49
CA MET A 76 -2.10 -0.52 -4.09
C MET A 76 -1.62 0.30 -5.27
N VAL A 77 -2.35 1.38 -5.56
CA VAL A 77 -1.99 2.27 -6.66
C VAL A 77 -1.30 3.55 -6.14
N ILE A 78 0.02 3.54 -6.16
CA ILE A 78 0.82 4.67 -5.67
C ILE A 78 1.30 5.54 -6.83
N ALA A 79 1.86 6.71 -6.49
CA ALA A 79 2.38 7.64 -7.49
C ALA A 79 3.79 8.10 -7.13
N GLU A 80 4.66 8.16 -8.14
CA GLU A 80 6.04 8.59 -7.94
C GLU A 80 6.11 10.02 -7.44
N GLY A 81 6.54 10.19 -6.19
CA GLY A 81 6.65 11.51 -5.60
C GLY A 81 7.52 11.52 -4.36
N VAL A 82 8.73 10.99 -4.47
CA VAL A 82 9.66 10.93 -3.35
C VAL A 82 10.11 12.33 -2.92
N GLY A 83 9.55 12.82 -1.81
CA GLY A 83 9.89 14.14 -1.31
C GLY A 83 9.14 15.24 -2.03
N PRO A 1 6.24 6.40 -12.41
CA PRO A 1 5.91 7.84 -12.32
C PRO A 1 4.45 8.12 -12.70
N ARG A 2 3.72 8.75 -11.76
CA ARG A 2 2.30 9.08 -11.96
C ARG A 2 1.43 7.82 -12.01
N VAL A 3 0.44 7.76 -11.12
CA VAL A 3 -0.50 6.62 -10.99
C VAL A 3 0.14 5.28 -11.37
N ARG A 4 0.53 4.52 -10.34
CA ARG A 4 1.16 3.21 -10.53
C ARG A 4 0.42 2.13 -9.74
N SER A 5 0.16 0.99 -10.39
CA SER A 5 -0.53 -0.13 -9.76
C SER A 5 0.47 -1.15 -9.22
N VAL A 6 0.29 -1.55 -7.96
CA VAL A 6 1.18 -2.53 -7.33
C VAL A 6 0.39 -3.73 -6.80
N GLU A 7 0.96 -4.92 -6.98
CA GLU A 7 0.33 -6.16 -6.53
C GLU A 7 1.17 -6.85 -5.45
N VAL A 8 0.54 -7.16 -4.32
CA VAL A 8 1.22 -7.83 -3.21
C VAL A 8 0.47 -9.10 -2.81
N ALA A 9 1.21 -10.18 -2.55
CA ALA A 9 0.61 -11.44 -2.15
C ALA A 9 0.70 -11.62 -0.64
N ARG A 10 -0.39 -11.29 0.05
CA ARG A 10 -0.46 -11.40 1.51
C ARG A 10 0.06 -12.76 2.00
N GLY A 11 1.09 -12.72 2.84
CA GLY A 11 1.66 -13.93 3.37
C GLY A 11 0.88 -14.50 4.53
N ARG A 12 1.56 -14.81 5.63
CA ARG A 12 0.93 -15.37 6.81
C ARG A 12 0.95 -14.39 7.98
N ALA A 13 2.08 -13.68 8.13
CA ALA A 13 2.22 -12.70 9.21
C ALA A 13 2.18 -11.26 8.67
N GLY A 14 1.51 -11.07 7.53
CA GLY A 14 1.40 -9.74 6.93
C GLY A 14 1.92 -9.68 5.52
N TYR A 15 1.86 -8.49 4.91
CA TYR A 15 2.34 -8.29 3.54
C TYR A 15 3.84 -8.04 3.52
N GLY A 16 4.35 -7.37 4.56
CA GLY A 16 5.77 -7.06 4.63
C GLY A 16 6.06 -5.59 4.39
N PHE A 17 5.30 -4.73 5.07
CA PHE A 17 5.47 -3.28 4.93
C PHE A 17 4.69 -2.54 6.02
N THR A 18 5.15 -1.34 6.35
CA THR A 18 4.50 -0.52 7.37
C THR A 18 3.59 0.54 6.73
N LEU A 19 2.35 0.59 7.19
CA LEU A 19 1.37 1.55 6.67
C LEU A 19 1.11 2.67 7.67
N SER A 20 1.26 3.90 7.20
CA SER A 20 1.02 5.07 8.04
C SER A 20 0.48 6.23 7.19
N GLY A 21 -0.61 6.83 7.66
CA GLY A 21 -1.20 7.93 6.93
C GLY A 21 -2.59 8.26 7.42
N GLN A 22 -2.67 8.86 8.60
CA GLN A 22 -3.94 9.25 9.19
C GLN A 22 -4.85 9.90 8.14
N ALA A 23 -4.26 10.79 7.35
CA ALA A 23 -4.98 11.49 6.28
C ALA A 23 -4.49 11.00 4.91
N PRO A 24 -3.19 11.25 4.57
CA PRO A 24 -2.61 10.83 3.31
C PRO A 24 -1.93 9.46 3.43
N CYS A 25 -2.68 8.40 3.11
CA CYS A 25 -2.16 7.03 3.20
C CYS A 25 -0.86 6.90 2.40
N VAL A 26 0.23 6.55 3.08
CA VAL A 26 1.53 6.40 2.44
C VAL A 26 2.36 5.30 3.10
N LEU A 27 3.15 4.59 2.30
CA LEU A 27 3.99 3.52 2.83
C LEU A 27 5.20 4.09 3.57
N SER A 28 5.04 4.32 4.88
CA SER A 28 6.10 4.88 5.71
C SER A 28 7.39 4.07 5.59
N CYS A 29 7.26 2.75 5.45
CA CYS A 29 8.42 1.87 5.33
C CYS A 29 8.00 0.48 4.82
N VAL A 30 8.97 -0.28 4.32
CA VAL A 30 8.70 -1.62 3.81
C VAL A 30 9.70 -2.63 4.37
N MET A 31 9.28 -3.88 4.47
CA MET A 31 10.12 -4.95 4.99
C MET A 31 10.91 -5.59 3.86
N ARG A 32 12.16 -5.18 3.73
CA ARG A 32 13.06 -5.69 2.71
C ARG A 32 13.11 -7.22 2.74
N GLY A 33 12.78 -7.84 1.60
CA GLY A 33 12.78 -9.29 1.52
C GLY A 33 11.38 -9.88 1.64
N SER A 34 10.36 -9.10 1.27
CA SER A 34 8.98 -9.54 1.33
C SER A 34 8.28 -9.28 0.00
N PRO A 35 7.04 -9.79 -0.18
CA PRO A 35 6.26 -9.60 -1.42
C PRO A 35 6.22 -8.15 -1.89
N ALA A 36 6.28 -7.21 -0.95
CA ALA A 36 6.26 -5.79 -1.27
C ALA A 36 7.55 -5.37 -1.97
N ASP A 37 8.69 -5.72 -1.39
CA ASP A 37 9.99 -5.38 -1.96
C ASP A 37 10.21 -6.07 -3.31
N PHE A 38 9.64 -7.27 -3.46
CA PHE A 38 9.78 -8.03 -4.71
C PHE A 38 9.21 -7.25 -5.89
N VAL A 39 8.19 -6.43 -5.64
CA VAL A 39 7.56 -5.63 -6.69
C VAL A 39 8.24 -4.26 -6.83
N GLY A 40 8.89 -3.81 -5.76
CA GLY A 40 9.57 -2.54 -5.78
C GLY A 40 8.96 -1.51 -4.83
N LEU A 41 8.16 -1.97 -3.87
CA LEU A 41 7.54 -1.09 -2.90
C LEU A 41 8.53 -0.70 -1.81
N ARG A 42 8.74 0.61 -1.64
CA ARG A 42 9.67 1.13 -0.65
C ARG A 42 8.98 2.21 0.18
N ALA A 43 9.77 3.18 0.67
CA ALA A 43 9.24 4.27 1.48
C ALA A 43 9.25 5.57 0.69
N GLY A 44 8.09 6.24 0.64
CA GLY A 44 7.99 7.49 -0.08
C GLY A 44 6.85 7.50 -1.11
N ASP A 45 6.43 6.32 -1.54
CA ASP A 45 5.35 6.20 -2.51
C ASP A 45 4.00 6.53 -1.87
N GLN A 46 3.30 7.53 -2.41
CA GLN A 46 2.00 7.94 -1.89
C GLN A 46 0.90 7.03 -2.44
N ILE A 47 0.08 6.49 -1.55
CA ILE A 47 -1.01 5.61 -1.96
C ILE A 47 -2.25 6.42 -2.32
N LEU A 48 -2.76 6.20 -3.53
CA LEU A 48 -3.95 6.91 -4.01
C LEU A 48 -5.19 6.01 -3.94
N ALA A 49 -5.01 4.73 -4.29
CA ALA A 49 -6.11 3.77 -4.26
C ALA A 49 -5.74 2.53 -3.45
N VAL A 50 -6.73 1.95 -2.77
CA VAL A 50 -6.53 0.74 -1.97
C VAL A 50 -7.63 -0.27 -2.27
N ASN A 51 -7.24 -1.36 -2.90
CA ASN A 51 -8.18 -2.42 -3.28
C ASN A 51 -8.97 -1.98 -4.51
N GLU A 52 -8.30 -1.18 -5.36
CA GLU A 52 -8.88 -0.65 -6.61
C GLU A 52 -9.75 0.60 -6.37
N ILE A 53 -9.92 1.00 -5.11
CA ILE A 53 -10.72 2.18 -4.80
C ILE A 53 -9.87 3.31 -4.23
N ASN A 54 -9.96 4.49 -4.85
CA ASN A 54 -9.20 5.65 -4.42
C ASN A 54 -9.55 6.04 -2.98
N VAL A 55 -8.53 6.13 -2.14
CA VAL A 55 -8.72 6.49 -0.74
C VAL A 55 -7.52 7.30 -0.21
N LYS A 56 -7.02 8.21 -1.04
CA LYS A 56 -5.88 9.05 -0.66
C LYS A 56 -6.19 9.93 0.57
N LYS A 57 -7.46 10.29 0.73
CA LYS A 57 -7.87 11.12 1.86
C LYS A 57 -8.91 10.40 2.73
N ALA A 58 -8.85 9.06 2.76
CA ALA A 58 -9.78 8.26 3.53
C ALA A 58 -9.28 8.05 4.97
N SER A 59 -10.00 7.23 5.73
CA SER A 59 -9.65 6.93 7.11
C SER A 59 -8.76 5.70 7.18
N HIS A 60 -7.77 5.78 8.06
CA HIS A 60 -6.81 4.71 8.26
C HIS A 60 -7.50 3.37 8.53
N GLU A 61 -8.52 3.39 9.38
CA GLU A 61 -9.26 2.16 9.70
C GLU A 61 -10.00 1.65 8.47
N ASP A 62 -10.57 2.57 7.69
CA ASP A 62 -11.30 2.21 6.49
C ASP A 62 -10.35 1.59 5.46
N VAL A 63 -9.17 2.17 5.31
CA VAL A 63 -8.18 1.67 4.37
C VAL A 63 -7.70 0.28 4.77
N VAL A 64 -7.45 0.08 6.06
CA VAL A 64 -7.02 -1.21 6.56
C VAL A 64 -8.12 -2.24 6.37
N LYS A 65 -9.36 -1.81 6.60
CA LYS A 65 -10.52 -2.68 6.47
C LYS A 65 -10.60 -3.26 5.06
N LEU A 66 -10.31 -2.43 4.06
CA LEU A 66 -10.34 -2.88 2.67
C LEU A 66 -9.24 -3.90 2.40
N ILE A 67 -8.05 -3.62 2.93
CA ILE A 67 -6.92 -4.52 2.75
C ILE A 67 -7.14 -5.84 3.48
N GLY A 68 -7.72 -5.77 4.67
CA GLY A 68 -8.00 -6.96 5.44
C GLY A 68 -9.12 -7.81 4.85
N LYS A 69 -9.92 -7.21 3.96
CA LYS A 69 -11.02 -7.91 3.33
C LYS A 69 -10.54 -9.03 2.40
N CYS A 70 -9.50 -8.75 1.63
CA CYS A 70 -8.93 -9.73 0.71
C CYS A 70 -8.30 -10.90 1.47
N SER A 71 -7.32 -10.57 2.32
CA SER A 71 -6.61 -11.56 3.13
C SER A 71 -5.85 -12.56 2.25
N GLY A 72 -5.45 -12.11 1.06
CA GLY A 72 -4.72 -12.96 0.14
C GLY A 72 -3.82 -12.18 -0.79
N VAL A 73 -4.31 -11.02 -1.28
CA VAL A 73 -3.53 -10.18 -2.18
C VAL A 73 -3.92 -8.71 -2.03
N LEU A 74 -2.90 -7.85 -2.04
CA LEU A 74 -3.11 -6.41 -1.91
C LEU A 74 -3.00 -5.71 -3.26
N HIS A 75 -3.90 -4.76 -3.50
CA HIS A 75 -3.91 -4.00 -4.75
C HIS A 75 -4.00 -2.50 -4.45
N MET A 76 -2.84 -1.84 -4.41
CA MET A 76 -2.80 -0.40 -4.12
C MET A 76 -2.22 0.39 -5.30
N VAL A 77 -2.81 1.56 -5.55
CA VAL A 77 -2.36 2.42 -6.64
C VAL A 77 -1.58 3.61 -6.08
N ILE A 78 -0.25 3.47 -6.05
CA ILE A 78 0.62 4.51 -5.53
C ILE A 78 1.22 5.35 -6.67
N ALA A 79 1.68 6.55 -6.33
CA ALA A 79 2.28 7.44 -7.32
C ALA A 79 3.71 7.82 -6.93
N GLU A 80 4.55 8.04 -7.96
CA GLU A 80 5.94 8.40 -7.75
C GLU A 80 6.13 9.91 -7.85
N GLY A 81 6.44 10.54 -6.71
CA GLY A 81 6.65 11.99 -6.70
C GLY A 81 7.66 12.41 -5.66
N VAL A 82 8.82 11.77 -5.68
CA VAL A 82 9.90 12.07 -4.73
C VAL A 82 11.23 12.25 -5.46
N GLY A 83 12.06 13.16 -4.94
CA GLY A 83 13.36 13.42 -5.55
C GLY A 83 14.46 12.55 -4.99
N PRO A 1 4.14 10.95 -10.83
CA PRO A 1 4.93 10.54 -12.02
C PRO A 1 5.05 9.01 -12.13
N ARG A 2 4.82 8.49 -13.34
CA ARG A 2 4.90 7.06 -13.60
C ARG A 2 3.94 6.28 -12.69
N VAL A 3 2.66 6.70 -12.68
CA VAL A 3 1.64 6.05 -11.87
C VAL A 3 1.48 4.58 -12.25
N ARG A 4 1.66 3.70 -11.27
CA ARG A 4 1.54 2.26 -11.49
C ARG A 4 0.81 1.57 -10.35
N SER A 5 0.42 0.32 -10.57
CA SER A 5 -0.30 -0.46 -9.56
C SER A 5 0.61 -1.52 -8.92
N VAL A 6 0.60 -1.59 -7.60
CA VAL A 6 1.42 -2.56 -6.87
C VAL A 6 0.55 -3.69 -6.31
N GLU A 7 0.98 -4.93 -6.55
CA GLU A 7 0.25 -6.11 -6.08
C GLU A 7 1.10 -6.94 -5.12
N VAL A 8 0.65 -7.04 -3.87
CA VAL A 8 1.38 -7.80 -2.86
C VAL A 8 0.64 -9.09 -2.48
N ALA A 9 1.37 -10.19 -2.42
CA ALA A 9 0.80 -11.49 -2.07
C ALA A 9 0.84 -11.70 -0.56
N ARG A 10 -0.28 -11.36 0.09
CA ARG A 10 -0.41 -11.50 1.54
C ARG A 10 0.04 -12.89 2.01
N GLY A 11 1.04 -12.93 2.90
CA GLY A 11 1.54 -14.19 3.40
C GLY A 11 0.55 -14.89 4.31
N ARG A 12 0.57 -14.53 5.60
CA ARG A 12 -0.35 -15.11 6.58
C ARG A 12 -0.74 -14.09 7.64
N ALA A 13 0.25 -13.47 8.26
CA ALA A 13 0.00 -12.47 9.29
C ALA A 13 0.48 -11.08 8.85
N GLY A 14 0.46 -10.83 7.54
CA GLY A 14 0.89 -9.55 7.02
C GLY A 14 1.58 -9.65 5.67
N TYR A 15 1.72 -8.52 4.98
CA TYR A 15 2.36 -8.49 3.67
C TYR A 15 3.86 -8.29 3.81
N GLY A 16 4.25 -7.11 4.28
CA GLY A 16 5.65 -6.80 4.46
C GLY A 16 5.98 -5.35 4.14
N PHE A 17 5.30 -4.44 4.81
CA PHE A 17 5.51 -3.01 4.60
C PHE A 17 4.85 -2.18 5.69
N THR A 18 5.43 -1.04 6.01
CA THR A 18 4.90 -0.16 7.03
C THR A 18 4.06 0.94 6.39
N LEU A 19 2.75 0.86 6.57
CA LEU A 19 1.82 1.84 6.01
C LEU A 19 1.25 2.74 7.10
N SER A 20 1.13 4.02 6.77
CA SER A 20 0.59 5.01 7.70
C SER A 20 -0.11 6.13 6.94
N GLY A 21 -0.95 6.88 7.64
CA GLY A 21 -1.67 7.97 7.00
C GLY A 21 -3.11 8.03 7.42
N GLN A 22 -3.35 8.63 8.58
CA GLN A 22 -4.71 8.77 9.11
C GLN A 22 -5.67 9.30 8.04
N ALA A 23 -5.18 10.25 7.25
CA ALA A 23 -5.95 10.83 6.16
C ALA A 23 -5.33 10.47 4.80
N PRO A 24 -4.09 10.93 4.54
CA PRO A 24 -3.39 10.63 3.28
C PRO A 24 -2.57 9.35 3.39
N CYS A 25 -3.16 8.22 2.98
CA CYS A 25 -2.48 6.93 3.04
C CYS A 25 -1.11 7.01 2.35
N VAL A 26 -0.05 6.78 3.13
CA VAL A 26 1.32 6.84 2.61
C VAL A 26 2.15 5.65 3.08
N LEU A 27 3.04 5.17 2.23
CA LEU A 27 3.91 4.06 2.57
C LEU A 27 5.20 4.57 3.21
N SER A 28 5.20 4.65 4.54
CA SER A 28 6.37 5.14 5.28
C SER A 28 7.63 4.33 4.99
N CYS A 29 7.52 3.01 5.13
CA CYS A 29 8.65 2.12 4.89
C CYS A 29 8.20 0.76 4.36
N VAL A 30 9.13 0.02 3.77
CA VAL A 30 8.84 -1.31 3.23
C VAL A 30 9.72 -2.35 3.89
N MET A 31 9.26 -3.60 3.94
CA MET A 31 10.01 -4.69 4.56
C MET A 31 10.82 -5.43 3.51
N ARG A 32 12.10 -5.09 3.45
CA ARG A 32 13.04 -5.71 2.51
C ARG A 32 13.03 -7.23 2.65
N GLY A 33 12.82 -7.92 1.53
CA GLY A 33 12.79 -9.38 1.55
C GLY A 33 11.38 -9.94 1.57
N SER A 34 10.39 -9.10 1.91
CA SER A 34 9.00 -9.51 1.95
C SER A 34 8.34 -9.31 0.58
N PRO A 35 7.14 -9.89 0.36
CA PRO A 35 6.42 -9.77 -0.92
C PRO A 35 6.25 -8.31 -1.39
N ALA A 36 6.25 -7.37 -0.44
CA ALA A 36 6.12 -5.96 -0.77
C ALA A 36 7.29 -5.48 -1.64
N ASP A 37 8.51 -5.81 -1.19
CA ASP A 37 9.72 -5.44 -1.92
C ASP A 37 9.85 -6.25 -3.21
N PHE A 38 9.27 -7.45 -3.23
CA PHE A 38 9.32 -8.32 -4.41
C PHE A 38 8.70 -7.64 -5.64
N VAL A 39 7.80 -6.67 -5.40
CA VAL A 39 7.14 -5.95 -6.47
C VAL A 39 7.95 -4.72 -6.90
N GLY A 40 8.69 -4.15 -5.96
CA GLY A 40 9.50 -2.98 -6.26
C GLY A 40 8.88 -1.70 -5.72
N LEU A 41 8.43 -1.75 -4.46
CA LEU A 41 7.82 -0.59 -3.82
C LEU A 41 8.88 0.45 -3.48
N ARG A 42 8.45 1.56 -2.87
CA ARG A 42 9.38 2.62 -2.49
C ARG A 42 9.00 3.23 -1.15
N ALA A 43 9.86 3.02 -0.15
CA ALA A 43 9.63 3.56 1.19
C ALA A 43 9.67 5.08 1.17
N GLY A 44 8.50 5.70 1.24
CA GLY A 44 8.42 7.15 1.21
C GLY A 44 7.40 7.68 0.21
N ASP A 45 6.89 6.79 -0.66
CA ASP A 45 5.91 7.18 -1.68
C ASP A 45 4.51 7.26 -1.07
N GLN A 46 3.60 7.88 -1.80
CA GLN A 46 2.22 8.04 -1.35
C GLN A 46 1.29 7.06 -2.06
N ILE A 47 0.17 6.77 -1.41
CA ILE A 47 -0.83 5.86 -1.95
C ILE A 47 -2.09 6.62 -2.38
N LEU A 48 -2.73 6.15 -3.44
CA LEU A 48 -3.94 6.79 -3.94
C LEU A 48 -5.13 5.83 -3.88
N ALA A 49 -4.99 4.69 -4.54
CA ALA A 49 -6.05 3.67 -4.56
C ALA A 49 -5.65 2.45 -3.75
N VAL A 50 -6.61 1.91 -2.99
CA VAL A 50 -6.38 0.73 -2.17
C VAL A 50 -7.57 -0.21 -2.27
N ASN A 51 -7.36 -1.36 -2.91
CA ASN A 51 -8.42 -2.34 -3.12
C ASN A 51 -9.36 -1.85 -4.22
N GLU A 52 -8.77 -1.19 -5.22
CA GLU A 52 -9.48 -0.64 -6.38
C GLU A 52 -10.27 0.64 -6.05
N ILE A 53 -10.22 1.08 -4.78
CA ILE A 53 -10.92 2.28 -4.36
C ILE A 53 -9.95 3.34 -3.83
N ASN A 54 -10.13 4.58 -4.28
CA ASN A 54 -9.29 5.70 -3.87
C ASN A 54 -9.51 6.08 -2.41
N VAL A 55 -8.47 6.59 -1.78
CA VAL A 55 -8.53 7.00 -0.38
C VAL A 55 -7.58 8.16 -0.08
N LYS A 56 -7.73 9.27 -0.81
CA LYS A 56 -6.88 10.44 -0.63
C LYS A 56 -7.00 11.01 0.78
N LYS A 57 -8.21 11.02 1.32
CA LYS A 57 -8.45 11.53 2.68
C LYS A 57 -9.26 10.54 3.52
N ALA A 58 -9.09 9.24 3.24
CA ALA A 58 -9.80 8.21 3.97
C ALA A 58 -9.16 7.93 5.33
N SER A 59 -9.79 7.06 6.11
CA SER A 59 -9.27 6.71 7.43
C SER A 59 -8.44 5.44 7.38
N HIS A 60 -7.44 5.42 8.25
CA HIS A 60 -6.52 4.30 8.36
C HIS A 60 -7.27 2.99 8.63
N GLU A 61 -8.27 3.04 9.49
CA GLU A 61 -9.06 1.86 9.81
C GLU A 61 -9.81 1.36 8.59
N ASP A 62 -10.37 2.28 7.82
CA ASP A 62 -11.10 1.91 6.61
C ASP A 62 -10.15 1.38 5.55
N VAL A 63 -9.00 2.04 5.41
CA VAL A 63 -7.99 1.64 4.44
C VAL A 63 -7.37 0.29 4.82
N VAL A 64 -7.08 0.12 6.11
CA VAL A 64 -6.50 -1.12 6.59
C VAL A 64 -7.52 -2.25 6.45
N LYS A 65 -8.78 -1.93 6.73
CA LYS A 65 -9.86 -2.90 6.63
C LYS A 65 -9.94 -3.48 5.22
N LEU A 66 -9.76 -2.63 4.21
CA LEU A 66 -9.81 -3.05 2.82
C LEU A 66 -8.65 -3.99 2.50
N ILE A 67 -7.47 -3.64 2.99
CA ILE A 67 -6.27 -4.45 2.77
C ILE A 67 -6.39 -5.80 3.49
N GLY A 68 -6.94 -5.76 4.72
CA GLY A 68 -7.12 -6.99 5.48
C GLY A 68 -8.42 -7.72 5.15
N LYS A 69 -9.12 -7.26 4.12
CA LYS A 69 -10.37 -7.87 3.70
C LYS A 69 -10.14 -8.95 2.64
N CYS A 70 -9.12 -8.75 1.80
CA CYS A 70 -8.80 -9.70 0.74
C CYS A 70 -8.32 -11.04 1.33
N SER A 71 -7.30 -10.97 2.17
CA SER A 71 -6.74 -12.16 2.82
C SER A 71 -6.11 -13.09 1.78
N GLY A 72 -5.50 -12.49 0.75
CA GLY A 72 -4.87 -13.27 -0.30
C GLY A 72 -3.90 -12.44 -1.12
N VAL A 73 -4.31 -11.22 -1.48
CA VAL A 73 -3.47 -10.34 -2.28
C VAL A 73 -3.98 -8.89 -2.21
N LEU A 74 -3.04 -7.95 -2.10
CA LEU A 74 -3.38 -6.53 -2.04
C LEU A 74 -3.12 -5.83 -3.37
N HIS A 75 -4.07 -5.00 -3.78
CA HIS A 75 -3.97 -4.25 -5.02
C HIS A 75 -4.18 -2.76 -4.78
N MET A 76 -3.07 -2.00 -4.73
CA MET A 76 -3.14 -0.56 -4.50
C MET A 76 -2.27 0.22 -5.48
N VAL A 77 -2.78 1.37 -5.93
CA VAL A 77 -2.06 2.22 -6.88
C VAL A 77 -1.20 3.23 -6.14
N ILE A 78 0.11 3.19 -6.38
CA ILE A 78 1.05 4.10 -5.75
C ILE A 78 1.42 5.26 -6.68
N ALA A 79 2.12 6.26 -6.11
CA ALA A 79 2.54 7.43 -6.88
C ALA A 79 3.85 8.01 -6.33
N GLU A 80 4.65 8.60 -7.23
CA GLU A 80 5.93 9.18 -6.85
C GLU A 80 5.82 10.69 -6.65
N GLY A 81 6.82 11.27 -6.00
CA GLY A 81 6.84 12.70 -5.76
C GLY A 81 8.23 13.27 -5.58
N VAL A 82 9.21 12.66 -6.26
CA VAL A 82 10.59 13.11 -6.17
C VAL A 82 11.25 13.15 -7.56
N GLY A 83 10.45 13.48 -8.57
CA GLY A 83 10.95 13.54 -9.93
C GLY A 83 10.79 12.22 -10.68
N PRO A 1 5.76 12.65 -12.20
CA PRO A 1 4.68 12.01 -11.40
C PRO A 1 3.93 10.94 -12.21
N ARG A 2 4.34 9.69 -12.06
CA ARG A 2 3.71 8.58 -12.76
C ARG A 2 2.96 7.66 -11.80
N VAL A 3 1.96 6.94 -12.33
CA VAL A 3 1.17 6.02 -11.52
C VAL A 3 1.77 4.62 -11.51
N ARG A 4 1.97 4.07 -10.32
CA ARG A 4 2.54 2.73 -10.17
C ARG A 4 1.60 1.82 -9.37
N SER A 5 1.28 0.66 -9.95
CA SER A 5 0.40 -0.30 -9.30
C SER A 5 1.21 -1.39 -8.60
N VAL A 6 1.02 -1.52 -7.28
CA VAL A 6 1.74 -2.52 -6.49
C VAL A 6 0.78 -3.57 -5.93
N GLU A 7 1.12 -4.84 -6.10
CA GLU A 7 0.30 -5.94 -5.61
C GLU A 7 1.04 -6.73 -4.54
N VAL A 8 0.53 -6.67 -3.31
CA VAL A 8 1.13 -7.38 -2.19
C VAL A 8 0.48 -8.73 -1.96
N ALA A 9 1.30 -9.76 -1.78
CA ALA A 9 0.82 -11.11 -1.55
C ALA A 9 0.89 -11.48 -0.07
N ARG A 10 -0.23 -11.34 0.62
CA ARG A 10 -0.30 -11.66 2.05
C ARG A 10 0.34 -13.02 2.35
N GLY A 11 1.40 -13.00 3.16
CA GLY A 11 2.08 -14.24 3.51
C GLY A 11 1.29 -15.09 4.48
N ARG A 12 1.75 -15.14 5.73
CA ARG A 12 1.09 -15.93 6.76
C ARG A 12 0.73 -15.06 7.97
N ALA A 13 1.68 -14.25 8.42
CA ALA A 13 1.43 -13.36 9.55
C ALA A 13 1.79 -11.90 9.22
N GLY A 14 1.41 -11.46 8.02
CA GLY A 14 1.70 -10.09 7.60
C GLY A 14 1.69 -9.92 6.09
N TYR A 15 1.96 -8.68 5.65
CA TYR A 15 1.98 -8.36 4.23
C TYR A 15 3.40 -8.04 3.75
N GLY A 16 4.15 -7.29 4.57
CA GLY A 16 5.51 -6.92 4.23
C GLY A 16 5.69 -5.43 3.98
N PHE A 17 4.80 -4.61 4.56
CA PHE A 17 4.86 -3.16 4.40
C PHE A 17 4.15 -2.46 5.54
N THR A 18 4.53 -1.20 5.80
CA THR A 18 3.92 -0.41 6.87
C THR A 18 3.08 0.73 6.30
N LEU A 19 1.89 0.92 6.87
CA LEU A 19 0.98 1.98 6.44
C LEU A 19 0.69 2.95 7.59
N SER A 20 0.85 4.24 7.30
CA SER A 20 0.61 5.28 8.31
C SER A 20 0.18 6.60 7.64
N GLY A 21 -0.16 7.59 8.46
CA GLY A 21 -0.57 8.89 7.95
C GLY A 21 -1.96 9.27 8.41
N GLN A 22 -2.89 8.33 8.32
CA GLN A 22 -4.28 8.52 8.73
C GLN A 22 -4.92 9.73 8.05
N ALA A 23 -4.61 9.92 6.76
CA ALA A 23 -5.15 11.02 5.97
C ALA A 23 -4.52 11.05 4.58
N PRO A 24 -3.19 11.24 4.49
CA PRO A 24 -2.46 11.28 3.22
C PRO A 24 -2.29 9.90 2.57
N CYS A 25 -2.26 8.86 3.43
CA CYS A 25 -2.07 7.50 2.96
C CYS A 25 -0.79 7.39 2.16
N VAL A 26 0.27 7.04 2.85
CA VAL A 26 1.59 6.91 2.24
C VAL A 26 2.39 5.78 2.89
N LEU A 27 3.18 5.09 2.09
CA LEU A 27 4.01 3.98 2.59
C LEU A 27 5.08 4.51 3.55
N SER A 28 5.07 4.00 4.77
CA SER A 28 6.03 4.43 5.78
C SER A 28 7.37 3.70 5.62
N CYS A 29 7.29 2.39 5.34
CA CYS A 29 8.49 1.57 5.15
C CYS A 29 8.14 0.16 4.68
N VAL A 30 9.07 -0.46 3.95
CA VAL A 30 8.86 -1.82 3.44
C VAL A 30 9.90 -2.78 4.02
N MET A 31 9.55 -4.07 4.05
CA MET A 31 10.45 -5.09 4.58
C MET A 31 11.17 -5.79 3.44
N ARG A 32 12.41 -5.39 3.23
CA ARG A 32 13.25 -5.96 2.17
C ARG A 32 13.26 -7.48 2.24
N GLY A 33 12.89 -8.12 1.13
CA GLY A 33 12.86 -9.57 1.07
C GLY A 33 11.45 -10.12 1.28
N SER A 34 10.44 -9.30 0.98
CA SER A 34 9.05 -9.71 1.13
C SER A 34 8.31 -9.55 -0.20
N PRO A 35 7.10 -10.14 -0.32
CA PRO A 35 6.29 -10.06 -1.54
C PRO A 35 6.05 -8.61 -1.99
N ALA A 36 6.08 -7.68 -1.04
CA ALA A 36 5.87 -6.27 -1.33
C ALA A 36 7.05 -5.69 -2.11
N ASP A 37 8.26 -5.95 -1.62
CA ASP A 37 9.48 -5.48 -2.27
C ASP A 37 9.70 -6.16 -3.63
N PHE A 38 9.26 -7.41 -3.73
CA PHE A 38 9.40 -8.18 -4.97
C PHE A 38 8.70 -7.49 -6.14
N VAL A 39 7.70 -6.66 -5.83
CA VAL A 39 6.95 -5.95 -6.88
C VAL A 39 7.60 -4.60 -7.21
N GLY A 40 8.26 -4.00 -6.22
CA GLY A 40 8.92 -2.73 -6.44
C GLY A 40 8.26 -1.60 -5.67
N LEU A 41 8.37 -1.63 -4.35
CA LEU A 41 7.78 -0.62 -3.50
C LEU A 41 8.84 0.36 -3.01
N ARG A 42 8.39 1.53 -2.54
CA ARG A 42 9.30 2.55 -2.04
C ARG A 42 8.64 3.36 -0.93
N ALA A 43 9.23 3.33 0.26
CA ALA A 43 8.71 4.07 1.40
C ALA A 43 8.59 5.55 1.09
N GLY A 44 7.36 6.04 1.01
CA GLY A 44 7.13 7.45 0.71
C GLY A 44 6.17 7.64 -0.47
N ASP A 45 5.91 6.57 -1.21
CA ASP A 45 5.01 6.63 -2.37
C ASP A 45 3.58 6.92 -1.92
N GLN A 46 3.09 8.11 -2.26
CA GLN A 46 1.73 8.52 -1.89
C GLN A 46 0.69 7.52 -2.36
N ILE A 47 -0.13 7.05 -1.42
CA ILE A 47 -1.20 6.10 -1.71
C ILE A 47 -2.43 6.83 -2.26
N LEU A 48 -2.88 6.41 -3.44
CA LEU A 48 -4.05 7.03 -4.07
C LEU A 48 -5.26 6.09 -4.04
N ALA A 49 -5.03 4.81 -4.30
CA ALA A 49 -6.11 3.81 -4.30
C ALA A 49 -5.68 2.53 -3.57
N VAL A 50 -6.62 1.91 -2.88
CA VAL A 50 -6.36 0.66 -2.15
C VAL A 50 -7.54 -0.28 -2.28
N ASN A 51 -7.31 -1.42 -2.91
CA ASN A 51 -8.38 -2.41 -3.14
C ASN A 51 -9.28 -1.95 -4.29
N GLU A 52 -8.67 -1.22 -5.23
CA GLU A 52 -9.35 -0.69 -6.41
C GLU A 52 -10.14 0.60 -6.12
N ILE A 53 -10.14 1.05 -4.86
CA ILE A 53 -10.86 2.27 -4.49
C ILE A 53 -9.90 3.35 -3.98
N ASN A 54 -10.10 4.58 -4.46
CA ASN A 54 -9.27 5.71 -4.07
C ASN A 54 -9.40 6.02 -2.59
N VAL A 55 -8.35 6.60 -2.04
CA VAL A 55 -8.31 6.97 -0.63
C VAL A 55 -7.37 8.16 -0.38
N LYS A 56 -7.53 9.20 -1.20
CA LYS A 56 -6.71 10.41 -1.06
C LYS A 56 -6.80 10.99 0.35
N LYS A 57 -8.01 10.99 0.90
CA LYS A 57 -8.23 11.52 2.25
C LYS A 57 -9.17 10.60 3.05
N ALA A 58 -9.11 9.29 2.77
CA ALA A 58 -9.97 8.32 3.45
C ALA A 58 -9.47 8.04 4.87
N SER A 59 -10.15 7.14 5.55
CA SER A 59 -9.78 6.76 6.92
C SER A 59 -8.85 5.57 6.91
N HIS A 60 -7.82 5.67 7.73
CA HIS A 60 -6.82 4.62 7.85
C HIS A 60 -7.43 3.27 8.21
N GLU A 61 -8.36 3.30 9.17
CA GLU A 61 -9.04 2.07 9.60
C GLU A 61 -9.82 1.46 8.44
N ASP A 62 -10.44 2.31 7.64
CA ASP A 62 -11.20 1.86 6.48
C ASP A 62 -10.27 1.26 5.43
N VAL A 63 -9.14 1.93 5.21
CA VAL A 63 -8.15 1.48 4.24
C VAL A 63 -7.55 0.14 4.66
N VAL A 64 -7.28 -0.02 5.95
CA VAL A 64 -6.74 -1.26 6.47
C VAL A 64 -7.77 -2.36 6.32
N LYS A 65 -9.03 -2.02 6.56
CA LYS A 65 -10.12 -2.97 6.44
C LYS A 65 -10.18 -3.58 5.05
N LEU A 66 -10.00 -2.75 4.03
CA LEU A 66 -10.02 -3.21 2.64
C LEU A 66 -8.87 -4.18 2.40
N ILE A 67 -7.71 -3.86 2.92
CA ILE A 67 -6.52 -4.70 2.76
C ILE A 67 -6.73 -6.06 3.43
N GLY A 68 -7.29 -6.03 4.64
CA GLY A 68 -7.56 -7.27 5.37
C GLY A 68 -8.78 -8.01 4.85
N LYS A 69 -9.56 -7.35 4.01
CA LYS A 69 -10.78 -7.95 3.43
C LYS A 69 -10.42 -9.08 2.46
N CYS A 70 -9.35 -8.89 1.69
CA CYS A 70 -8.93 -9.90 0.72
C CYS A 70 -8.36 -11.12 1.42
N SER A 71 -7.40 -10.90 2.32
CA SER A 71 -6.76 -11.98 3.07
C SER A 71 -6.00 -12.91 2.14
N GLY A 72 -5.41 -12.34 1.10
CA GLY A 72 -4.65 -13.12 0.12
C GLY A 72 -3.74 -12.25 -0.73
N VAL A 73 -4.27 -11.12 -1.20
CA VAL A 73 -3.49 -10.20 -2.03
C VAL A 73 -4.15 -8.83 -2.09
N LEU A 74 -3.34 -7.79 -2.01
CA LEU A 74 -3.82 -6.41 -2.06
C LEU A 74 -3.33 -5.69 -3.31
N HIS A 75 -4.16 -4.78 -3.82
CA HIS A 75 -3.83 -4.00 -5.01
C HIS A 75 -3.83 -2.51 -4.67
N MET A 76 -2.63 -1.94 -4.52
CA MET A 76 -2.49 -0.52 -4.18
C MET A 76 -1.96 0.29 -5.35
N VAL A 77 -2.47 1.50 -5.51
CA VAL A 77 -2.04 2.40 -6.58
C VAL A 77 -1.36 3.63 -5.97
N ILE A 78 -0.03 3.59 -5.93
CA ILE A 78 0.75 4.69 -5.37
C ILE A 78 1.44 5.51 -6.45
N ALA A 79 2.01 6.65 -6.05
CA ALA A 79 2.70 7.54 -6.99
C ALA A 79 4.03 8.05 -6.43
N GLU A 80 5.00 8.23 -7.31
CA GLU A 80 6.33 8.72 -6.93
C GLU A 80 6.36 10.25 -6.91
N GLY A 81 6.50 10.82 -5.71
CA GLY A 81 6.55 12.27 -5.58
C GLY A 81 7.94 12.78 -5.28
N VAL A 82 8.93 12.28 -6.03
CA VAL A 82 10.31 12.69 -5.85
C VAL A 82 10.86 13.33 -7.12
N GLY A 83 11.51 14.50 -6.97
CA GLY A 83 12.07 15.19 -8.12
C GLY A 83 13.53 14.84 -8.37
N PRO A 1 0.38 12.20 -12.06
CA PRO A 1 1.52 12.36 -13.01
C PRO A 1 1.93 11.03 -13.64
N ARG A 2 2.36 10.07 -12.80
CA ARG A 2 2.80 8.76 -13.28
C ARG A 2 1.77 7.68 -12.95
N VAL A 3 1.30 7.65 -11.68
CA VAL A 3 0.31 6.68 -11.19
C VAL A 3 0.62 5.24 -11.63
N ARG A 4 1.20 4.46 -10.71
CA ARG A 4 1.57 3.07 -11.00
C ARG A 4 0.89 2.10 -10.02
N SER A 5 0.57 0.90 -10.52
CA SER A 5 -0.07 -0.13 -9.70
C SER A 5 0.93 -1.20 -9.26
N VAL A 6 0.64 -1.87 -8.14
CA VAL A 6 1.51 -2.91 -7.61
C VAL A 6 0.68 -4.09 -7.06
N GLU A 7 1.12 -5.31 -7.37
CA GLU A 7 0.44 -6.52 -6.91
C GLU A 7 1.23 -7.18 -5.77
N VAL A 8 0.67 -7.15 -4.57
CA VAL A 8 1.34 -7.75 -3.40
C VAL A 8 0.68 -9.07 -3.01
N ALA A 9 1.47 -10.15 -3.04
CA ALA A 9 1.00 -11.47 -2.68
C ALA A 9 1.19 -11.75 -1.20
N ARG A 10 0.15 -11.45 -0.41
CA ARG A 10 0.19 -11.66 1.03
C ARG A 10 0.68 -13.07 1.37
N GLY A 11 1.72 -13.16 2.19
CA GLY A 11 2.28 -14.44 2.56
C GLY A 11 1.40 -15.20 3.54
N ARG A 12 1.89 -15.36 4.78
CA ARG A 12 1.14 -16.06 5.82
C ARG A 12 0.77 -15.14 6.97
N ALA A 13 1.69 -14.25 7.34
CA ALA A 13 1.44 -13.30 8.41
C ALA A 13 1.27 -11.87 7.87
N GLY A 14 0.74 -11.75 6.66
CA GLY A 14 0.53 -10.45 6.05
C GLY A 14 1.48 -10.17 4.89
N TYR A 15 1.44 -8.95 4.38
CA TYR A 15 2.30 -8.54 3.27
C TYR A 15 3.71 -8.23 3.74
N GLY A 16 3.82 -7.22 4.61
CA GLY A 16 5.11 -6.81 5.14
C GLY A 16 5.45 -5.38 4.79
N PHE A 17 4.59 -4.46 5.22
CA PHE A 17 4.81 -3.03 4.96
C PHE A 17 4.15 -2.17 6.03
N THR A 18 4.72 -0.99 6.27
CA THR A 18 4.19 -0.07 7.27
C THR A 18 3.33 1.00 6.60
N LEU A 19 2.02 0.95 6.86
CA LEU A 19 1.09 1.91 6.29
C LEU A 19 0.74 2.99 7.30
N SER A 20 0.77 4.24 6.85
CA SER A 20 0.45 5.38 7.70
C SER A 20 -0.16 6.52 6.87
N GLY A 21 -0.38 7.66 7.52
CA GLY A 21 -0.95 8.80 6.84
C GLY A 21 -2.39 9.05 7.23
N GLN A 22 -2.57 9.80 8.33
CA GLN A 22 -3.91 10.12 8.83
C GLN A 22 -4.83 10.54 7.69
N ALA A 23 -4.44 11.61 7.00
CA ALA A 23 -5.21 12.12 5.88
C ALA A 23 -4.66 11.54 4.57
N PRO A 24 -3.38 11.81 4.24
CA PRO A 24 -2.74 11.30 3.02
C PRO A 24 -2.12 9.92 3.23
N CYS A 25 -2.89 8.87 2.89
CA CYS A 25 -2.40 7.50 3.04
C CYS A 25 -1.07 7.31 2.31
N VAL A 26 -0.04 6.96 3.06
CA VAL A 26 1.29 6.76 2.49
C VAL A 26 2.05 5.62 3.16
N LEU A 27 2.97 5.00 2.42
CA LEU A 27 3.77 3.90 2.95
C LEU A 27 5.05 4.43 3.61
N SER A 28 4.98 4.66 4.92
CA SER A 28 6.13 5.17 5.68
C SER A 28 7.38 4.34 5.42
N CYS A 29 7.21 3.01 5.35
CA CYS A 29 8.32 2.09 5.12
C CYS A 29 7.81 0.69 4.81
N VAL A 30 8.68 -0.14 4.21
CA VAL A 30 8.33 -1.52 3.87
C VAL A 30 9.33 -2.49 4.49
N MET A 31 8.89 -3.73 4.73
CA MET A 31 9.75 -4.73 5.31
C MET A 31 10.56 -5.44 4.23
N ARG A 32 11.79 -4.99 4.07
CA ARG A 32 12.70 -5.53 3.07
C ARG A 32 12.76 -7.05 3.16
N GLY A 33 12.45 -7.70 2.05
CA GLY A 33 12.45 -9.16 2.01
C GLY A 33 11.06 -9.76 2.10
N SER A 34 10.05 -8.95 1.77
CA SER A 34 8.66 -9.40 1.81
C SER A 34 8.06 -9.41 0.40
N PRO A 35 6.88 -10.06 0.22
CA PRO A 35 6.20 -10.12 -1.08
C PRO A 35 6.01 -8.74 -1.72
N ALA A 36 5.89 -7.70 -0.88
CA ALA A 36 5.72 -6.33 -1.37
C ALA A 36 7.03 -5.79 -1.93
N ASP A 37 8.12 -6.00 -1.20
CA ASP A 37 9.45 -5.54 -1.63
C ASP A 37 9.88 -6.24 -2.91
N PHE A 38 9.47 -7.50 -3.07
CA PHE A 38 9.82 -8.28 -4.26
C PHE A 38 9.30 -7.62 -5.55
N VAL A 39 8.21 -6.86 -5.43
CA VAL A 39 7.64 -6.17 -6.59
C VAL A 39 8.24 -4.77 -6.76
N GLY A 40 8.73 -4.19 -5.67
CA GLY A 40 9.33 -2.87 -5.72
C GLY A 40 8.72 -1.88 -4.73
N LEU A 41 7.76 -2.33 -3.92
CA LEU A 41 7.12 -1.46 -2.94
C LEU A 41 8.11 -1.09 -1.84
N ARG A 42 8.41 0.20 -1.72
CA ARG A 42 9.34 0.70 -0.72
C ARG A 42 8.72 1.89 0.02
N ALA A 43 9.56 2.80 0.50
CA ALA A 43 9.09 3.98 1.22
C ALA A 43 9.19 5.23 0.36
N GLY A 44 8.25 6.14 0.56
CA GLY A 44 8.23 7.39 -0.21
C GLY A 44 7.10 7.45 -1.22
N ASP A 45 6.50 6.30 -1.55
CA ASP A 45 5.41 6.24 -2.51
C ASP A 45 4.08 6.55 -1.83
N GLN A 46 3.33 7.49 -2.41
CA GLN A 46 2.03 7.88 -1.86
C GLN A 46 0.95 6.91 -2.33
N ILE A 47 0.12 6.48 -1.40
CA ILE A 47 -0.97 5.55 -1.72
C ILE A 47 -2.21 6.31 -2.20
N LEU A 48 -2.66 5.98 -3.40
CA LEU A 48 -3.83 6.63 -3.99
C LEU A 48 -5.04 5.69 -3.97
N ALA A 49 -4.83 4.45 -4.42
CA ALA A 49 -5.89 3.45 -4.46
C ALA A 49 -5.49 2.19 -3.68
N VAL A 50 -6.42 1.66 -2.89
CA VAL A 50 -6.17 0.46 -2.09
C VAL A 50 -7.37 -0.49 -2.20
N ASN A 51 -7.19 -1.57 -2.96
CA ASN A 51 -8.25 -2.54 -3.18
C ASN A 51 -9.27 -1.97 -4.17
N GLU A 52 -8.73 -1.25 -5.18
CA GLU A 52 -9.53 -0.61 -6.22
C GLU A 52 -10.31 0.62 -5.72
N ILE A 53 -10.19 0.93 -4.43
CA ILE A 53 -10.88 2.08 -3.85
C ILE A 53 -9.90 3.15 -3.41
N ASN A 54 -10.03 4.34 -4.00
CA ASN A 54 -9.14 5.47 -3.70
C ASN A 54 -9.40 5.99 -2.28
N VAL A 55 -8.32 6.14 -1.52
CA VAL A 55 -8.41 6.63 -0.15
C VAL A 55 -7.53 7.87 0.05
N LYS A 56 -7.72 8.87 -0.82
CA LYS A 56 -6.96 10.11 -0.76
C LYS A 56 -7.08 10.77 0.62
N LYS A 57 -8.30 10.85 1.14
CA LYS A 57 -8.54 11.45 2.45
C LYS A 57 -9.52 10.59 3.27
N ALA A 58 -9.47 9.27 3.08
CA ALA A 58 -10.34 8.36 3.80
C ALA A 58 -9.85 8.14 5.23
N SER A 59 -10.60 7.34 6.00
CA SER A 59 -10.24 7.06 7.39
C SER A 59 -9.18 5.97 7.44
N HIS A 60 -8.16 6.23 8.26
CA HIS A 60 -7.05 5.30 8.44
C HIS A 60 -7.53 3.90 8.83
N GLU A 61 -8.46 3.84 9.77
CA GLU A 61 -9.00 2.56 10.23
C GLU A 61 -9.75 1.86 9.09
N ASP A 62 -10.53 2.64 8.34
CA ASP A 62 -11.29 2.10 7.22
C ASP A 62 -10.35 1.58 6.14
N VAL A 63 -9.30 2.32 5.86
CA VAL A 63 -8.32 1.93 4.84
C VAL A 63 -7.61 0.64 5.24
N VAL A 64 -7.23 0.53 6.51
CA VAL A 64 -6.56 -0.67 7.00
C VAL A 64 -7.54 -1.84 6.96
N LYS A 65 -8.79 -1.57 7.33
CA LYS A 65 -9.83 -2.60 7.33
C LYS A 65 -10.00 -3.21 5.94
N LEU A 66 -9.94 -2.37 4.91
CA LEU A 66 -10.07 -2.83 3.53
C LEU A 66 -8.91 -3.74 3.13
N ILE A 67 -7.70 -3.36 3.54
CA ILE A 67 -6.51 -4.16 3.23
C ILE A 67 -6.52 -5.47 4.00
N GLY A 68 -6.95 -5.43 5.26
CA GLY A 68 -7.02 -6.63 6.08
C GLY A 68 -7.94 -7.68 5.48
N LYS A 69 -8.94 -7.22 4.72
CA LYS A 69 -9.91 -8.11 4.07
C LYS A 69 -9.27 -8.88 2.90
N CYS A 70 -8.15 -8.38 2.39
CA CYS A 70 -7.46 -9.01 1.29
C CYS A 70 -6.30 -9.85 1.82
N SER A 71 -6.54 -11.15 1.88
CA SER A 71 -5.53 -12.10 2.36
C SER A 71 -4.82 -12.81 1.20
N GLY A 72 -5.52 -12.96 0.07
CA GLY A 72 -4.93 -13.61 -1.08
C GLY A 72 -3.95 -12.70 -1.81
N VAL A 73 -4.39 -11.48 -2.12
CA VAL A 73 -3.55 -10.50 -2.82
C VAL A 73 -4.28 -9.16 -2.99
N LEU A 74 -3.56 -8.08 -2.70
CA LEU A 74 -4.12 -6.73 -2.83
C LEU A 74 -3.40 -5.95 -3.92
N HIS A 75 -4.18 -5.16 -4.66
CA HIS A 75 -3.64 -4.33 -5.75
C HIS A 75 -3.80 -2.86 -5.41
N MET A 76 -2.69 -2.22 -5.03
CA MET A 76 -2.71 -0.80 -4.68
C MET A 76 -2.05 0.04 -5.76
N VAL A 77 -2.53 1.28 -5.90
CA VAL A 77 -1.98 2.20 -6.89
C VAL A 77 -1.21 3.33 -6.22
N ILE A 78 0.11 3.26 -6.30
CA ILE A 78 0.99 4.26 -5.71
C ILE A 78 1.51 5.25 -6.77
N ALA A 79 2.21 6.29 -6.32
CA ALA A 79 2.74 7.30 -7.21
C ALA A 79 3.95 8.01 -6.61
N GLU A 80 5.07 8.00 -7.33
CA GLU A 80 6.28 8.66 -6.86
C GLU A 80 6.47 9.99 -7.58
N GLY A 81 6.53 11.07 -6.81
CA GLY A 81 6.70 12.39 -7.38
C GLY A 81 5.65 13.38 -6.89
N VAL A 82 4.81 13.86 -7.80
CA VAL A 82 3.74 14.80 -7.46
C VAL A 82 4.29 16.07 -6.80
N GLY A 83 4.60 17.07 -7.63
CA GLY A 83 5.13 18.32 -7.12
C GLY A 83 5.39 19.33 -8.22
N PRO A 1 0.31 12.28 -13.83
CA PRO A 1 0.28 11.25 -14.91
C PRO A 1 1.04 9.98 -14.51
N ARG A 2 2.30 10.14 -14.08
CA ARG A 2 3.14 9.02 -13.68
C ARG A 2 2.54 8.28 -12.48
N VAL A 3 1.69 7.29 -12.77
CA VAL A 3 1.03 6.50 -11.73
C VAL A 3 1.01 5.02 -12.09
N ARG A 4 1.26 4.16 -11.10
CA ARG A 4 1.27 2.71 -11.31
C ARG A 4 0.61 1.98 -10.14
N SER A 5 0.36 0.67 -10.32
CA SER A 5 -0.27 -0.15 -9.29
C SER A 5 0.68 -1.25 -8.82
N VAL A 6 0.61 -1.57 -7.53
CA VAL A 6 1.46 -2.61 -6.94
C VAL A 6 0.63 -3.81 -6.48
N GLU A 7 1.17 -5.01 -6.71
CA GLU A 7 0.50 -6.25 -6.32
C GLU A 7 1.26 -6.96 -5.20
N VAL A 8 0.70 -6.94 -3.99
CA VAL A 8 1.34 -7.60 -2.84
C VAL A 8 0.66 -8.93 -2.52
N ALA A 9 1.46 -9.98 -2.46
CA ALA A 9 0.96 -11.33 -2.16
C ALA A 9 1.03 -11.61 -0.66
N ARG A 10 -0.06 -11.32 0.05
CA ARG A 10 -0.14 -11.54 1.49
C ARG A 10 0.23 -12.98 1.84
N GLY A 11 1.24 -13.13 2.69
CA GLY A 11 1.70 -14.45 3.10
C GLY A 11 0.60 -15.25 3.80
N ARG A 12 0.18 -14.79 4.97
CA ARG A 12 -0.87 -15.46 5.74
C ARG A 12 -1.45 -14.55 6.81
N ALA A 13 -0.57 -13.92 7.58
CA ALA A 13 -1.00 -13.01 8.64
C ALA A 13 -0.23 -11.68 8.58
N GLY A 14 0.25 -11.32 7.39
CA GLY A 14 0.98 -10.07 7.23
C GLY A 14 1.44 -9.86 5.79
N TYR A 15 1.84 -8.62 5.49
CA TYR A 15 2.30 -8.28 4.14
C TYR A 15 3.82 -8.06 4.10
N GLY A 16 4.26 -6.92 4.65
CA GLY A 16 5.67 -6.60 4.67
C GLY A 16 5.93 -5.12 4.45
N PHE A 17 5.25 -4.29 5.22
CA PHE A 17 5.39 -2.84 5.11
C PHE A 17 4.74 -2.14 6.30
N THR A 18 4.76 -0.80 6.29
CA THR A 18 4.16 -0.03 7.38
C THR A 18 3.29 1.11 6.84
N LEU A 19 2.21 1.40 7.56
CA LEU A 19 1.29 2.46 7.15
C LEU A 19 1.03 3.42 8.32
N SER A 20 1.29 4.71 8.08
CA SER A 20 1.08 5.74 9.12
C SER A 20 0.40 6.99 8.55
N GLY A 21 -0.16 6.85 7.36
CA GLY A 21 -0.83 7.98 6.73
C GLY A 21 -2.27 8.11 7.18
N GLN A 22 -2.48 8.79 8.31
CA GLN A 22 -3.83 8.98 8.86
C GLN A 22 -4.82 9.36 7.77
N ALA A 23 -4.59 10.51 7.15
CA ALA A 23 -5.44 10.98 6.06
C ALA A 23 -4.87 10.57 4.71
N PRO A 24 -3.64 11.02 4.38
CA PRO A 24 -2.97 10.67 3.13
C PRO A 24 -2.19 9.36 3.25
N CYS A 25 -2.84 8.25 2.89
CA CYS A 25 -2.20 6.94 2.97
C CYS A 25 -0.87 6.92 2.21
N VAL A 26 0.21 6.62 2.92
CA VAL A 26 1.54 6.58 2.32
C VAL A 26 2.39 5.49 2.96
N LEU A 27 3.27 4.88 2.17
CA LEU A 27 4.14 3.83 2.67
C LEU A 27 5.35 4.43 3.38
N SER A 28 5.23 4.61 4.69
CA SER A 28 6.31 5.17 5.51
C SER A 28 7.61 4.38 5.34
N CYS A 29 7.48 3.07 5.16
CA CYS A 29 8.65 2.20 4.96
C CYS A 29 8.23 0.79 4.53
N VAL A 30 9.17 0.05 3.95
CA VAL A 30 8.91 -1.31 3.50
C VAL A 30 9.77 -2.32 4.27
N MET A 31 9.30 -3.55 4.37
CA MET A 31 10.02 -4.61 5.07
C MET A 31 10.79 -5.49 4.10
N ARG A 32 12.08 -5.20 3.98
CA ARG A 32 12.97 -5.94 3.09
C ARG A 32 12.84 -7.45 3.31
N GLY A 33 12.60 -8.16 2.21
CA GLY A 33 12.44 -9.60 2.27
C GLY A 33 10.99 -10.04 2.33
N SER A 34 10.09 -9.19 1.84
CA SER A 34 8.67 -9.49 1.82
C SER A 34 8.10 -9.30 0.41
N PRO A 35 6.86 -9.74 0.17
CA PRO A 35 6.20 -9.62 -1.14
C PRO A 35 6.11 -8.16 -1.62
N ALA A 36 6.27 -7.21 -0.70
CA ALA A 36 6.17 -5.80 -1.04
C ALA A 36 7.38 -5.33 -1.86
N ASP A 37 8.59 -5.62 -1.38
CA ASP A 37 9.81 -5.23 -2.09
C ASP A 37 10.01 -6.07 -3.35
N PHE A 38 9.53 -7.31 -3.33
CA PHE A 38 9.65 -8.21 -4.49
C PHE A 38 8.98 -7.61 -5.73
N VAL A 39 7.97 -6.77 -5.50
CA VAL A 39 7.24 -6.12 -6.59
C VAL A 39 7.90 -4.79 -6.96
N GLY A 40 8.14 -3.96 -5.95
CA GLY A 40 8.76 -2.67 -6.20
C GLY A 40 8.27 -1.59 -5.24
N LEU A 41 8.22 -1.92 -3.95
CA LEU A 41 7.78 -0.96 -2.94
C LEU A 41 8.97 -0.16 -2.42
N ARG A 42 8.78 1.15 -2.31
CA ARG A 42 9.82 2.05 -1.83
C ARG A 42 9.21 3.19 -1.01
N ALA A 43 9.63 3.27 0.25
CA ALA A 43 9.14 4.31 1.16
C ALA A 43 9.14 5.68 0.49
N GLY A 44 7.98 6.34 0.52
CA GLY A 44 7.86 7.65 -0.09
C GLY A 44 6.73 7.70 -1.11
N ASP A 45 6.40 6.56 -1.70
CA ASP A 45 5.33 6.48 -2.68
C ASP A 45 3.98 6.74 -2.03
N GLN A 46 3.27 7.77 -2.51
CA GLN A 46 1.97 8.12 -1.98
C GLN A 46 0.90 7.17 -2.49
N ILE A 47 0.13 6.59 -1.57
CA ILE A 47 -0.94 5.67 -1.94
C ILE A 47 -2.20 6.44 -2.33
N LEU A 48 -2.63 6.25 -3.56
CA LEU A 48 -3.83 6.92 -4.07
C LEU A 48 -5.05 6.01 -3.96
N ALA A 49 -4.88 4.74 -4.30
CA ALA A 49 -5.96 3.76 -4.24
C ALA A 49 -5.54 2.52 -3.45
N VAL A 50 -6.46 1.99 -2.65
CA VAL A 50 -6.20 0.80 -1.83
C VAL A 50 -7.34 -0.20 -1.99
N ASN A 51 -7.05 -1.34 -2.62
CA ASN A 51 -8.04 -2.37 -2.85
C ASN A 51 -8.96 -1.96 -4.00
N GLU A 52 -8.38 -1.19 -4.94
CA GLU A 52 -9.07 -0.69 -6.13
C GLU A 52 -9.91 0.57 -5.83
N ILE A 53 -9.96 1.01 -4.58
CA ILE A 53 -10.72 2.20 -4.22
C ILE A 53 -9.80 3.32 -3.73
N ASN A 54 -9.96 4.51 -4.31
CA ASN A 54 -9.16 5.68 -3.96
C ASN A 54 -9.40 6.10 -2.51
N VAL A 55 -8.31 6.33 -1.78
CA VAL A 55 -8.39 6.75 -0.38
C VAL A 55 -7.41 7.88 -0.08
N LYS A 56 -7.55 8.99 -0.80
CA LYS A 56 -6.68 10.15 -0.62
C LYS A 56 -6.82 10.73 0.79
N LYS A 57 -8.05 10.78 1.29
CA LYS A 57 -8.32 11.30 2.63
C LYS A 57 -9.24 10.37 3.43
N ALA A 58 -9.14 9.07 3.15
CA ALA A 58 -9.97 8.08 3.84
C ALA A 58 -9.45 7.78 5.24
N SER A 59 -10.13 6.89 5.95
CA SER A 59 -9.74 6.51 7.30
C SER A 59 -8.75 5.35 7.27
N HIS A 60 -7.72 5.48 8.09
CA HIS A 60 -6.67 4.48 8.18
C HIS A 60 -7.23 3.11 8.50
N GLU A 61 -8.17 3.04 9.44
CA GLU A 61 -8.78 1.78 9.82
C GLU A 61 -9.55 1.18 8.64
N ASP A 62 -10.28 2.03 7.93
CA ASP A 62 -11.04 1.60 6.76
C ASP A 62 -10.10 1.10 5.67
N VAL A 63 -9.00 1.81 5.47
CA VAL A 63 -8.02 1.44 4.45
C VAL A 63 -7.37 0.11 4.79
N VAL A 64 -7.02 -0.09 6.06
CA VAL A 64 -6.41 -1.33 6.50
C VAL A 64 -7.42 -2.47 6.37
N LYS A 65 -8.67 -2.16 6.71
CA LYS A 65 -9.73 -3.14 6.62
C LYS A 65 -9.87 -3.69 5.20
N LEU A 66 -9.75 -2.82 4.21
CA LEU A 66 -9.84 -3.22 2.81
C LEU A 66 -8.66 -4.12 2.43
N ILE A 67 -7.47 -3.75 2.89
CA ILE A 67 -6.27 -4.53 2.62
C ILE A 67 -6.34 -5.89 3.28
N GLY A 68 -6.81 -5.91 4.53
CA GLY A 68 -6.94 -7.16 5.26
C GLY A 68 -8.16 -7.97 4.84
N LYS A 69 -9.09 -7.33 4.13
CA LYS A 69 -10.31 -8.00 3.67
C LYS A 69 -10.01 -9.11 2.67
N CYS A 70 -9.05 -8.85 1.77
CA CYS A 70 -8.68 -9.84 0.75
C CYS A 70 -8.11 -11.10 1.39
N SER A 71 -7.09 -10.93 2.22
CA SER A 71 -6.45 -12.05 2.90
C SER A 71 -5.75 -12.98 1.90
N GLY A 72 -5.19 -12.38 0.85
CA GLY A 72 -4.51 -13.15 -0.17
C GLY A 72 -3.62 -12.28 -1.05
N VAL A 73 -4.14 -11.13 -1.48
CA VAL A 73 -3.39 -10.22 -2.33
C VAL A 73 -3.98 -8.81 -2.29
N LEU A 74 -3.09 -7.81 -2.25
CA LEU A 74 -3.51 -6.41 -2.22
C LEU A 74 -3.27 -5.73 -3.56
N HIS A 75 -4.20 -4.85 -3.93
CA HIS A 75 -4.10 -4.11 -5.19
C HIS A 75 -4.27 -2.61 -4.93
N MET A 76 -3.14 -1.90 -4.83
CA MET A 76 -3.16 -0.47 -4.57
C MET A 76 -2.43 0.30 -5.67
N VAL A 77 -2.81 1.57 -5.84
CA VAL A 77 -2.20 2.43 -6.86
C VAL A 77 -1.38 3.54 -6.20
N ILE A 78 -0.06 3.46 -6.36
CA ILE A 78 0.85 4.45 -5.78
C ILE A 78 1.40 5.38 -6.87
N ALA A 79 1.61 6.64 -6.49
CA ALA A 79 2.14 7.64 -7.42
C ALA A 79 3.55 8.07 -7.03
N GLU A 80 4.44 8.13 -8.01
CA GLU A 80 5.82 8.53 -7.78
C GLU A 80 6.06 9.97 -8.23
N GLY A 81 6.74 10.75 -7.39
CA GLY A 81 7.03 12.13 -7.72
C GLY A 81 5.78 13.00 -7.71
N VAL A 82 5.41 13.49 -6.53
CA VAL A 82 4.23 14.34 -6.38
C VAL A 82 4.42 15.68 -7.08
N GLY A 83 3.61 15.93 -8.11
CA GLY A 83 3.70 17.17 -8.86
C GLY A 83 4.28 16.97 -10.24
N PRO A 1 7.24 10.66 -10.68
CA PRO A 1 6.23 10.84 -11.75
C PRO A 1 5.66 9.50 -12.22
N ARG A 2 4.50 9.55 -12.89
CA ARG A 2 3.84 8.33 -13.40
C ARG A 2 3.24 7.51 -12.25
N VAL A 3 2.13 6.82 -12.53
CA VAL A 3 1.45 5.99 -11.54
C VAL A 3 1.57 4.51 -11.87
N ARG A 4 1.73 3.68 -10.83
CA ARG A 4 1.85 2.24 -11.00
C ARG A 4 1.01 1.47 -9.97
N SER A 5 0.75 0.19 -10.25
CA SER A 5 -0.04 -0.65 -9.36
C SER A 5 0.81 -1.78 -8.79
N VAL A 6 0.84 -1.88 -7.46
CA VAL A 6 1.62 -2.92 -6.78
C VAL A 6 0.71 -3.94 -6.10
N GLU A 7 1.01 -5.22 -6.28
CA GLU A 7 0.23 -6.30 -5.69
C GLU A 7 0.97 -6.93 -4.51
N VAL A 8 0.42 -6.75 -3.31
CA VAL A 8 1.02 -7.30 -2.10
C VAL A 8 0.54 -8.73 -1.84
N ALA A 9 1.48 -9.68 -1.87
CA ALA A 9 1.17 -11.09 -1.63
C ALA A 9 1.09 -11.39 -0.14
N ARG A 10 -0.11 -11.24 0.42
CA ARG A 10 -0.33 -11.48 1.85
C ARG A 10 0.11 -12.89 2.24
N GLY A 11 1.04 -12.97 3.19
CA GLY A 11 1.54 -14.26 3.64
C GLY A 11 0.57 -14.97 4.56
N ARG A 12 0.67 -14.70 5.87
CA ARG A 12 -0.21 -15.29 6.86
C ARG A 12 -0.98 -14.23 7.63
N ALA A 13 -0.27 -13.53 8.52
CA ALA A 13 -0.89 -12.46 9.31
C ALA A 13 -0.20 -11.12 9.08
N GLY A 14 0.31 -10.92 7.85
CA GLY A 14 1.00 -9.68 7.52
C GLY A 14 1.46 -9.65 6.07
N TYR A 15 2.28 -8.64 5.74
CA TYR A 15 2.79 -8.48 4.38
C TYR A 15 4.29 -8.22 4.39
N GLY A 16 4.69 -7.08 4.95
CA GLY A 16 6.10 -6.73 5.02
C GLY A 16 6.35 -5.27 4.66
N PHE A 17 5.57 -4.37 5.25
CA PHE A 17 5.70 -2.94 5.01
C PHE A 17 5.12 -2.13 6.17
N THR A 18 5.33 -0.81 6.14
CA THR A 18 4.85 0.08 7.19
C THR A 18 3.83 1.08 6.64
N LEU A 19 2.57 0.92 7.02
CA LEU A 19 1.51 1.81 6.57
C LEU A 19 1.13 2.81 7.66
N SER A 20 1.17 4.09 7.29
CA SER A 20 0.81 5.16 8.22
C SER A 20 0.28 6.37 7.45
N GLY A 21 -1.02 6.59 7.54
CA GLY A 21 -1.64 7.71 6.86
C GLY A 21 -3.00 8.06 7.41
N GLN A 22 -3.03 8.78 8.54
CA GLN A 22 -4.28 9.20 9.16
C GLN A 22 -5.21 9.79 8.12
N ALA A 23 -4.65 10.67 7.28
CA ALA A 23 -5.40 11.31 6.20
C ALA A 23 -4.83 10.88 4.85
N PRO A 24 -3.59 11.30 4.51
CA PRO A 24 -2.95 10.93 3.24
C PRO A 24 -2.26 9.58 3.32
N CYS A 25 -2.96 8.53 2.89
CA CYS A 25 -2.42 7.17 2.91
C CYS A 25 -1.06 7.13 2.19
N VAL A 26 -0.02 6.75 2.93
CA VAL A 26 1.32 6.69 2.37
C VAL A 26 2.13 5.55 3.01
N LEU A 27 3.06 4.98 2.24
CA LEU A 27 3.91 3.91 2.73
C LEU A 27 5.15 4.48 3.41
N SER A 28 5.07 4.65 4.74
CA SER A 28 6.18 5.19 5.52
C SER A 28 7.50 4.51 5.16
N CYS A 29 7.48 3.19 5.03
CA CYS A 29 8.66 2.42 4.69
C CYS A 29 8.31 0.96 4.42
N VAL A 30 9.19 0.27 3.68
CA VAL A 30 8.99 -1.15 3.35
C VAL A 30 10.21 -1.97 3.76
N MET A 31 9.98 -3.26 4.02
CA MET A 31 11.05 -4.16 4.42
C MET A 31 11.53 -4.98 3.22
N ARG A 32 12.66 -4.57 2.67
CA ARG A 32 13.27 -5.24 1.53
C ARG A 32 13.37 -6.76 1.77
N GLY A 33 12.79 -7.52 0.86
CA GLY A 33 12.80 -8.97 0.99
C GLY A 33 11.43 -9.54 1.33
N SER A 34 10.38 -8.74 1.12
CA SER A 34 9.02 -9.18 1.40
C SER A 34 8.16 -9.10 0.13
N PRO A 35 6.97 -9.72 0.13
CA PRO A 35 6.06 -9.72 -1.04
C PRO A 35 5.84 -8.32 -1.63
N ALA A 36 5.88 -7.29 -0.78
CA ALA A 36 5.69 -5.92 -1.22
C ALA A 36 6.88 -5.43 -2.04
N ASP A 37 8.09 -5.64 -1.51
CA ASP A 37 9.32 -5.24 -2.19
C ASP A 37 9.54 -6.03 -3.48
N PHE A 38 9.10 -7.29 -3.48
CA PHE A 38 9.25 -8.16 -4.65
C PHE A 38 8.58 -7.56 -5.88
N VAL A 39 7.52 -6.77 -5.68
CA VAL A 39 6.79 -6.13 -6.77
C VAL A 39 7.40 -4.76 -7.09
N GLY A 40 7.92 -4.07 -6.06
CA GLY A 40 8.52 -2.77 -6.26
C GLY A 40 7.93 -1.71 -5.34
N LEU A 41 7.89 -2.02 -4.05
CA LEU A 41 7.35 -1.08 -3.05
C LEU A 41 8.43 -0.66 -2.06
N ARG A 42 8.55 0.66 -1.87
CA ARG A 42 9.54 1.21 -0.96
C ARG A 42 8.92 2.35 -0.14
N ALA A 43 9.75 3.28 0.31
CA ALA A 43 9.30 4.42 1.09
C ALA A 43 9.16 5.65 0.21
N GLY A 44 8.19 6.52 0.57
CA GLY A 44 7.97 7.74 -0.20
C GLY A 44 6.81 7.62 -1.18
N ASP A 45 6.45 6.38 -1.54
CA ASP A 45 5.35 6.14 -2.48
C ASP A 45 4.01 6.50 -1.83
N GLN A 46 3.32 7.49 -2.40
CA GLN A 46 2.02 7.92 -1.89
C GLN A 46 0.93 6.95 -2.35
N ILE A 47 0.09 6.53 -1.41
CA ILE A 47 -1.00 5.61 -1.72
C ILE A 47 -2.22 6.38 -2.24
N LEU A 48 -2.64 6.06 -3.46
CA LEU A 48 -3.79 6.72 -4.07
C LEU A 48 -5.02 5.79 -4.10
N ALA A 49 -4.80 4.51 -4.39
CA ALA A 49 -5.88 3.53 -4.45
C ALA A 49 -5.55 2.29 -3.60
N VAL A 50 -6.53 1.82 -2.83
CA VAL A 50 -6.34 0.63 -1.98
C VAL A 50 -7.55 -0.28 -2.10
N ASN A 51 -7.36 -1.43 -2.73
CA ASN A 51 -8.44 -2.41 -2.94
C ASN A 51 -9.35 -1.92 -4.06
N GLU A 52 -8.74 -1.25 -5.05
CA GLU A 52 -9.43 -0.70 -6.21
C GLU A 52 -10.19 0.60 -5.90
N ILE A 53 -10.22 1.01 -4.63
CA ILE A 53 -10.92 2.24 -4.24
C ILE A 53 -9.94 3.26 -3.66
N ASN A 54 -10.03 4.50 -4.16
CA ASN A 54 -9.17 5.59 -3.75
C ASN A 54 -9.45 6.00 -2.30
N VAL A 55 -8.37 6.31 -1.58
CA VAL A 55 -8.46 6.73 -0.18
C VAL A 55 -7.46 7.83 0.16
N LYS A 56 -7.46 8.89 -0.66
CA LYS A 56 -6.54 10.02 -0.46
C LYS A 56 -6.73 10.66 0.93
N LYS A 57 -7.97 10.68 1.40
CA LYS A 57 -8.27 11.26 2.72
C LYS A 57 -9.26 10.38 3.48
N ALA A 58 -9.16 9.06 3.30
CA ALA A 58 -10.04 8.11 3.97
C ALA A 58 -9.63 7.90 5.43
N SER A 59 -10.29 6.94 6.09
CA SER A 59 -10.00 6.62 7.48
C SER A 59 -9.01 5.47 7.57
N HIS A 60 -8.10 5.59 8.53
CA HIS A 60 -7.07 4.58 8.76
C HIS A 60 -7.67 3.19 8.92
N GLU A 61 -8.76 3.11 9.67
CA GLU A 61 -9.46 1.83 9.90
C GLU A 61 -10.07 1.31 8.62
N ASP A 62 -10.56 2.21 7.78
CA ASP A 62 -11.16 1.82 6.50
C ASP A 62 -10.08 1.32 5.54
N VAL A 63 -8.92 1.99 5.57
CA VAL A 63 -7.80 1.62 4.71
C VAL A 63 -7.25 0.24 5.09
N VAL A 64 -7.07 0.01 6.39
CA VAL A 64 -6.58 -1.27 6.87
C VAL A 64 -7.60 -2.36 6.59
N LYS A 65 -8.88 -2.02 6.77
CA LYS A 65 -9.96 -2.97 6.52
C LYS A 65 -9.94 -3.45 5.07
N LEU A 66 -9.66 -2.54 4.14
CA LEU A 66 -9.60 -2.88 2.72
C LEU A 66 -8.45 -3.84 2.44
N ILE A 67 -7.30 -3.57 3.05
CA ILE A 67 -6.12 -4.43 2.87
C ILE A 67 -6.34 -5.79 3.49
N GLY A 68 -6.95 -5.82 4.68
CA GLY A 68 -7.24 -7.08 5.35
C GLY A 68 -8.42 -7.83 4.74
N LYS A 69 -8.91 -7.35 3.59
CA LYS A 69 -10.03 -7.98 2.89
C LYS A 69 -9.57 -8.60 1.56
N CYS A 70 -8.29 -8.41 1.21
CA CYS A 70 -7.72 -8.96 -0.02
C CYS A 70 -8.02 -10.44 -0.17
N SER A 71 -7.79 -11.20 0.90
CA SER A 71 -8.03 -12.65 0.91
C SER A 71 -7.03 -13.36 0.01
N GLY A 72 -5.81 -12.82 -0.08
CA GLY A 72 -4.78 -13.42 -0.91
C GLY A 72 -3.81 -12.40 -1.48
N VAL A 73 -4.32 -11.24 -1.86
CA VAL A 73 -3.47 -10.19 -2.44
C VAL A 73 -4.24 -8.87 -2.61
N LEU A 74 -3.56 -7.77 -2.28
CA LEU A 74 -4.15 -6.44 -2.39
C LEU A 74 -3.48 -5.63 -3.50
N HIS A 75 -4.30 -4.89 -4.25
CA HIS A 75 -3.79 -4.06 -5.34
C HIS A 75 -3.72 -2.60 -4.90
N MET A 76 -2.50 -2.15 -4.58
CA MET A 76 -2.28 -0.78 -4.13
C MET A 76 -1.66 0.06 -5.24
N VAL A 77 -2.32 1.18 -5.56
CA VAL A 77 -1.83 2.08 -6.60
C VAL A 77 -1.06 3.25 -6.00
N ILE A 78 0.28 3.17 -6.09
CA ILE A 78 1.16 4.20 -5.54
C ILE A 78 1.78 5.06 -6.65
N ALA A 79 2.40 6.18 -6.26
CA ALA A 79 3.02 7.09 -7.21
C ALA A 79 4.23 7.81 -6.59
N GLU A 80 5.15 8.24 -7.46
CA GLU A 80 6.36 8.94 -7.02
C GLU A 80 6.22 10.45 -7.24
N GLY A 81 6.63 11.23 -6.23
CA GLY A 81 6.56 12.68 -6.32
C GLY A 81 7.74 13.37 -5.68
N VAL A 82 7.66 13.63 -4.38
CA VAL A 82 8.75 14.29 -3.66
C VAL A 82 9.77 13.27 -3.17
N GLY A 83 9.29 12.09 -2.78
CA GLY A 83 10.17 11.04 -2.29
C GLY A 83 10.23 10.98 -0.78
N PRO A 1 8.11 10.90 -12.93
CA PRO A 1 7.52 10.22 -11.76
C PRO A 1 6.42 9.22 -12.16
N ARG A 2 5.26 9.75 -12.60
CA ARG A 2 4.13 8.91 -13.02
C ARG A 2 3.61 8.05 -11.86
N VAL A 3 2.55 7.27 -12.14
CA VAL A 3 1.95 6.41 -11.12
C VAL A 3 1.74 4.99 -11.65
N ARG A 4 1.82 4.01 -10.75
CA ARG A 4 1.65 2.60 -11.12
C ARG A 4 0.88 1.81 -10.05
N SER A 5 0.45 0.60 -10.40
CA SER A 5 -0.30 -0.25 -9.48
C SER A 5 0.60 -1.36 -8.91
N VAL A 6 0.51 -1.57 -7.59
CA VAL A 6 1.31 -2.59 -6.92
C VAL A 6 0.41 -3.69 -6.34
N GLU A 7 0.77 -4.95 -6.61
CA GLU A 7 0.01 -6.10 -6.11
C GLU A 7 0.82 -6.89 -5.08
N VAL A 8 0.27 -7.00 -3.86
CA VAL A 8 0.95 -7.74 -2.79
C VAL A 8 0.27 -9.09 -2.55
N ALA A 9 1.09 -10.14 -2.43
CA ALA A 9 0.59 -11.49 -2.19
C ALA A 9 0.79 -11.89 -0.74
N ARG A 10 -0.28 -11.78 0.05
CA ARG A 10 -0.25 -12.13 1.47
C ARG A 10 0.37 -13.51 1.69
N GLY A 11 1.41 -13.56 2.53
CA GLY A 11 2.09 -14.80 2.81
C GLY A 11 3.40 -14.60 3.57
N ARG A 12 3.47 -15.15 4.78
CA ARG A 12 4.64 -15.03 5.64
C ARG A 12 4.67 -13.66 6.32
N ALA A 13 4.05 -13.62 7.48
CA ALA A 13 3.95 -12.40 8.29
C ALA A 13 3.00 -11.38 7.66
N GLY A 14 1.94 -11.87 7.00
CA GLY A 14 0.97 -10.99 6.38
C GLY A 14 1.41 -10.52 5.00
N TYR A 15 1.68 -9.21 4.89
CA TYR A 15 2.10 -8.63 3.62
C TYR A 15 3.57 -8.19 3.67
N GLY A 16 3.86 -7.19 4.50
CA GLY A 16 5.24 -6.71 4.64
C GLY A 16 5.38 -5.22 4.34
N PHE A 17 4.69 -4.40 5.12
CA PHE A 17 4.76 -2.94 4.96
C PHE A 17 4.17 -2.22 6.16
N THR A 18 4.40 -0.91 6.24
CA THR A 18 3.89 -0.09 7.34
C THR A 18 2.96 1.02 6.83
N LEU A 19 2.00 1.42 7.66
CA LEU A 19 1.05 2.46 7.28
C LEU A 19 0.81 3.44 8.45
N SER A 20 1.04 4.72 8.19
CA SER A 20 0.84 5.75 9.21
C SER A 20 0.20 7.03 8.62
N GLY A 21 -0.35 6.90 7.43
CA GLY A 21 -0.98 8.03 6.78
C GLY A 21 -2.43 8.22 7.20
N GLN A 22 -2.63 8.91 8.34
CA GLN A 22 -3.97 9.15 8.86
C GLN A 22 -4.93 9.57 7.74
N ALA A 23 -4.62 10.71 7.12
CA ALA A 23 -5.41 11.22 6.01
C ALA A 23 -4.82 10.75 4.68
N PRO A 24 -3.57 11.16 4.37
CA PRO A 24 -2.89 10.77 3.14
C PRO A 24 -2.16 9.43 3.29
N CYS A 25 -2.82 8.35 2.86
CA CYS A 25 -2.24 7.01 2.97
C CYS A 25 -0.89 6.96 2.27
N VAL A 26 0.14 6.54 3.00
CA VAL A 26 1.48 6.44 2.45
C VAL A 26 2.28 5.33 3.12
N LEU A 27 3.13 4.66 2.33
CA LEU A 27 3.95 3.57 2.84
C LEU A 27 5.19 4.12 3.54
N SER A 28 5.08 4.35 4.85
CA SER A 28 6.18 4.88 5.65
C SER A 28 7.45 4.03 5.48
N CYS A 29 7.27 2.71 5.40
CA CYS A 29 8.39 1.79 5.24
C CYS A 29 7.94 0.42 4.74
N VAL A 30 8.84 -0.28 4.06
CA VAL A 30 8.54 -1.61 3.52
C VAL A 30 9.44 -2.66 4.17
N MET A 31 8.98 -3.91 4.19
CA MET A 31 9.73 -5.01 4.78
C MET A 31 10.49 -5.78 3.70
N ARG A 32 11.78 -5.48 3.60
CA ARG A 32 12.66 -6.12 2.63
C ARG A 32 12.60 -7.64 2.76
N GLY A 33 12.28 -8.31 1.66
CA GLY A 33 12.17 -9.76 1.66
C GLY A 33 10.73 -10.23 1.53
N SER A 34 9.79 -9.39 1.92
CA SER A 34 8.36 -9.72 1.85
C SER A 34 7.83 -9.48 0.43
N PRO A 35 6.63 -9.99 0.12
CA PRO A 35 6.00 -9.83 -1.21
C PRO A 35 5.88 -8.37 -1.65
N ALA A 36 5.90 -7.44 -0.69
CA ALA A 36 5.81 -6.02 -0.99
C ALA A 36 7.03 -5.56 -1.80
N ASP A 37 8.21 -5.93 -1.32
CA ASP A 37 9.47 -5.59 -1.98
C ASP A 37 9.61 -6.31 -3.33
N PHE A 38 8.97 -7.49 -3.44
CA PHE A 38 9.02 -8.28 -4.68
C PHE A 38 8.55 -7.48 -5.90
N VAL A 39 7.72 -6.46 -5.67
CA VAL A 39 7.20 -5.63 -6.77
C VAL A 39 8.16 -4.46 -7.06
N GLY A 40 8.87 -4.00 -6.04
CA GLY A 40 9.80 -2.90 -6.22
C GLY A 40 9.22 -1.58 -5.72
N LEU A 41 8.59 -1.60 -4.55
CA LEU A 41 8.01 -0.40 -3.98
C LEU A 41 9.09 0.51 -3.42
N ARG A 42 8.67 1.68 -2.93
CA ARG A 42 9.59 2.65 -2.36
C ARG A 42 9.00 3.29 -1.11
N ALA A 43 9.67 3.06 0.03
CA ALA A 43 9.22 3.59 1.31
C ALA A 43 9.07 5.12 1.24
N GLY A 44 7.82 5.56 1.10
CA GLY A 44 7.54 6.99 0.99
C GLY A 44 6.53 7.30 -0.10
N ASP A 45 6.37 6.38 -1.06
CA ASP A 45 5.43 6.55 -2.16
C ASP A 45 4.00 6.73 -1.64
N GLN A 46 3.38 7.84 -2.02
CA GLN A 46 2.03 8.14 -1.58
C GLN A 46 1.02 7.15 -2.16
N ILE A 47 0.21 6.56 -1.28
CA ILE A 47 -0.79 5.59 -1.70
C ILE A 47 -2.08 6.30 -2.12
N LEU A 48 -2.55 6.00 -3.34
CA LEU A 48 -3.76 6.62 -3.86
C LEU A 48 -4.95 5.68 -3.68
N ALA A 49 -4.96 4.60 -4.45
CA ALA A 49 -6.03 3.61 -4.40
C ALA A 49 -5.60 2.40 -3.56
N VAL A 50 -6.55 1.85 -2.82
CA VAL A 50 -6.31 0.68 -1.97
C VAL A 50 -7.45 -0.31 -2.14
N ASN A 51 -7.14 -1.46 -2.72
CA ASN A 51 -8.13 -2.49 -2.98
C ASN A 51 -8.97 -2.08 -4.21
N GLU A 52 -8.29 -1.40 -5.15
CA GLU A 52 -8.90 -0.93 -6.39
C GLU A 52 -9.74 0.35 -6.21
N ILE A 53 -9.85 0.84 -4.98
CA ILE A 53 -10.63 2.05 -4.71
C ILE A 53 -9.75 3.19 -4.19
N ASN A 54 -9.95 4.39 -4.77
CA ASN A 54 -9.17 5.57 -4.37
C ASN A 54 -9.50 6.00 -2.95
N VAL A 55 -8.47 6.21 -2.15
CA VAL A 55 -8.64 6.64 -0.76
C VAL A 55 -7.63 7.74 -0.40
N LYS A 56 -7.70 8.85 -1.13
CA LYS A 56 -6.81 9.99 -0.92
C LYS A 56 -6.78 10.44 0.54
N LYS A 57 -7.86 11.06 0.98
CA LYS A 57 -7.97 11.54 2.36
C LYS A 57 -9.02 10.73 3.13
N ALA A 58 -9.05 9.42 2.87
CA ALA A 58 -10.01 8.52 3.51
C ALA A 58 -9.64 8.26 4.98
N SER A 59 -10.42 7.40 5.62
CA SER A 59 -10.18 7.06 7.02
C SER A 59 -9.20 5.90 7.14
N HIS A 60 -8.26 6.06 8.05
CA HIS A 60 -7.24 5.06 8.30
C HIS A 60 -7.86 3.69 8.59
N GLU A 61 -8.90 3.68 9.41
CA GLU A 61 -9.60 2.44 9.76
C GLU A 61 -10.30 1.85 8.54
N ASP A 62 -10.82 2.72 7.68
CA ASP A 62 -11.51 2.27 6.47
C ASP A 62 -10.51 1.68 5.47
N VAL A 63 -9.34 2.32 5.37
CA VAL A 63 -8.31 1.87 4.46
C VAL A 63 -7.74 0.52 4.91
N VAL A 64 -7.49 0.38 6.22
CA VAL A 64 -6.98 -0.87 6.77
C VAL A 64 -8.02 -1.96 6.61
N LYS A 65 -9.29 -1.60 6.81
CA LYS A 65 -10.38 -2.57 6.69
C LYS A 65 -10.39 -3.19 5.29
N LEU A 66 -10.12 -2.38 4.27
CA LEU A 66 -10.09 -2.86 2.90
C LEU A 66 -8.91 -3.83 2.69
N ILE A 67 -7.76 -3.46 3.22
CA ILE A 67 -6.56 -4.30 3.10
C ILE A 67 -6.74 -5.62 3.85
N GLY A 68 -7.39 -5.56 5.01
CA GLY A 68 -7.63 -6.76 5.79
C GLY A 68 -8.89 -7.50 5.39
N LYS A 69 -9.57 -7.02 4.34
CA LYS A 69 -10.79 -7.64 3.84
C LYS A 69 -10.48 -8.75 2.84
N CYS A 70 -9.43 -8.57 2.04
CA CYS A 70 -9.03 -9.55 1.05
C CYS A 70 -8.42 -10.79 1.72
N SER A 71 -7.36 -10.56 2.49
CA SER A 71 -6.68 -11.64 3.21
C SER A 71 -6.03 -12.62 2.23
N GLY A 72 -5.53 -12.09 1.12
CA GLY A 72 -4.89 -12.92 0.11
C GLY A 72 -4.02 -12.11 -0.84
N VAL A 73 -4.54 -10.96 -1.29
CA VAL A 73 -3.81 -10.10 -2.21
C VAL A 73 -4.38 -8.69 -2.23
N LEU A 74 -3.50 -7.69 -2.22
CA LEU A 74 -3.92 -6.30 -2.23
C LEU A 74 -3.53 -5.61 -3.54
N HIS A 75 -4.47 -4.86 -4.10
CA HIS A 75 -4.24 -4.13 -5.34
C HIS A 75 -4.37 -2.63 -5.10
N MET A 76 -3.23 -1.97 -4.88
CA MET A 76 -3.22 -0.53 -4.62
C MET A 76 -2.36 0.23 -5.64
N VAL A 77 -2.67 1.52 -5.81
CA VAL A 77 -1.94 2.37 -6.74
C VAL A 77 -1.11 3.41 -6.00
N ILE A 78 0.21 3.25 -6.03
CA ILE A 78 1.12 4.17 -5.35
C ILE A 78 1.84 5.08 -6.35
N ALA A 79 1.97 6.35 -5.99
CA ALA A 79 2.64 7.33 -6.85
C ALA A 79 4.02 7.68 -6.31
N GLU A 80 5.04 7.52 -7.16
CA GLU A 80 6.42 7.82 -6.77
C GLU A 80 6.74 9.30 -7.02
N GLY A 81 7.14 10.00 -5.96
CA GLY A 81 7.47 11.41 -6.08
C GLY A 81 7.69 12.07 -4.73
N VAL A 82 8.61 13.03 -4.68
CA VAL A 82 8.92 13.74 -3.45
C VAL A 82 7.75 14.60 -3.00
N GLY A 83 6.91 14.05 -2.11
CA GLY A 83 5.75 14.77 -1.62
C GLY A 83 4.46 14.24 -2.20
N PRO A 1 0.99 5.63 -18.68
CA PRO A 1 2.22 5.65 -17.84
C PRO A 1 2.27 6.87 -16.90
N ARG A 2 1.15 7.14 -16.24
CA ARG A 2 1.06 8.26 -15.30
C ARG A 2 1.08 7.77 -13.85
N VAL A 3 0.32 6.70 -13.58
CA VAL A 3 0.24 6.13 -12.24
C VAL A 3 0.74 4.68 -12.23
N ARG A 4 1.17 4.21 -11.06
CA ARG A 4 1.68 2.84 -10.92
C ARG A 4 0.75 2.00 -10.02
N SER A 5 0.57 0.74 -10.40
CA SER A 5 -0.28 -0.18 -9.64
C SER A 5 0.57 -1.26 -8.97
N VAL A 6 0.25 -1.56 -7.71
CA VAL A 6 0.99 -2.56 -6.95
C VAL A 6 0.13 -3.80 -6.66
N GLU A 7 0.73 -4.98 -6.85
CA GLU A 7 0.05 -6.25 -6.62
C GLU A 7 0.95 -7.20 -5.83
N VAL A 8 0.69 -7.30 -4.52
CA VAL A 8 1.47 -8.16 -3.66
C VAL A 8 0.69 -9.41 -3.25
N ALA A 9 1.41 -10.51 -3.01
CA ALA A 9 0.79 -11.77 -2.62
C ALA A 9 0.88 -11.97 -1.11
N ARG A 10 -0.21 -11.66 -0.42
CA ARG A 10 -0.28 -11.80 1.03
C ARG A 10 0.18 -13.20 1.46
N GLY A 11 1.22 -13.24 2.28
CA GLY A 11 1.74 -14.51 2.75
C GLY A 11 0.81 -15.20 3.73
N ARG A 12 1.21 -15.21 5.01
CA ARG A 12 0.40 -15.85 6.05
C ARG A 12 -0.05 -14.84 7.10
N ALA A 13 0.84 -13.93 7.46
CA ALA A 13 0.53 -12.90 8.46
C ALA A 13 0.44 -11.51 7.83
N GLY A 14 0.00 -11.44 6.56
CA GLY A 14 -0.12 -10.17 5.89
C GLY A 14 0.90 -9.99 4.78
N TYR A 15 1.47 -8.78 4.69
CA TYR A 15 2.47 -8.48 3.67
C TYR A 15 3.83 -8.17 4.29
N GLY A 16 4.02 -6.92 4.72
CA GLY A 16 5.27 -6.50 5.33
C GLY A 16 5.62 -5.07 5.00
N PHE A 17 4.70 -4.16 5.30
CA PHE A 17 4.91 -2.74 5.03
C PHE A 17 4.30 -1.89 6.15
N THR A 18 4.65 -0.61 6.17
CA THR A 18 4.14 0.31 7.20
C THR A 18 3.24 1.39 6.60
N LEU A 19 2.18 1.73 7.32
CA LEU A 19 1.22 2.74 6.87
C LEU A 19 0.89 3.72 7.99
N SER A 20 1.12 5.01 7.75
CA SER A 20 0.85 6.05 8.75
C SER A 20 0.41 7.35 8.07
N GLY A 21 -0.07 8.29 8.89
CA GLY A 21 -0.53 9.57 8.38
C GLY A 21 -1.98 9.86 8.72
N GLN A 22 -2.81 8.82 8.67
CA GLN A 22 -4.24 8.91 8.96
C GLN A 22 -5.03 9.41 7.76
N ALA A 23 -4.55 10.50 7.15
CA ALA A 23 -5.20 11.09 5.99
C ALA A 23 -4.48 10.70 4.69
N PRO A 24 -3.22 11.14 4.51
CA PRO A 24 -2.44 10.83 3.30
C PRO A 24 -1.82 9.44 3.36
N CYS A 25 -2.50 8.47 2.76
CA CYS A 25 -2.01 7.09 2.75
C CYS A 25 -0.67 7.02 2.03
N VAL A 26 0.37 6.65 2.76
CA VAL A 26 1.71 6.55 2.19
C VAL A 26 2.53 5.49 2.90
N LEU A 27 3.35 4.76 2.14
CA LEU A 27 4.20 3.72 2.70
C LEU A 27 5.39 4.34 3.43
N SER A 28 5.21 4.59 4.72
CA SER A 28 6.27 5.18 5.55
C SER A 28 7.57 4.39 5.44
N CYS A 29 7.46 3.06 5.33
CA CYS A 29 8.63 2.19 5.21
C CYS A 29 8.22 0.78 4.80
N VAL A 30 9.18 0.04 4.24
CA VAL A 30 8.94 -1.33 3.79
C VAL A 30 9.84 -2.31 4.54
N MET A 31 9.41 -3.56 4.63
CA MET A 31 10.17 -4.60 5.32
C MET A 31 10.96 -5.43 4.31
N ARG A 32 12.25 -5.14 4.23
CA ARG A 32 13.16 -5.83 3.32
C ARG A 32 13.06 -7.35 3.49
N GLY A 33 12.77 -8.04 2.40
CA GLY A 33 12.64 -9.49 2.44
C GLY A 33 11.20 -9.97 2.36
N SER A 34 10.25 -9.09 2.71
CA SER A 34 8.84 -9.43 2.66
C SER A 34 8.29 -9.24 1.25
N PRO A 35 7.06 -9.75 0.98
CA PRO A 35 6.41 -9.63 -0.33
C PRO A 35 6.40 -8.20 -0.88
N ALA A 36 6.46 -7.20 0.02
CA ALA A 36 6.46 -5.81 -0.38
C ALA A 36 7.69 -5.49 -1.23
N ASP A 37 8.86 -5.91 -0.76
CA ASP A 37 10.11 -5.67 -1.48
C ASP A 37 10.17 -6.49 -2.78
N PHE A 38 9.47 -7.63 -2.80
CA PHE A 38 9.44 -8.49 -3.99
C PHE A 38 9.01 -7.72 -5.24
N VAL A 39 8.20 -6.68 -5.07
CA VAL A 39 7.72 -5.88 -6.19
C VAL A 39 8.69 -4.73 -6.48
N GLY A 40 9.30 -4.19 -5.43
CA GLY A 40 10.23 -3.09 -5.60
C GLY A 40 9.77 -1.81 -4.92
N LEU A 41 8.50 -1.79 -4.50
CA LEU A 41 7.93 -0.62 -3.83
C LEU A 41 8.63 -0.37 -2.50
N ARG A 42 9.09 0.86 -2.32
CA ARG A 42 9.79 1.25 -1.10
C ARG A 42 8.98 2.32 -0.35
N ALA A 43 9.67 3.23 0.32
CA ALA A 43 9.02 4.30 1.07
C ALA A 43 8.92 5.57 0.22
N GLY A 44 8.00 6.45 0.61
CA GLY A 44 7.81 7.70 -0.13
C GLY A 44 6.64 7.63 -1.09
N ASP A 45 6.40 6.45 -1.66
CA ASP A 45 5.31 6.26 -2.61
C ASP A 45 3.96 6.52 -1.95
N GLN A 46 3.24 7.52 -2.47
CA GLN A 46 1.94 7.87 -1.92
C GLN A 46 0.86 6.94 -2.45
N ILE A 47 0.04 6.42 -1.55
CA ILE A 47 -1.04 5.51 -1.92
C ILE A 47 -2.30 6.30 -2.28
N LEU A 48 -2.83 6.06 -3.48
CA LEU A 48 -4.02 6.76 -3.93
C LEU A 48 -5.25 5.84 -3.90
N ALA A 49 -5.09 4.62 -4.41
CA ALA A 49 -6.18 3.64 -4.43
C ALA A 49 -5.81 2.38 -3.67
N VAL A 50 -6.76 1.85 -2.91
CA VAL A 50 -6.54 0.62 -2.13
C VAL A 50 -7.78 -0.26 -2.17
N ASN A 51 -7.67 -1.39 -2.88
CA ASN A 51 -8.78 -2.32 -3.03
C ASN A 51 -9.77 -1.77 -4.04
N GLU A 52 -9.24 -1.07 -5.05
CA GLU A 52 -10.03 -0.46 -6.11
C GLU A 52 -10.75 0.83 -5.66
N ILE A 53 -10.64 1.18 -4.39
CA ILE A 53 -11.28 2.39 -3.88
C ILE A 53 -10.24 3.43 -3.44
N ASN A 54 -10.29 4.60 -4.06
CA ASN A 54 -9.36 5.69 -3.75
C ASN A 54 -9.55 6.19 -2.33
N VAL A 55 -8.45 6.32 -1.61
CA VAL A 55 -8.48 6.78 -0.23
C VAL A 55 -7.46 7.89 0.01
N LYS A 56 -7.56 8.95 -0.78
CA LYS A 56 -6.65 10.10 -0.67
C LYS A 56 -6.73 10.73 0.72
N LYS A 57 -7.95 10.84 1.26
CA LYS A 57 -8.15 11.42 2.58
C LYS A 57 -9.15 10.58 3.40
N ALA A 58 -9.18 9.27 3.14
CA ALA A 58 -10.09 8.38 3.85
C ALA A 58 -9.59 8.10 5.28
N SER A 59 -10.21 7.12 5.93
CA SER A 59 -9.82 6.75 7.30
C SER A 59 -8.79 5.65 7.28
N HIS A 60 -7.76 5.83 8.10
CA HIS A 60 -6.67 4.88 8.21
C HIS A 60 -7.17 3.47 8.51
N GLU A 61 -8.11 3.37 9.45
CA GLU A 61 -8.67 2.07 9.84
C GLU A 61 -9.40 1.43 8.67
N ASP A 62 -10.11 2.26 7.88
CA ASP A 62 -10.84 1.78 6.72
C ASP A 62 -9.88 1.27 5.65
N VAL A 63 -8.81 2.03 5.42
CA VAL A 63 -7.81 1.65 4.44
C VAL A 63 -7.10 0.36 4.83
N VAL A 64 -6.76 0.25 6.12
CA VAL A 64 -6.11 -0.95 6.63
C VAL A 64 -7.06 -2.13 6.54
N LYS A 65 -8.34 -1.87 6.82
CA LYS A 65 -9.36 -2.90 6.77
C LYS A 65 -9.42 -3.53 5.38
N LEU A 66 -9.27 -2.70 4.35
CA LEU A 66 -9.30 -3.19 2.97
C LEU A 66 -8.10 -4.08 2.68
N ILE A 67 -6.93 -3.64 3.14
CA ILE A 67 -5.69 -4.40 2.95
C ILE A 67 -5.77 -5.75 3.66
N GLY A 68 -6.39 -5.76 4.84
CA GLY A 68 -6.55 -6.99 5.60
C GLY A 68 -7.77 -7.78 5.15
N LYS A 69 -8.37 -7.38 4.02
CA LYS A 69 -9.55 -8.04 3.48
C LYS A 69 -9.21 -8.82 2.19
N CYS A 70 -8.06 -8.50 1.59
CA CYS A 70 -7.61 -9.15 0.36
C CYS A 70 -7.82 -10.66 0.41
N SER A 71 -7.34 -11.28 1.49
CA SER A 71 -7.46 -12.72 1.69
C SER A 71 -6.71 -13.50 0.61
N GLY A 72 -5.61 -12.92 0.13
CA GLY A 72 -4.82 -13.58 -0.90
C GLY A 72 -3.99 -12.60 -1.72
N VAL A 73 -4.55 -11.41 -1.98
CA VAL A 73 -3.84 -10.41 -2.77
C VAL A 73 -4.59 -9.08 -2.79
N LEU A 74 -3.84 -8.00 -2.62
CA LEU A 74 -4.40 -6.66 -2.63
C LEU A 74 -3.90 -5.86 -3.83
N HIS A 75 -4.77 -5.00 -4.36
CA HIS A 75 -4.43 -4.17 -5.51
C HIS A 75 -4.55 -2.70 -5.14
N MET A 76 -3.41 -2.02 -4.99
CA MET A 76 -3.38 -0.62 -4.62
C MET A 76 -2.63 0.21 -5.66
N VAL A 77 -3.22 1.35 -6.03
CA VAL A 77 -2.62 2.25 -7.01
C VAL A 77 -1.80 3.34 -6.31
N ILE A 78 -0.49 3.33 -6.53
CA ILE A 78 0.41 4.30 -5.92
C ILE A 78 0.90 5.32 -6.94
N ALA A 79 1.51 6.40 -6.45
CA ALA A 79 2.05 7.45 -7.30
C ALA A 79 3.41 7.92 -6.82
N GLU A 80 4.38 7.94 -7.72
CA GLU A 80 5.73 8.37 -7.39
C GLU A 80 5.78 9.89 -7.23
N GLY A 81 5.96 10.36 -6.00
CA GLY A 81 6.01 11.78 -5.73
C GLY A 81 5.17 12.17 -4.52
N VAL A 82 5.79 12.84 -3.56
CA VAL A 82 5.10 13.27 -2.34
C VAL A 82 4.03 14.31 -2.65
N GLY A 83 2.78 13.97 -2.30
CA GLY A 83 1.67 14.86 -2.54
C GLY A 83 0.86 14.48 -3.78
#